data_2CYJ
# 
_entry.id   2CYJ 
# 
_audit_conform.dict_name       mmcif_pdbx.dic 
_audit_conform.dict_version    5.381 
_audit_conform.dict_location   http://mmcif.pdb.org/dictionaries/ascii/mmcif_pdbx.dic 
# 
loop_
_database_2.database_id 
_database_2.database_code 
_database_2.pdbx_database_accession 
_database_2.pdbx_DOI 
PDB   2CYJ         pdb_00002cyj 10.2210/pdb2cyj/pdb 
RCSB  RCSB024771   ?            ?                   
WWPDB D_1000024771 ?            ?                   
# 
_pdbx_database_related.db_name        TargetDB 
_pdbx_database_related.db_id          pho001001505.1 
_pdbx_database_related.details        . 
_pdbx_database_related.content_type   unspecified 
# 
_pdbx_database_status.status_code                     REL 
_pdbx_database_status.entry_id                        2CYJ 
_pdbx_database_status.recvd_initial_deposition_date   2005-07-07 
_pdbx_database_status.deposit_site                    PDBJ 
_pdbx_database_status.process_site                    PDBJ 
_pdbx_database_status.status_code_sf                  REL 
_pdbx_database_status.status_code_mr                  ? 
_pdbx_database_status.SG_entry                        Y 
_pdbx_database_status.pdb_format_compatible           Y 
_pdbx_database_status.status_code_cs                  ? 
_pdbx_database_status.status_code_nmr_data            ? 
_pdbx_database_status.methods_development_category    ? 
# 
loop_
_audit_author.name 
_audit_author.pdbx_ordinal 
'Ito, K.'                                                1 
'Arai, R.'                                               2 
'Kamo-Uchikubo, T.'                                      3 
'Shirouzu, M.'                                           4 
'Yokoyama, S.'                                           5 
'RIKEN Structural Genomics/Proteomics Initiative (RSGI)' 6 
# 
_citation.id                        primary 
_citation.title                     'Crystal structure of conserved hypothetical protein PH1505 from Pyrococcus horikoshii OT3' 
_citation.journal_abbrev            'To be Published' 
_citation.journal_volume            ? 
_citation.page_first                ? 
_citation.page_last                 ? 
_citation.year                      ? 
_citation.journal_id_ASTM           ? 
_citation.country                   ? 
_citation.journal_id_ISSN           ? 
_citation.journal_id_CSD            0353 
_citation.book_publisher            ? 
_citation.pdbx_database_id_PubMed   ? 
_citation.pdbx_database_id_DOI      ? 
# 
loop_
_citation_author.citation_id 
_citation_author.name 
_citation_author.ordinal 
_citation_author.identifier_ORCID 
primary 'Ito, K.'           1 ? 
primary 'Arai, R.'          2 ? 
primary 'Kamo-Uchikubo, T.' 3 ? 
primary 'Shirouzu, M.'      4 ? 
primary 'Yokoyama, S.'      5 ? 
# 
_cell.entry_id           2CYJ 
_cell.length_a           27.761 
_cell.length_b           45.882 
_cell.length_c           82.851 
_cell.angle_alpha        90.00 
_cell.angle_beta         90.00 
_cell.angle_gamma        90.00 
_cell.Z_PDB              4 
_cell.pdbx_unique_axis   ? 
_cell.length_a_esd       ? 
_cell.length_b_esd       ? 
_cell.length_c_esd       ? 
_cell.angle_alpha_esd    ? 
_cell.angle_beta_esd     ? 
_cell.angle_gamma_esd    ? 
# 
_symmetry.entry_id                         2CYJ 
_symmetry.space_group_name_H-M             'P 21 21 21' 
_symmetry.pdbx_full_space_group_name_H-M   ? 
_symmetry.cell_setting                     ? 
_symmetry.Int_Tables_number                19 
_symmetry.space_group_name_Hall            ? 
# 
loop_
_entity.id 
_entity.type 
_entity.src_method 
_entity.pdbx_description 
_entity.formula_weight 
_entity.pdbx_number_of_molecules 
_entity.pdbx_ec 
_entity.pdbx_mutation 
_entity.pdbx_fragment 
_entity.details 
1 polymer     man 'hypothetical protein PH1505' 13747.157 1   ? ? ? ? 
2 non-polymer syn 'ACETATE ION'                 59.044    1   ? ? ? ? 
3 non-polymer syn 'SULFATE ION'                 96.063    1   ? ? ? ? 
4 water       nat water                         18.015    122 ? ? ? ? 
# 
_entity_poly.entity_id                      1 
_entity_poly.type                           'polypeptide(L)' 
_entity_poly.nstd_linkage                   no 
_entity_poly.nstd_monomer                   yes 
_entity_poly.pdbx_seq_one_letter_code       
;MKIEEVRFGLVKIDGKEFDHDIVIYPSGRIERRMKEISKKKHGTSHKLDPEELEKYLVEDFDVLLVGTGIYGMLSLLPES
KKLVEDKEVIEKPTKEALKLLEELWGKKRILAIIHVT(OCS)
;
_entity_poly.pdbx_seq_one_letter_code_can   
;MKIEEVRFGLVKIDGKEFDHDIVIYPSGRIERRMKEISKKKHGTSHKLDPEELEKYLVEDFDVLLVGTGIYGMLSLLPES
KKLVEDKEVIEKPTKEALKLLEELWGKKRILAIIHVTC
;
_entity_poly.pdbx_strand_id                 A 
_entity_poly.pdbx_target_identifier         pho001001505.1 
# 
loop_
_entity_poly_seq.entity_id 
_entity_poly_seq.num 
_entity_poly_seq.mon_id 
_entity_poly_seq.hetero 
1 1   MET n 
1 2   LYS n 
1 3   ILE n 
1 4   GLU n 
1 5   GLU n 
1 6   VAL n 
1 7   ARG n 
1 8   PHE n 
1 9   GLY n 
1 10  LEU n 
1 11  VAL n 
1 12  LYS n 
1 13  ILE n 
1 14  ASP n 
1 15  GLY n 
1 16  LYS n 
1 17  GLU n 
1 18  PHE n 
1 19  ASP n 
1 20  HIS n 
1 21  ASP n 
1 22  ILE n 
1 23  VAL n 
1 24  ILE n 
1 25  TYR n 
1 26  PRO n 
1 27  SER n 
1 28  GLY n 
1 29  ARG n 
1 30  ILE n 
1 31  GLU n 
1 32  ARG n 
1 33  ARG n 
1 34  MET n 
1 35  LYS n 
1 36  GLU n 
1 37  ILE n 
1 38  SER n 
1 39  LYS n 
1 40  LYS n 
1 41  LYS n 
1 42  HIS n 
1 43  GLY n 
1 44  THR n 
1 45  SER n 
1 46  HIS n 
1 47  LYS n 
1 48  LEU n 
1 49  ASP n 
1 50  PRO n 
1 51  GLU n 
1 52  GLU n 
1 53  LEU n 
1 54  GLU n 
1 55  LYS n 
1 56  TYR n 
1 57  LEU n 
1 58  VAL n 
1 59  GLU n 
1 60  ASP n 
1 61  PHE n 
1 62  ASP n 
1 63  VAL n 
1 64  LEU n 
1 65  LEU n 
1 66  VAL n 
1 67  GLY n 
1 68  THR n 
1 69  GLY n 
1 70  ILE n 
1 71  TYR n 
1 72  GLY n 
1 73  MET n 
1 74  LEU n 
1 75  SER n 
1 76  LEU n 
1 77  LEU n 
1 78  PRO n 
1 79  GLU n 
1 80  SER n 
1 81  LYS n 
1 82  LYS n 
1 83  LEU n 
1 84  VAL n 
1 85  GLU n 
1 86  ASP n 
1 87  LYS n 
1 88  GLU n 
1 89  VAL n 
1 90  ILE n 
1 91  GLU n 
1 92  LYS n 
1 93  PRO n 
1 94  THR n 
1 95  LYS n 
1 96  GLU n 
1 97  ALA n 
1 98  LEU n 
1 99  LYS n 
1 100 LEU n 
1 101 LEU n 
1 102 GLU n 
1 103 GLU n 
1 104 LEU n 
1 105 TRP n 
1 106 GLY n 
1 107 LYS n 
1 108 LYS n 
1 109 ARG n 
1 110 ILE n 
1 111 LEU n 
1 112 ALA n 
1 113 ILE n 
1 114 ILE n 
1 115 HIS n 
1 116 VAL n 
1 117 THR n 
1 118 OCS n 
# 
_entity_src_gen.entity_id                          1 
_entity_src_gen.pdbx_src_id                        1 
_entity_src_gen.pdbx_alt_source_flag               sample 
_entity_src_gen.pdbx_seq_type                      ? 
_entity_src_gen.pdbx_beg_seq_num                   ? 
_entity_src_gen.pdbx_end_seq_num                   ? 
_entity_src_gen.gene_src_common_name               ? 
_entity_src_gen.gene_src_genus                     Pyrococcus 
_entity_src_gen.pdbx_gene_src_gene                 PH1505 
_entity_src_gen.gene_src_species                   'Pyrococcus horikoshii' 
_entity_src_gen.gene_src_strain                    OT3 
_entity_src_gen.gene_src_tissue                    ? 
_entity_src_gen.gene_src_tissue_fraction           ? 
_entity_src_gen.gene_src_details                   ? 
_entity_src_gen.pdbx_gene_src_fragment             ? 
_entity_src_gen.pdbx_gene_src_scientific_name      'Pyrococcus horikoshii' 
_entity_src_gen.pdbx_gene_src_ncbi_taxonomy_id     70601 
_entity_src_gen.pdbx_gene_src_variant              ? 
_entity_src_gen.pdbx_gene_src_cell_line            ? 
_entity_src_gen.pdbx_gene_src_atcc                 ? 
_entity_src_gen.pdbx_gene_src_organ                ? 
_entity_src_gen.pdbx_gene_src_organelle            ? 
_entity_src_gen.pdbx_gene_src_cell                 ? 
_entity_src_gen.pdbx_gene_src_cellular_location    ? 
_entity_src_gen.host_org_common_name               ? 
_entity_src_gen.pdbx_host_org_scientific_name      'Escherichia coli' 
_entity_src_gen.pdbx_host_org_ncbi_taxonomy_id     562 
_entity_src_gen.host_org_genus                     Escherichia 
_entity_src_gen.pdbx_host_org_gene                 ? 
_entity_src_gen.pdbx_host_org_organ                ? 
_entity_src_gen.host_org_species                   ? 
_entity_src_gen.pdbx_host_org_tissue               ? 
_entity_src_gen.pdbx_host_org_tissue_fraction      ? 
_entity_src_gen.pdbx_host_org_strain               'BL21(DE3) CodonPlus-RIL' 
_entity_src_gen.pdbx_host_org_variant              ? 
_entity_src_gen.pdbx_host_org_cell_line            ? 
_entity_src_gen.pdbx_host_org_atcc                 ? 
_entity_src_gen.pdbx_host_org_culture_collection   ? 
_entity_src_gen.pdbx_host_org_cell                 ? 
_entity_src_gen.pdbx_host_org_organelle            ? 
_entity_src_gen.pdbx_host_org_cellular_location    ? 
_entity_src_gen.pdbx_host_org_vector_type          PLASMID 
_entity_src_gen.pdbx_host_org_vector               ? 
_entity_src_gen.host_org_details                   ? 
_entity_src_gen.expression_system_id               ? 
_entity_src_gen.plasmid_name                       pET11a 
_entity_src_gen.plasmid_details                    ? 
_entity_src_gen.pdbx_description                   ? 
# 
_struct_ref.id                         1 
_struct_ref.db_name                    UNP 
_struct_ref.db_code                    O59174_PYRHO 
_struct_ref.pdbx_db_accession          O59174 
_struct_ref.entity_id                  1 
_struct_ref.pdbx_seq_one_letter_code   
;MKIEEVRFGLVKIDGKEFDHDIVIYPSGRIERRMKEISKKKHGTSHKLDPEELEKYLVEDFDVLLVGTGIYGMLSLLPES
KKLVEDKEVIEKPTKEALKLLEELWGKKRILAIIHVTC
;
_struct_ref.pdbx_align_begin           1 
_struct_ref.pdbx_db_isoform            ? 
# 
_struct_ref_seq.align_id                      1 
_struct_ref_seq.ref_id                        1 
_struct_ref_seq.pdbx_PDB_id_code              2CYJ 
_struct_ref_seq.pdbx_strand_id                A 
_struct_ref_seq.seq_align_beg                 1 
_struct_ref_seq.pdbx_seq_align_beg_ins_code   ? 
_struct_ref_seq.seq_align_end                 118 
_struct_ref_seq.pdbx_seq_align_end_ins_code   ? 
_struct_ref_seq.pdbx_db_accession             O59174 
_struct_ref_seq.db_align_beg                  1 
_struct_ref_seq.pdbx_db_align_beg_ins_code    ? 
_struct_ref_seq.db_align_end                  118 
_struct_ref_seq.pdbx_db_align_end_ins_code    ? 
_struct_ref_seq.pdbx_auth_seq_align_beg       1 
_struct_ref_seq.pdbx_auth_seq_align_end       118 
# 
loop_
_chem_comp.id 
_chem_comp.type 
_chem_comp.mon_nstd_flag 
_chem_comp.name 
_chem_comp.pdbx_synonyms 
_chem_comp.formula 
_chem_comp.formula_weight 
ACT non-polymer         . 'ACETATE ION'           ? 'C2 H3 O2 -1'    59.044  
ALA 'L-peptide linking' y ALANINE                 ? 'C3 H7 N O2'     89.093  
ARG 'L-peptide linking' y ARGININE                ? 'C6 H15 N4 O2 1' 175.209 
ASP 'L-peptide linking' y 'ASPARTIC ACID'         ? 'C4 H7 N O4'     133.103 
GLU 'L-peptide linking' y 'GLUTAMIC ACID'         ? 'C5 H9 N O4'     147.129 
GLY 'peptide linking'   y GLYCINE                 ? 'C2 H5 N O2'     75.067  
HIS 'L-peptide linking' y HISTIDINE               ? 'C6 H10 N3 O2 1' 156.162 
HOH non-polymer         . WATER                   ? 'H2 O'           18.015  
ILE 'L-peptide linking' y ISOLEUCINE              ? 'C6 H13 N O2'    131.173 
LEU 'L-peptide linking' y LEUCINE                 ? 'C6 H13 N O2'    131.173 
LYS 'L-peptide linking' y LYSINE                  ? 'C6 H15 N2 O2 1' 147.195 
MET 'L-peptide linking' y METHIONINE              ? 'C5 H11 N O2 S'  149.211 
OCS 'L-peptide linking' n 'CYSTEINESULFONIC ACID' ? 'C3 H7 N O5 S'   169.156 
PHE 'L-peptide linking' y PHENYLALANINE           ? 'C9 H11 N O2'    165.189 
PRO 'L-peptide linking' y PROLINE                 ? 'C5 H9 N O2'     115.130 
SER 'L-peptide linking' y SERINE                  ? 'C3 H7 N O3'     105.093 
SO4 non-polymer         . 'SULFATE ION'           ? 'O4 S -2'        96.063  
THR 'L-peptide linking' y THREONINE               ? 'C4 H9 N O3'     119.119 
TRP 'L-peptide linking' y TRYPTOPHAN              ? 'C11 H12 N2 O2'  204.225 
TYR 'L-peptide linking' y TYROSINE                ? 'C9 H11 N O3'    181.189 
VAL 'L-peptide linking' y VALINE                  ? 'C5 H11 N O2'    117.146 
# 
_exptl.entry_id          2CYJ 
_exptl.method            'X-RAY DIFFRACTION' 
_exptl.crystals_number   1 
# 
_exptl_crystal.id                    1 
_exptl_crystal.density_meas          ? 
_exptl_crystal.density_Matthews      1.92 
_exptl_crystal.density_percent_sol   36.08 
_exptl_crystal.description           ? 
_exptl_crystal.F_000                 ? 
_exptl_crystal.preparation           ? 
# 
_exptl_crystal_grow.crystal_id      1 
_exptl_crystal_grow.method          'VAPOR DIFFUSION, SITTING DROP' 
_exptl_crystal_grow.temp            293 
_exptl_crystal_grow.temp_details    ? 
_exptl_crystal_grow.pH              4.6 
_exptl_crystal_grow.pdbx_details    
'0.2M ammonium sulfate, 0.1M sodium acetate trihydrate(pH 4.6), 23% PEG MME 2000, VAPOR DIFFUSION, SITTING DROP, temperature 293K' 
_exptl_crystal_grow.pdbx_pH_range   . 
# 
_diffrn.id                     1 
_diffrn.ambient_temp           100 
_diffrn.ambient_temp_details   ? 
_diffrn.crystal_id             1 
# 
_diffrn_detector.diffrn_id              1 
_diffrn_detector.detector               CCD 
_diffrn_detector.type                   'RIGAKU JUPITER 210' 
_diffrn_detector.pdbx_collection_date   2005-04-16 
_diffrn_detector.details                'two dimensional focusing mirror' 
# 
_diffrn_radiation.diffrn_id                        1 
_diffrn_radiation.wavelength_id                    1 
_diffrn_radiation.pdbx_monochromatic_or_laue_m_l   M 
_diffrn_radiation.monochromator                    'Si double crystal monochrometor' 
_diffrn_radiation.pdbx_diffrn_protocol             'SINGLE WAVELENGTH' 
_diffrn_radiation.pdbx_scattering_type             x-ray 
# 
_diffrn_radiation_wavelength.id           1 
_diffrn_radiation_wavelength.wavelength   1.00 
_diffrn_radiation_wavelength.wt           1.0 
# 
_diffrn_source.diffrn_id                   1 
_diffrn_source.source                      SYNCHROTRON 
_diffrn_source.type                        'SPRING-8 BEAMLINE BL26B1' 
_diffrn_source.pdbx_synchrotron_site       SPring-8 
_diffrn_source.pdbx_synchrotron_beamline   BL26B1 
_diffrn_source.pdbx_wavelength             ? 
_diffrn_source.pdbx_wavelength_list        1.00 
# 
_reflns.entry_id                     2CYJ 
_reflns.observed_criterion_sigma_I   -3 
_reflns.observed_criterion_sigma_F   ? 
_reflns.d_resolution_low             50 
_reflns.d_resolution_high            1.50 
_reflns.number_obs                   17325 
_reflns.number_all                   ? 
_reflns.percent_possible_obs         97.9 
_reflns.pdbx_Rmerge_I_obs            ? 
_reflns.pdbx_Rsym_value              0.083 
_reflns.pdbx_netI_over_sigmaI        17.09 
_reflns.B_iso_Wilson_estimate        11.2 
_reflns.pdbx_redundancy              4.2 
_reflns.R_free_details               ? 
_reflns.limit_h_max                  ? 
_reflns.limit_h_min                  ? 
_reflns.limit_k_max                  ? 
_reflns.limit_k_min                  ? 
_reflns.limit_l_max                  ? 
_reflns.limit_l_min                  ? 
_reflns.observed_criterion_F_max     ? 
_reflns.observed_criterion_F_min     ? 
_reflns.pdbx_chi_squared             ? 
_reflns.pdbx_scaling_rejects         ? 
_reflns.pdbx_ordinal                 1 
_reflns.pdbx_diffrn_id               1 
# 
_reflns_shell.d_res_high             1.50 
_reflns_shell.d_res_low              1.55 
_reflns_shell.percent_possible_all   83.7 
_reflns_shell.Rmerge_I_obs           ? 
_reflns_shell.pdbx_Rsym_value        0.087 
_reflns_shell.meanI_over_sigI_obs    10.11 
_reflns_shell.pdbx_redundancy        2.3 
_reflns_shell.percent_possible_obs   ? 
_reflns_shell.number_unique_all      1451 
_reflns_shell.number_measured_all    ? 
_reflns_shell.number_measured_obs    ? 
_reflns_shell.number_unique_obs      ? 
_reflns_shell.pdbx_chi_squared       ? 
_reflns_shell.pdbx_ordinal           1 
_reflns_shell.pdbx_diffrn_id         1 
# 
_refine.entry_id                                 2CYJ 
_refine.ls_number_reflns_obs                     17169 
_refine.ls_number_reflns_all                     ? 
_refine.pdbx_ls_sigma_I                          ? 
_refine.pdbx_ls_sigma_F                          0.0 
_refine.pdbx_data_cutoff_high_absF               912292.51 
_refine.pdbx_data_cutoff_low_absF                0.000000 
_refine.pdbx_data_cutoff_high_rms_absF           ? 
_refine.ls_d_res_low                             40.14 
_refine.ls_d_res_high                            1.50 
_refine.ls_percent_reflns_obs                    97.1 
_refine.ls_R_factor_obs                          ? 
_refine.ls_R_factor_all                          ? 
_refine.ls_R_factor_R_work                       0.179 
_refine.ls_R_factor_R_free                       0.201 
_refine.ls_R_factor_R_free_error                 0.005 
_refine.ls_R_factor_R_free_error_details         ? 
_refine.ls_percent_reflns_R_free                 9.9 
_refine.ls_number_reflns_R_free                  1701 
_refine.ls_number_parameters                     ? 
_refine.ls_number_restraints                     ? 
_refine.occupancy_min                            ? 
_refine.occupancy_max                            ? 
_refine.correlation_coeff_Fo_to_Fc               ? 
_refine.correlation_coeff_Fo_to_Fc_free          ? 
_refine.B_iso_mean                               12.3 
_refine.aniso_B[1][1]                            0.32 
_refine.aniso_B[2][2]                            0.45 
_refine.aniso_B[3][3]                            -0.77 
_refine.aniso_B[1][2]                            0.00 
_refine.aniso_B[1][3]                            0.00 
_refine.aniso_B[2][3]                            0.00 
_refine.solvent_model_details                    'FLAT MODEL' 
_refine.solvent_model_param_ksol                 0.362097 
_refine.solvent_model_param_bsol                 41.1648 
_refine.pdbx_solvent_vdw_probe_radii             ? 
_refine.pdbx_solvent_ion_probe_radii             ? 
_refine.pdbx_solvent_shrinkage_radii             ? 
_refine.pdbx_ls_cross_valid_method               THROUGHOUT 
_refine.details                                  ? 
_refine.pdbx_starting_model                      'PDB ENTRY 1IHN' 
_refine.pdbx_method_to_determine_struct          'MOLECULAR REPLACEMENT' 
_refine.pdbx_isotropic_thermal_model             RESTRAINED 
_refine.pdbx_stereochemistry_target_values       'MAXIMUM LIKELIHOOD' 
_refine.pdbx_stereochem_target_val_spec_case     ? 
_refine.pdbx_R_Free_selection_details            RANDOM 
_refine.pdbx_overall_ESU_R                       ? 
_refine.pdbx_overall_ESU_R_Free                  ? 
_refine.overall_SU_ML                            ? 
_refine.overall_SU_B                             ? 
_refine.ls_redundancy_reflns_obs                 ? 
_refine.B_iso_min                                ? 
_refine.B_iso_max                                ? 
_refine.overall_SU_R_Cruickshank_DPI             ? 
_refine.overall_SU_R_free                        ? 
_refine.ls_wR_factor_R_free                      ? 
_refine.ls_wR_factor_R_work                      ? 
_refine.overall_FOM_free_R_set                   ? 
_refine.overall_FOM_work_R_set                   ? 
_refine.pdbx_overall_phase_error                 ? 
_refine.pdbx_refine_id                           'X-RAY DIFFRACTION' 
_refine.pdbx_diffrn_id                           1 
_refine.pdbx_TLS_residual_ADP_flag               ? 
_refine.pdbx_overall_SU_R_free_Cruickshank_DPI   ? 
_refine.pdbx_overall_SU_R_Blow_DPI               ? 
_refine.pdbx_overall_SU_R_free_Blow_DPI          ? 
# 
_refine_analyze.entry_id                        2CYJ 
_refine_analyze.Luzzati_coordinate_error_obs    0.14 
_refine_analyze.Luzzati_sigma_a_obs             -0.02 
_refine_analyze.Luzzati_d_res_low_obs           5.00 
_refine_analyze.Luzzati_coordinate_error_free   0.17 
_refine_analyze.Luzzati_sigma_a_free            0.09 
_refine_analyze.Luzzati_d_res_low_free          ? 
_refine_analyze.number_disordered_residues      ? 
_refine_analyze.occupancy_sum_hydrogen          ? 
_refine_analyze.occupancy_sum_non_hydrogen      ? 
_refine_analyze.pdbx_Luzzati_d_res_high_obs     ? 
_refine_analyze.pdbx_refine_id                  'X-RAY DIFFRACTION' 
# 
_refine_hist.pdbx_refine_id                   'X-RAY DIFFRACTION' 
_refine_hist.cycle_id                         LAST 
_refine_hist.pdbx_number_atoms_protein        964 
_refine_hist.pdbx_number_atoms_nucleic_acid   0 
_refine_hist.pdbx_number_atoms_ligand         9 
_refine_hist.number_atoms_solvent             122 
_refine_hist.number_atoms_total               1095 
_refine_hist.d_res_high                       1.50 
_refine_hist.d_res_low                        40.14 
# 
loop_
_refine_ls_restr.type 
_refine_ls_restr.dev_ideal 
_refine_ls_restr.dev_ideal_target 
_refine_ls_restr.weight 
_refine_ls_restr.number 
_refine_ls_restr.pdbx_refine_id 
_refine_ls_restr.pdbx_restraint_function 
c_bond_d           0.007 ?    ? ? 'X-RAY DIFFRACTION' ? 
c_angle_deg        1.5   ?    ? ? 'X-RAY DIFFRACTION' ? 
c_dihedral_angle_d 25.4  ?    ? ? 'X-RAY DIFFRACTION' ? 
c_improper_angle_d 1.62  ?    ? ? 'X-RAY DIFFRACTION' ? 
c_mcbond_it        1.80  1.50 ? ? 'X-RAY DIFFRACTION' ? 
c_mcangle_it       2.51  2.00 ? ? 'X-RAY DIFFRACTION' ? 
c_scbond_it        3.56  2.00 ? ? 'X-RAY DIFFRACTION' ? 
c_scangle_it       4.71  2.50 ? ? 'X-RAY DIFFRACTION' ? 
# 
_refine_ls_shell.pdbx_total_number_of_bins_used   6 
_refine_ls_shell.d_res_high                       1.50 
_refine_ls_shell.d_res_low                        1.59 
_refine_ls_shell.number_reflns_R_work             2239 
_refine_ls_shell.R_factor_R_work                  0.171 
_refine_ls_shell.percent_reflns_obs               86.5 
_refine_ls_shell.R_factor_R_free                  0.233 
_refine_ls_shell.R_factor_R_free_error            0.015 
_refine_ls_shell.percent_reflns_R_free            10.1 
_refine_ls_shell.number_reflns_R_free             251 
_refine_ls_shell.number_reflns_obs                2490 
_refine_ls_shell.redundancy_reflns_obs            ? 
_refine_ls_shell.number_reflns_all                ? 
_refine_ls_shell.R_factor_all                     ? 
_refine_ls_shell.pdbx_refine_id                   'X-RAY DIFFRACTION' 
# 
loop_
_pdbx_xplor_file.serial_no 
_pdbx_xplor_file.param_file 
_pdbx_xplor_file.topol_file 
_pdbx_xplor_file.pdbx_refine_id 
1 protein_rep_plus_9.param protein_plus_5.top 'X-RAY DIFFRACTION' 
2 water_rep.param          water.top          'X-RAY DIFFRACTION' 
3 ion.param                ion.top            'X-RAY DIFFRACTION' 
4 acetate.param            acetate.top        'X-RAY DIFFRACTION' 
# 
_struct.entry_id                  2CYJ 
_struct.title                     'Crystal structure of conserved hypothetical protein PH1505 from Pyrococcus horikoshii OT3' 
_struct.pdbx_model_details        ? 
_struct.pdbx_CASP_flag            ? 
_struct.pdbx_model_type_details   ? 
# 
_struct_keywords.entry_id        2CYJ 
_struct_keywords.pdbx_keywords   'STRUCTURAL GENOMICS, UNKNOWN FUNCTION' 
_struct_keywords.text            
;Conserved Hypothetical Protein, Structural Genomics, NPPSFA, National Project on Protein Structural and Functional Analyses, RIKEN Structural Genomics/Proteomics Initiative, RSGI, UNKNOWN FUNCTION
;
# 
loop_
_struct_asym.id 
_struct_asym.pdbx_blank_PDB_chainid_flag 
_struct_asym.pdbx_modified 
_struct_asym.entity_id 
_struct_asym.details 
A N N 1 ? 
B N N 2 ? 
C N N 3 ? 
D N N 4 ? 
# 
_struct_biol.id        1 
_struct_biol.details   ? 
# 
loop_
_struct_conf.conf_type_id 
_struct_conf.id 
_struct_conf.pdbx_PDB_helix_id 
_struct_conf.beg_label_comp_id 
_struct_conf.beg_label_asym_id 
_struct_conf.beg_label_seq_id 
_struct_conf.pdbx_beg_PDB_ins_code 
_struct_conf.end_label_comp_id 
_struct_conf.end_label_asym_id 
_struct_conf.end_label_seq_id 
_struct_conf.pdbx_end_PDB_ins_code 
_struct_conf.beg_auth_comp_id 
_struct_conf.beg_auth_asym_id 
_struct_conf.beg_auth_seq_id 
_struct_conf.end_auth_comp_id 
_struct_conf.end_auth_asym_id 
_struct_conf.end_auth_seq_id 
_struct_conf.pdbx_PDB_helix_class 
_struct_conf.details 
_struct_conf.pdbx_PDB_helix_length 
HELX_P HELX_P1 1 LYS A 35 ? GLY A 43  ? LYS A 35 GLY A 43  1 ? 9  
HELX_P HELX_P2 2 ASP A 49 ? LYS A 55  ? ASP A 49 LYS A 55  1 ? 7  
HELX_P HELX_P3 3 LEU A 77 ? VAL A 84  ? LEU A 77 VAL A 84  1 ? 8  
HELX_P HELX_P4 4 PRO A 93 ? TRP A 105 ? PRO A 93 TRP A 105 1 ? 13 
# 
_struct_conf_type.id          HELX_P 
_struct_conf_type.criteria    ? 
_struct_conf_type.reference   ? 
# 
_struct_conn.id                            covale1 
_struct_conn.conn_type_id                  covale 
_struct_conn.pdbx_leaving_atom_flag        both 
_struct_conn.pdbx_PDB_id                   ? 
_struct_conn.ptnr1_label_asym_id           A 
_struct_conn.ptnr1_label_comp_id           THR 
_struct_conn.ptnr1_label_seq_id            117 
_struct_conn.ptnr1_label_atom_id           C 
_struct_conn.pdbx_ptnr1_label_alt_id       ? 
_struct_conn.pdbx_ptnr1_PDB_ins_code       ? 
_struct_conn.pdbx_ptnr1_standard_comp_id   ? 
_struct_conn.ptnr1_symmetry                1_555 
_struct_conn.ptnr2_label_asym_id           A 
_struct_conn.ptnr2_label_comp_id           OCS 
_struct_conn.ptnr2_label_seq_id            118 
_struct_conn.ptnr2_label_atom_id           N 
_struct_conn.pdbx_ptnr2_label_alt_id       ? 
_struct_conn.pdbx_ptnr2_PDB_ins_code       ? 
_struct_conn.ptnr1_auth_asym_id            A 
_struct_conn.ptnr1_auth_comp_id            THR 
_struct_conn.ptnr1_auth_seq_id             117 
_struct_conn.ptnr2_auth_asym_id            A 
_struct_conn.ptnr2_auth_comp_id            OCS 
_struct_conn.ptnr2_auth_seq_id             118 
_struct_conn.ptnr2_symmetry                1_555 
_struct_conn.pdbx_ptnr3_label_atom_id      ? 
_struct_conn.pdbx_ptnr3_label_seq_id       ? 
_struct_conn.pdbx_ptnr3_label_comp_id      ? 
_struct_conn.pdbx_ptnr3_label_asym_id      ? 
_struct_conn.pdbx_ptnr3_label_alt_id       ? 
_struct_conn.pdbx_ptnr3_PDB_ins_code       ? 
_struct_conn.details                       ? 
_struct_conn.pdbx_dist_value               1.332 
_struct_conn.pdbx_value_order              ? 
_struct_conn.pdbx_role                     ? 
# 
_struct_conn_type.id          covale 
_struct_conn_type.criteria    ? 
_struct_conn_type.reference   ? 
# 
loop_
_struct_sheet.id 
_struct_sheet.type 
_struct_sheet.number_strands 
_struct_sheet.details 
A ? 3 ? 
B ? 5 ? 
C ? 2 ? 
# 
loop_
_struct_sheet_order.sheet_id 
_struct_sheet_order.range_id_1 
_struct_sheet_order.range_id_2 
_struct_sheet_order.offset 
_struct_sheet_order.sense 
A 1 2 ? anti-parallel 
A 2 3 ? anti-parallel 
B 1 2 ? anti-parallel 
B 2 3 ? anti-parallel 
B 3 4 ? parallel      
B 4 5 ? parallel      
C 1 2 ? parallel      
# 
loop_
_struct_sheet_range.sheet_id 
_struct_sheet_range.id 
_struct_sheet_range.beg_label_comp_id 
_struct_sheet_range.beg_label_asym_id 
_struct_sheet_range.beg_label_seq_id 
_struct_sheet_range.pdbx_beg_PDB_ins_code 
_struct_sheet_range.end_label_comp_id 
_struct_sheet_range.end_label_asym_id 
_struct_sheet_range.end_label_seq_id 
_struct_sheet_range.pdbx_end_PDB_ins_code 
_struct_sheet_range.beg_auth_comp_id 
_struct_sheet_range.beg_auth_asym_id 
_struct_sheet_range.beg_auth_seq_id 
_struct_sheet_range.end_auth_comp_id 
_struct_sheet_range.end_auth_asym_id 
_struct_sheet_range.end_auth_seq_id 
A 1 ILE A 3   ? ARG A 7   ? ILE A 3   ARG A 7   
A 2 LEU A 10  ? ILE A 13  ? LEU A 10  ILE A 13  
A 3 LYS A 16  ? PHE A 18  ? LYS A 16  PHE A 18  
B 1 ILE A 30  ? ARG A 32  ? ILE A 30  ARG A 32  
B 2 ILE A 22  ? ILE A 24  ? ILE A 22  ILE A 24  
B 3 ILE A 110 ? HIS A 115 ? ILE A 110 HIS A 115 
B 4 VAL A 63  ? THR A 68  ? VAL A 63  THR A 68  
B 5 GLU A 88  ? LYS A 92  ? GLU A 88  LYS A 92  
C 1 LYS A 47  ? LEU A 48  ? LYS A 47  LEU A 48  
C 2 SER A 75  ? LEU A 76  ? SER A 75  LEU A 76  
# 
loop_
_pdbx_struct_sheet_hbond.sheet_id 
_pdbx_struct_sheet_hbond.range_id_1 
_pdbx_struct_sheet_hbond.range_id_2 
_pdbx_struct_sheet_hbond.range_1_label_atom_id 
_pdbx_struct_sheet_hbond.range_1_label_comp_id 
_pdbx_struct_sheet_hbond.range_1_label_asym_id 
_pdbx_struct_sheet_hbond.range_1_label_seq_id 
_pdbx_struct_sheet_hbond.range_1_PDB_ins_code 
_pdbx_struct_sheet_hbond.range_1_auth_atom_id 
_pdbx_struct_sheet_hbond.range_1_auth_comp_id 
_pdbx_struct_sheet_hbond.range_1_auth_asym_id 
_pdbx_struct_sheet_hbond.range_1_auth_seq_id 
_pdbx_struct_sheet_hbond.range_2_label_atom_id 
_pdbx_struct_sheet_hbond.range_2_label_comp_id 
_pdbx_struct_sheet_hbond.range_2_label_asym_id 
_pdbx_struct_sheet_hbond.range_2_label_seq_id 
_pdbx_struct_sheet_hbond.range_2_PDB_ins_code 
_pdbx_struct_sheet_hbond.range_2_auth_atom_id 
_pdbx_struct_sheet_hbond.range_2_auth_comp_id 
_pdbx_struct_sheet_hbond.range_2_auth_asym_id 
_pdbx_struct_sheet_hbond.range_2_auth_seq_id 
A 1 2 N GLU A 4   ? N GLU A 4   O LYS A 12  ? O LYS A 12  
A 2 3 N VAL A 11  ? N VAL A 11  O PHE A 18  ? O PHE A 18  
B 1 2 O GLU A 31  ? O GLU A 31  N VAL A 23  ? N VAL A 23  
B 2 3 N ILE A 22  ? N ILE A 22  O ILE A 114 ? O ILE A 114 
B 3 4 O LEU A 111 ? O LEU A 111 N LEU A 65  ? N LEU A 65  
B 4 5 N VAL A 66  ? N VAL A 66  O ILE A 90  ? O ILE A 90  
C 1 2 N LEU A 48  ? N LEU A 48  O SER A 75  ? O SER A 75  
# 
loop_
_struct_site.id 
_struct_site.pdbx_evidence_code 
_struct_site.pdbx_auth_asym_id 
_struct_site.pdbx_auth_comp_id 
_struct_site.pdbx_auth_seq_id 
_struct_site.pdbx_auth_ins_code 
_struct_site.pdbx_num_residues 
_struct_site.details 
AC1 Software A ACT 1001 ? 6 'BINDING SITE FOR RESIDUE ACT A 1001' 
AC2 Software A SO4 2001 ? 9 'BINDING SITE FOR RESIDUE SO4 A 2001' 
# 
loop_
_struct_site_gen.id 
_struct_site_gen.site_id 
_struct_site_gen.pdbx_num_res 
_struct_site_gen.label_comp_id 
_struct_site_gen.label_asym_id 
_struct_site_gen.label_seq_id 
_struct_site_gen.pdbx_auth_ins_code 
_struct_site_gen.auth_comp_id 
_struct_site_gen.auth_asym_id 
_struct_site_gen.auth_seq_id 
_struct_site_gen.label_atom_id 
_struct_site_gen.label_alt_id 
_struct_site_gen.symmetry 
_struct_site_gen.details 
1  AC1 6 PHE A 18  ? PHE A 18   . ? 1_455 ? 
2  AC1 6 HIS A 20  ? HIS A 20   . ? 1_455 ? 
3  AC1 6 ILE A 30  ? ILE A 30   . ? 1_455 ? 
4  AC1 6 GLU A 31  ? GLU A 31   . ? 1_455 ? 
5  AC1 6 ARG A 32  ? ARG A 32   . ? 1_455 ? 
6  AC1 6 GLU A 103 ? GLU A 103  . ? 1_555 ? 
7  AC2 9 ARG A 7   ? ARG A 7    . ? 4_445 ? 
8  AC2 9 LYS A 35  ? LYS A 35   . ? 1_455 ? 
9  AC2 9 LYS A 92  ? LYS A 92   . ? 1_555 ? 
10 AC2 9 GLU A 96  ? GLU A 96   . ? 1_555 ? 
11 AC2 9 HOH D .   ? HOH A 2075 . ? 1_555 ? 
12 AC2 9 HOH D .   ? HOH A 2076 . ? 1_555 ? 
13 AC2 9 HOH D .   ? HOH A 2078 . ? 1_555 ? 
14 AC2 9 HOH D .   ? HOH A 2083 . ? 1_555 ? 
15 AC2 9 HOH D .   ? HOH A 2090 . ? 1_555 ? 
# 
_atom_sites.entry_id                    2CYJ 
_atom_sites.fract_transf_matrix[1][1]   -0.00096754 
_atom_sites.fract_transf_matrix[1][2]   0.02812535 
_atom_sites.fract_transf_matrix[1][3]   -0.02248584 
_atom_sites.fract_transf_matrix[2][1]   0.00554960 
_atom_sites.fract_transf_matrix[2][2]   0.01327745 
_atom_sites.fract_transf_matrix[2][3]   0.01636867 
_atom_sites.fract_transf_matrix[3][1]   0.01166766 
_atom_sites.fract_transf_matrix[3][2]   -0.00167498 
_atom_sites.fract_transf_matrix[3][3]   -0.00259712 
_atom_sites.fract_transf_vector[1]      0.401985 
_atom_sites.fract_transf_vector[2]      -0.043812 
_atom_sites.fract_transf_vector[3]      -0.124666 
# 
loop_
_atom_type.symbol 
C 
N 
O 
S 
# 
loop_
_atom_site.group_PDB 
_atom_site.id 
_atom_site.type_symbol 
_atom_site.label_atom_id 
_atom_site.label_alt_id 
_atom_site.label_comp_id 
_atom_site.label_asym_id 
_atom_site.label_entity_id 
_atom_site.label_seq_id 
_atom_site.pdbx_PDB_ins_code 
_atom_site.Cartn_x 
_atom_site.Cartn_y 
_atom_site.Cartn_z 
_atom_site.occupancy 
_atom_site.B_iso_or_equiv 
_atom_site.pdbx_formal_charge 
_atom_site.auth_seq_id 
_atom_site.auth_comp_id 
_atom_site.auth_asym_id 
_atom_site.auth_atom_id 
_atom_site.pdbx_PDB_model_num 
ATOM   1    N N   . MET A 1 1   ? -12.144 -7.458  -6.002  1.00 6.96  ? 1    MET A N   1 
ATOM   2    C CA  . MET A 1 1   ? -10.685 -7.150  -5.987  1.00 5.60  ? 1    MET A CA  1 
ATOM   3    C C   . MET A 1 1   ? -9.945  -8.409  -6.439  1.00 6.81  ? 1    MET A C   1 
ATOM   4    O O   . MET A 1 1   ? -9.893  -9.396  -5.705  1.00 7.08  ? 1    MET A O   1 
ATOM   5    C CB  . MET A 1 1   ? -10.265 -6.754  -4.561  1.00 7.85  ? 1    MET A CB  1 
ATOM   6    C CG  . MET A 1 1   ? -8.914  -6.043  -4.423  1.00 9.62  ? 1    MET A CG  1 
ATOM   7    S SD  . MET A 1 1   ? -7.440  -6.987  -4.891  1.00 8.74  ? 1    MET A SD  1 
ATOM   8    C CE  . MET A 1 1   ? -7.369  -8.145  -3.557  1.00 11.96 ? 1    MET A CE  1 
ATOM   9    N N   . LYS A 1 2   ? -9.410  -8.375  -7.659  1.00 4.74  ? 2    LYS A N   1 
ATOM   10   C CA  . LYS A 1 2   ? -8.671  -9.503  -8.207  1.00 6.18  ? 2    LYS A CA  1 
ATOM   11   C C   . LYS A 1 2   ? -7.343  -9.021  -8.774  1.00 7.13  ? 2    LYS A C   1 
ATOM   12   O O   . LYS A 1 2   ? -7.261  -7.958  -9.383  1.00 8.31  ? 2    LYS A O   1 
ATOM   13   C CB  . LYS A 1 2   ? -9.508  -10.227 -9.265  1.00 7.64  ? 2    LYS A CB  1 
ATOM   14   C CG  . LYS A 1 2   ? -10.711 -10.940 -8.648  1.00 14.97 ? 2    LYS A CG  1 
ATOM   15   C CD  . LYS A 1 2   ? -11.278 -12.025 -9.539  1.00 23.83 ? 2    LYS A CD  1 
ATOM   16   C CE  . LYS A 1 2   ? -12.467 -12.694 -8.859  1.00 23.72 ? 2    LYS A CE  1 
ATOM   17   N NZ  . LYS A 1 2   ? -13.004 -13.827 -9.660  1.00 33.50 ? 2    LYS A NZ  1 
ATOM   18   N N   . ILE A 1 3   ? -6.295  -9.799  -8.528  1.00 6.30  ? 3    ILE A N   1 
ATOM   19   C CA  . ILE A 1 3   ? -4.946  -9.463  -8.965  1.00 6.86  ? 3    ILE A CA  1 
ATOM   20   C C   . ILE A 1 3   ? -4.548  -10.442 -10.055 1.00 7.90  ? 3    ILE A C   1 
ATOM   21   O O   . ILE A 1 3   ? -4.504  -11.648 -9.829  1.00 10.41 ? 3    ILE A O   1 
ATOM   22   C CB  . ILE A 1 3   ? -3.980  -9.534  -7.764  1.00 6.80  ? 3    ILE A CB  1 
ATOM   23   C CG1 . ILE A 1 3   ? -4.435  -8.526  -6.706  1.00 7.68  ? 3    ILE A CG1 1 
ATOM   24   C CG2 . ILE A 1 3   ? -2.560  -9.239  -8.207  1.00 5.50  ? 3    ILE A CG2 1 
ATOM   25   C CD1 . ILE A 1 3   ? -4.019  -8.870  -5.290  1.00 9.34  ? 3    ILE A CD1 1 
ATOM   26   N N   . GLU A 1 4   ? -4.268  -9.920  -11.245 1.00 6.94  ? 4    GLU A N   1 
ATOM   27   C CA  . GLU A 1 4   ? -3.929  -10.772 -12.381 1.00 8.92  ? 4    GLU A CA  1 
ATOM   28   C C   . GLU A 1 4   ? -2.450  -10.898 -12.726 1.00 9.68  ? 4    GLU A C   1 
ATOM   29   O O   . GLU A 1 4   ? -2.010  -11.956 -13.177 1.00 13.02 ? 4    GLU A O   1 
ATOM   30   C CB  . GLU A 1 4   ? -4.666  -10.301 -13.640 1.00 11.03 ? 4    GLU A CB  1 
ATOM   31   C CG  . GLU A 1 4   ? -6.194  -10.463 -13.645 1.00 12.69 ? 4    GLU A CG  1 
ATOM   32   C CD  . GLU A 1 4   ? -6.935  -9.283  -13.022 1.00 14.39 ? 4    GLU A CD  1 
ATOM   33   O OE1 . GLU A 1 4   ? -6.421  -8.142  -13.084 1.00 8.94  ? 4    GLU A OE1 1 
ATOM   34   O OE2 . GLU A 1 4   ? -8.046  -9.497  -12.486 1.00 13.33 ? 4    GLU A OE2 1 
ATOM   35   N N   . GLU A 1 5   ? -1.690  -9.820  -12.548 1.00 6.56  ? 5    GLU A N   1 
ATOM   36   C CA  . GLU A 1 5   ? -0.263  -9.822  -12.873 1.00 9.58  ? 5    GLU A CA  1 
ATOM   37   C C   . GLU A 1 5   ? 0.486   -8.893  -11.930 1.00 8.05  ? 5    GLU A C   1 
ATOM   38   O O   . GLU A 1 5   ? -0.020  -7.846  -11.567 1.00 7.69  ? 5    GLU A O   1 
ATOM   39   C CB  . GLU A 1 5   ? -0.011  -9.283  -14.294 1.00 13.19 ? 5    GLU A CB  1 
ATOM   40   C CG  . GLU A 1 5   ? -0.299  -10.230 -15.440 1.00 22.20 ? 5    GLU A CG  1 
ATOM   41   C CD  . GLU A 1 5   ? 0.415   -11.563 -15.282 1.00 28.51 ? 5    GLU A CD  1 
ATOM   42   O OE1 . GLU A 1 5   ? 1.626   -11.568 -15.007 1.00 34.08 ? 5    GLU A OE1 1 
ATOM   43   O OE2 . GLU A 1 5   ? -0.256  -12.604 -15.450 1.00 38.87 ? 5    GLU A OE2 1 
ATOM   44   N N   . VAL A 1 6   ? 1.708   -9.298  -11.565 1.00 5.81  ? 6    VAL A N   1 
ATOM   45   C CA  . VAL A 1 6   ? 2.538   -8.486  -10.690 1.00 6.06  ? 6    VAL A CA  1 
ATOM   46   C C   . VAL A 1 6   ? 3.974   -8.582  -11.180 1.00 6.39  ? 6    VAL A C   1 
ATOM   47   O O   . VAL A 1 6   ? 4.536   -9.670  -11.263 1.00 7.06  ? 6    VAL A O   1 
ATOM   48   C CB  . VAL A 1 6   ? 2.462   -8.968  -9.222  1.00 4.05  ? 6    VAL A CB  1 
ATOM   49   C CG1 . VAL A 1 6   ? 3.334   -8.097  -8.335  1.00 5.89  ? 6    VAL A CG1 1 
ATOM   50   C CG2 . VAL A 1 6   ? 1.015   -8.898  -8.739  1.00 4.82  ? 6    VAL A CG2 1 
ATOM   51   N N   . ARG A 1 7   ? 4.555   -7.443  -11.535 1.00 7.16  ? 7    ARG A N   1 
ATOM   52   C CA  . ARG A 1 7   ? 5.939   -7.416  -11.976 1.00 6.45  ? 7    ARG A CA  1 
ATOM   53   C C   . ARG A 1 7   ? 6.507   -6.062  -11.598 1.00 4.89  ? 7    ARG A C   1 
ATOM   54   O O   . ARG A 1 7   ? 5.768   -5.156  -11.217 1.00 6.14  ? 7    ARG A O   1 
ATOM   55   C CB  . ARG A 1 7   ? 6.039   -7.644  -13.488 1.00 11.08 ? 7    ARG A CB  1 
ATOM   56   C CG  . ARG A 1 7   ? 5.706   -6.443  -14.344 1.00 10.87 ? 7    ARG A CG  1 
ATOM   57   C CD  . ARG A 1 7   ? 5.657   -6.835  -15.816 1.00 12.41 ? 7    ARG A CD  1 
ATOM   58   N NE  . ARG A 1 7   ? 4.505   -7.686  -16.096 1.00 12.41 ? 7    ARG A NE  1 
ATOM   59   C CZ  . ARG A 1 7   ? 4.575   -8.941  -16.538 1.00 12.05 ? 7    ARG A CZ  1 
ATOM   60   N NH1 . ARG A 1 7   ? 5.751   -9.519  -16.759 1.00 16.96 ? 7    ARG A NH1 1 
ATOM   61   N NH2 . ARG A 1 7   ? 3.457   -9.624  -16.748 1.00 19.69 ? 7    ARG A NH2 1 
ATOM   62   N N   . PHE A 1 8   ? 7.822   -5.931  -11.671 1.00 5.36  ? 8    PHE A N   1 
ATOM   63   C CA  . PHE A 1 8   ? 8.455   -4.671  -11.340 1.00 5.05  ? 8    PHE A CA  1 
ATOM   64   C C   . PHE A 1 8   ? 7.878   -3.554  -12.207 1.00 6.06  ? 8    PHE A C   1 
ATOM   65   O O   . PHE A 1 8   ? 7.886   -3.648  -13.437 1.00 5.00  ? 8    PHE A O   1 
ATOM   66   C CB  . PHE A 1 8   ? 9.972   -4.793  -11.545 1.00 6.39  ? 8    PHE A CB  1 
ATOM   67   C CG  . PHE A 1 8   ? 10.743  -3.579  -11.119 1.00 5.25  ? 8    PHE A CG  1 
ATOM   68   C CD1 . PHE A 1 8   ? 10.999  -2.545  -12.014 1.00 5.67  ? 8    PHE A CD1 1 
ATOM   69   C CD2 . PHE A 1 8   ? 11.202  -3.464  -9.813  1.00 9.20  ? 8    PHE A CD2 1 
ATOM   70   C CE1 . PHE A 1 8   ? 11.703  -1.410  -11.608 1.00 7.08  ? 8    PHE A CE1 1 
ATOM   71   C CE2 . PHE A 1 8   ? 11.907  -2.334  -9.396  1.00 6.46  ? 8    PHE A CE2 1 
ATOM   72   C CZ  . PHE A 1 8   ? 12.158  -1.306  -10.297 1.00 4.15  ? 8    PHE A CZ  1 
ATOM   73   N N   . GLY A 1 9   ? 7.364   -2.514  -11.549 1.00 4.74  ? 9    GLY A N   1 
ATOM   74   C CA  . GLY A 1 9   ? 6.801   -1.363  -12.233 1.00 5.61  ? 9    GLY A CA  1 
ATOM   75   C C   . GLY A 1 9   ? 5.415   -1.498  -12.836 1.00 4.37  ? 9    GLY A C   1 
ATOM   76   O O   . GLY A 1 9   ? 4.902   -0.534  -13.407 1.00 4.24  ? 9    GLY A O   1 
ATOM   77   N N   . LEU A 1 10  ? 4.781   -2.657  -12.689 1.00 5.57  ? 10   LEU A N   1 
ATOM   78   C CA  . LEU A 1 10  ? 3.479   -2.841  -13.311 1.00 4.55  ? 10   LEU A CA  1 
ATOM   79   C C   . LEU A 1 10  ? 2.630   -3.926  -12.674 1.00 5.63  ? 10   LEU A C   1 
ATOM   80   O O   . LEU A 1 10  ? 3.046   -5.085  -12.601 1.00 6.61  ? 10   LEU A O   1 
ATOM   81   C CB  . LEU A 1 10  ? 3.682   -3.188  -14.793 1.00 3.99  ? 10   LEU A CB  1 
ATOM   82   C CG  . LEU A 1 10  ? 2.447   -3.210  -15.699 1.00 4.22  ? 10   LEU A CG  1 
ATOM   83   C CD1 . LEU A 1 10  ? 1.990   -1.777  -15.982 1.00 8.75  ? 10   LEU A CD1 1 
ATOM   84   C CD2 . LEU A 1 10  ? 2.774   -3.923  -17.002 1.00 5.87  ? 10   LEU A CD2 1 
ATOM   85   N N   . VAL A 1 11  ? 1.443   -3.553  -12.211 1.00 4.09  ? 11   VAL A N   1 
ATOM   86   C CA  . VAL A 1 11  ? 0.535   -4.541  -11.647 1.00 3.51  ? 11   VAL A CA  1 
ATOM   87   C C   . VAL A 1 11  ? -0.806  -4.458  -12.371 1.00 5.71  ? 11   VAL A C   1 
ATOM   88   O O   . VAL A 1 11  ? -1.243  -3.371  -12.752 1.00 6.26  ? 11   VAL A O   1 
ATOM   89   C CB  . VAL A 1 11  ? 0.320   -4.350  -10.124 1.00 5.10  ? 11   VAL A CB  1 
ATOM   90   C CG1 . VAL A 1 11  ? 1.656   -4.512  -9.399  1.00 5.26  ? 11   VAL A CG1 1 
ATOM   91   C CG2 . VAL A 1 11  ? -0.317  -3.000  -9.835  1.00 6.12  ? 11   VAL A CG2 1 
ATOM   92   N N   . LYS A 1 12  ? -1.430  -5.614  -12.601 1.00 4.87  ? 12   LYS A N   1 
ATOM   93   C CA  . LYS A 1 12  ? -2.732  -5.675  -13.268 1.00 4.40  ? 12   LYS A CA  1 
ATOM   94   C C   . LYS A 1 12  ? -3.716  -6.122  -12.198 1.00 4.43  ? 12   LYS A C   1 
ATOM   95   O O   . LYS A 1 12  ? -3.618  -7.236  -11.680 1.00 5.34  ? 12   LYS A O   1 
ATOM   96   C CB  . LYS A 1 12  ? -2.726  -6.676  -14.428 1.00 5.53  ? 12   LYS A CB  1 
ATOM   97   C CG  . LYS A 1 12  ? -4.020  -6.660  -15.243 1.00 7.94  ? 12   LYS A CG  1 
ATOM   98   C CD  . LYS A 1 12  ? -3.970  -7.664  -16.380 1.00 8.68  ? 12   LYS A CD  1 
ATOM   99   C CE  . LYS A 1 12  ? -5.339  -7.864  -17.008 1.00 9.85  ? 12   LYS A CE  1 
ATOM   100  N NZ  . LYS A 1 12  ? -5.219  -8.790  -18.174 1.00 12.65 ? 12   LYS A NZ  1 
ATOM   101  N N   . ILE A 1 13  ? -4.642  -5.233  -11.854 1.00 4.20  ? 13   ILE A N   1 
ATOM   102  C CA  . ILE A 1 13  ? -5.627  -5.496  -10.818 1.00 5.17  ? 13   ILE A CA  1 
ATOM   103  C C   . ILE A 1 13  ? -6.994  -5.048  -11.332 1.00 3.78  ? 13   ILE A C   1 
ATOM   104  O O   . ILE A 1 13  ? -7.118  -3.961  -11.905 1.00 3.94  ? 13   ILE A O   1 
ATOM   105  C CB  . ILE A 1 13  ? -5.232  -4.740  -9.525  1.00 5.49  ? 13   ILE A CB  1 
ATOM   106  C CG1 . ILE A 1 13  ? -3.891  -5.286  -9.018  1.00 6.73  ? 13   ILE A CG1 1 
ATOM   107  C CG2 . ILE A 1 13  ? -6.321  -4.887  -8.467  1.00 8.07  ? 13   ILE A CG2 1 
ATOM   108  C CD1 . ILE A 1 13  ? -3.355  -4.599  -7.767  1.00 9.90  ? 13   ILE A CD1 1 
ATOM   109  N N   . ASP A 1 14  ? -8.009  -5.894  -11.133 1.00 4.16  ? 14   ASP A N   1 
ATOM   110  C CA  . ASP A 1 14  ? -9.365  -5.622  -11.612 1.00 4.58  ? 14   ASP A CA  1 
ATOM   111  C C   . ASP A 1 14  ? -9.336  -5.436  -13.126 1.00 5.38  ? 14   ASP A C   1 
ATOM   112  O O   . ASP A 1 14  ? -10.176 -4.729  -13.705 1.00 7.39  ? 14   ASP A O   1 
ATOM   113  C CB  . ASP A 1 14  ? -9.960  -4.379  -10.940 1.00 5.01  ? 14   ASP A CB  1 
ATOM   114  C CG  . ASP A 1 14  ? -10.368 -4.626  -9.505  1.00 4.64  ? 14   ASP A CG  1 
ATOM   115  O OD1 . ASP A 1 14  ? -10.959 -3.704  -8.896  1.00 6.54  ? 14   ASP A OD1 1 
ATOM   116  O OD2 . ASP A 1 14  ? -10.107 -5.730  -8.979  1.00 5.49  ? 14   ASP A OD2 1 
ATOM   117  N N   . GLY A 1 15  ? -8.347  -6.066  -13.754 1.00 5.36  ? 15   GLY A N   1 
ATOM   118  C CA  . GLY A 1 15  ? -8.203  -6.015  -15.202 1.00 6.39  ? 15   GLY A CA  1 
ATOM   119  C C   . GLY A 1 15  ? -7.530  -4.783  -15.765 1.00 6.60  ? 15   GLY A C   1 
ATOM   120  O O   . GLY A 1 15  ? -7.343  -4.674  -16.983 1.00 9.22  ? 15   GLY A O   1 
ATOM   121  N N   . LYS A 1 16  ? -7.155  -3.863  -14.887 1.00 5.52  ? 16   LYS A N   1 
ATOM   122  C CA  . LYS A 1 16  ? -6.517  -2.621  -15.304 1.00 6.29  ? 16   LYS A CA  1 
ATOM   123  C C   . LYS A 1 16  ? -5.026  -2.629  -14.998 1.00 5.02  ? 16   LYS A C   1 
ATOM   124  O O   . LYS A 1 16  ? -4.606  -3.157  -13.978 1.00 4.98  ? 16   LYS A O   1 
ATOM   125  C CB  . LYS A 1 16  ? -7.188  -1.442  -14.598 1.00 9.28  ? 16   LYS A CB  1 
ATOM   126  C CG  . LYS A 1 16  ? -8.645  -1.233  -15.009 1.00 13.90 ? 16   LYS A CG  1 
ATOM   127  C CD  . LYS A 1 16  ? -9.337  -0.145  -14.191 1.00 18.94 ? 16   LYS A CD  1 
ATOM   128  C CE  . LYS A 1 16  ? -9.516  -0.570  -12.738 1.00 26.52 ? 16   LYS A CE  1 
ATOM   129  N NZ  . LYS A 1 16  ? -10.155 0.494   -11.908 1.00 32.83 ? 16   LYS A NZ  1 
ATOM   130  N N   . GLU A 1 17  ? -4.226  -2.054  -15.893 1.00 5.49  ? 17   GLU A N   1 
ATOM   131  C CA  . GLU A 1 17  ? -2.776  -1.988  -15.709 1.00 6.44  ? 17   GLU A CA  1 
ATOM   132  C C   . GLU A 1 17  ? -2.374  -0.710  -14.997 1.00 3.25  ? 17   GLU A C   1 
ATOM   133  O O   . GLU A 1 17  ? -2.708  0.383   -15.438 1.00 9.11  ? 17   GLU A O   1 
ATOM   134  C CB  . GLU A 1 17  ? -2.056  -2.011  -17.058 1.00 9.73  ? 17   GLU A CB  1 
ATOM   135  C CG  . GLU A 1 17  ? -2.277  -3.260  -17.870 1.00 21.68 ? 17   GLU A CG  1 
ATOM   136  C CD  . GLU A 1 17  ? -1.448  -4.414  -17.378 1.00 23.96 ? 17   GLU A CD  1 
ATOM   137  O OE1 . GLU A 1 17  ? -1.462  -5.471  -18.044 1.00 35.13 ? 17   GLU A OE1 1 
ATOM   138  O OE2 . GLU A 1 17  ? -0.783  -4.264  -16.331 1.00 24.57 ? 17   GLU A OE2 1 
ATOM   139  N N   . PHE A 1 18  ? -1.652  -0.855  -13.890 1.00 3.96  ? 18   PHE A N   1 
ATOM   140  C CA  . PHE A 1 18  ? -1.172  0.290   -13.120 1.00 3.76  ? 18   PHE A CA  1 
ATOM   141  C C   . PHE A 1 18  ? 0.350   0.301   -13.181 1.00 4.74  ? 18   PHE A C   1 
ATOM   142  O O   . PHE A 1 18  ? 0.993   -0.613  -12.654 1.00 4.42  ? 18   PHE A O   1 
ATOM   143  C CB  . PHE A 1 18  ? -1.635  0.166   -11.665 1.00 4.96  ? 18   PHE A CB  1 
ATOM   144  C CG  . PHE A 1 18  ? -3.130  0.171   -11.510 1.00 3.92  ? 18   PHE A CG  1 
ATOM   145  C CD1 . PHE A 1 18  ? -3.835  1.367   -11.476 1.00 5.85  ? 18   PHE A CD1 1 
ATOM   146  C CD2 . PHE A 1 18  ? -3.827  -1.022  -11.414 1.00 6.47  ? 18   PHE A CD2 1 
ATOM   147  C CE1 . PHE A 1 18  ? -5.215  1.372   -11.348 1.00 5.79  ? 18   PHE A CE1 1 
ATOM   148  C CE2 . PHE A 1 18  ? -5.207  -1.032  -11.287 1.00 6.40  ? 18   PHE A CE2 1 
ATOM   149  C CZ  . PHE A 1 18  ? -5.905  0.165   -11.255 1.00 5.38  ? 18   PHE A CZ  1 
ATOM   150  N N   . ASP A 1 19  ? 0.927   1.321   -13.826 1.00 4.82  ? 19   ASP A N   1 
ATOM   151  C CA  . ASP A 1 19  ? 2.383   1.425   -13.947 1.00 3.57  ? 19   ASP A CA  1 
ATOM   152  C C   . ASP A 1 19  ? 2.950   2.367   -12.895 1.00 3.64  ? 19   ASP A C   1 
ATOM   153  O O   . ASP A 1 19  ? 4.006   2.987   -13.083 1.00 5.78  ? 19   ASP A O   1 
ATOM   154  C CB  . ASP A 1 19  ? 2.779   1.920   -15.349 1.00 3.10  ? 19   ASP A CB  1 
ATOM   155  C CG  . ASP A 1 19  ? 2.492   3.401   -15.566 1.00 9.30  ? 19   ASP A CG  1 
ATOM   156  O OD1 . ASP A 1 19  ? 3.088   3.971   -16.502 1.00 12.95 ? 19   ASP A OD1 1 
ATOM   157  O OD2 . ASP A 1 19  ? 1.680   4.004   -14.832 1.00 5.90  ? 19   ASP A OD2 1 
ATOM   158  N N   . HIS A 1 20  ? 2.251   2.432   -11.766 1.00 3.98  ? 20   HIS A N   1 
ATOM   159  C CA  . HIS A 1 20  ? 2.619   3.325   -10.682 1.00 2.96  ? 20   HIS A CA  1 
ATOM   160  C C   . HIS A 1 20  ? 2.004   2.816   -9.383  1.00 3.30  ? 20   HIS A C   1 
ATOM   161  O O   . HIS A 1 20  ? 1.169   1.902   -9.390  1.00 4.05  ? 20   HIS A O   1 
ATOM   162  C CB  . HIS A 1 20  ? 2.088   4.726   -10.994 1.00 3.29  ? 20   HIS A CB  1 
ATOM   163  C CG  . HIS A 1 20  ? 0.604   4.770   -11.189 1.00 5.04  ? 20   HIS A CG  1 
ATOM   164  N ND1 . HIS A 1 20  ? -0.280  4.770   -10.131 1.00 6.56  ? 20   HIS A ND1 1 
ATOM   165  C CD2 . HIS A 1 20  ? -0.152  4.779   -12.312 1.00 5.85  ? 20   HIS A CD2 1 
ATOM   166  C CE1 . HIS A 1 20  ? -1.517  4.776   -10.594 1.00 5.24  ? 20   HIS A CE1 1 
ATOM   167  N NE2 . HIS A 1 20  ? -1.469  4.781   -11.914 1.00 8.02  ? 20   HIS A NE2 1 
ATOM   168  N N   . ASP A 1 21  ? 2.407   3.422   -8.272  1.00 2.74  ? 21   ASP A N   1 
ATOM   169  C CA  . ASP A 1 21  ? 1.919   3.025   -6.960  1.00 3.11  ? 21   ASP A CA  1 
ATOM   170  C C   . ASP A 1 21  ? 0.425   3.275   -6.802  1.00 3.13  ? 21   ASP A C   1 
ATOM   171  O O   . ASP A 1 21  ? -0.124  4.235   -7.356  1.00 4.25  ? 21   ASP A O   1 
ATOM   172  C CB  . ASP A 1 21  ? 2.675   3.789   -5.875  1.00 4.48  ? 21   ASP A CB  1 
ATOM   173  C CG  . ASP A 1 21  ? 4.129   3.374   -5.765  1.00 4.50  ? 21   ASP A CG  1 
ATOM   174  O OD1 . ASP A 1 21  ? 4.621   2.583   -6.597  1.00 5.35  ? 21   ASP A OD1 1 
ATOM   175  O OD2 . ASP A 1 21  ? 4.788   3.857   -4.830  1.00 4.27  ? 21   ASP A OD2 1 
ATOM   176  N N   . ILE A 1 22  ? -0.222  2.425   -6.017  1.00 2.48  ? 22   ILE A N   1 
ATOM   177  C CA  . ILE A 1 22  ? -1.654  2.543   -5.788  1.00 3.22  ? 22   ILE A CA  1 
ATOM   178  C C   . ILE A 1 22  ? -2.041  2.258   -4.349  1.00 3.96  ? 22   ILE A C   1 
ATOM   179  O O   . ILE A 1 22  ? -1.267  1.688   -3.573  1.00 4.61  ? 22   ILE A O   1 
ATOM   180  C CB  . ILE A 1 22  ? -2.475  1.565   -6.687  1.00 3.77  ? 22   ILE A CB  1 
ATOM   181  C CG1 . ILE A 1 22  ? -2.049  0.111   -6.438  1.00 6.01  ? 22   ILE A CG1 1 
ATOM   182  C CG2 . ILE A 1 22  ? -2.294  1.938   -8.159  1.00 7.26  ? 22   ILE A CG2 1 
ATOM   183  C CD1 . ILE A 1 22  ? -2.922  -0.918  -7.163  1.00 8.07  ? 22   ILE A CD1 1 
ATOM   184  N N   . VAL A 1 23  ? -3.253  2.690   -4.018  1.00 3.86  ? 23   VAL A N   1 
ATOM   185  C CA  . VAL A 1 23  ? -3.861  2.468   -2.722  1.00 3.08  ? 23   VAL A CA  1 
ATOM   186  C C   . VAL A 1 23  ? -5.164  1.719   -3.004  1.00 4.29  ? 23   VAL A C   1 
ATOM   187  O O   . VAL A 1 23  ? -5.966  2.138   -3.842  1.00 4.38  ? 23   VAL A O   1 
ATOM   188  C CB  . VAL A 1 23  ? -4.173  3.800   -1.997  1.00 4.15  ? 23   VAL A CB  1 
ATOM   189  C CG1 . VAL A 1 23  ? -4.890  3.532   -0.678  1.00 5.37  ? 23   VAL A CG1 1 
ATOM   190  C CG2 . VAL A 1 23  ? -2.882  4.551   -1.741  1.00 5.74  ? 23   VAL A CG2 1 
ATOM   191  N N   . ILE A 1 24  ? -5.343  0.577   -2.349  1.00 4.44  ? 24   ILE A N   1 
ATOM   192  C CA  . ILE A 1 24  ? -6.551  -0.215  -2.507  1.00 3.45  ? 24   ILE A CA  1 
ATOM   193  C C   . ILE A 1 24  ? -7.287  -0.113  -1.175  1.00 3.69  ? 24   ILE A C   1 
ATOM   194  O O   . ILE A 1 24  ? -6.774  -0.543  -0.134  1.00 3.99  ? 24   ILE A O   1 
ATOM   195  C CB  . ILE A 1 24  ? -6.236  -1.695  -2.805  1.00 4.42  ? 24   ILE A CB  1 
ATOM   196  C CG1 . ILE A 1 24  ? -5.385  -1.802  -4.077  1.00 4.55  ? 24   ILE A CG1 1 
ATOM   197  C CG2 . ILE A 1 24  ? -7.534  -2.478  -2.952  1.00 6.19  ? 24   ILE A CG2 1 
ATOM   198  C CD1 . ILE A 1 24  ? -4.742  -3.174  -4.286  1.00 6.72  ? 24   ILE A CD1 1 
ATOM   199  N N   . TYR A 1 25  ? -8.467  0.494   -1.206  1.00 4.54  ? 25   TYR A N   1 
ATOM   200  C CA  . TYR A 1 25  ? -9.284  0.658   -0.012  1.00 4.81  ? 25   TYR A CA  1 
ATOM   201  C C   . TYR A 1 25  ? -10.051 -0.618  0.317   1.00 5.19  ? 25   TYR A C   1 
ATOM   202  O O   . TYR A 1 25  ? -10.233 -1.478  -0.538  1.00 5.19  ? 25   TYR A O   1 
ATOM   203  C CB  . TYR A 1 25  ? -10.241 1.830   -0.228  1.00 5.52  ? 25   TYR A CB  1 
ATOM   204  C CG  . TYR A 1 25  ? -9.494  3.138   -0.270  1.00 8.68  ? 25   TYR A CG  1 
ATOM   205  C CD1 . TYR A 1 25  ? -9.173  3.800   0.912   1.00 8.28  ? 25   TYR A CD1 1 
ATOM   206  C CD2 . TYR A 1 25  ? -9.021  3.666   -1.475  1.00 6.13  ? 25   TYR A CD2 1 
ATOM   207  C CE1 . TYR A 1 25  ? -8.401  4.945   0.910   1.00 9.62  ? 25   TYR A CE1 1 
ATOM   208  C CE2 . TYR A 1 25  ? -8.232  4.830   -1.486  1.00 9.21  ? 25   TYR A CE2 1 
ATOM   209  C CZ  . TYR A 1 25  ? -7.932  5.456   -0.278  1.00 9.49  ? 25   TYR A CZ  1 
ATOM   210  O OH  . TYR A 1 25  ? -7.154  6.592   -0.237  1.00 13.48 ? 25   TYR A OH  1 
ATOM   211  N N   . PRO A 1 26  ? -10.506 -0.763  1.575   1.00 5.19  ? 26   PRO A N   1 
ATOM   212  C CA  . PRO A 1 26  ? -11.256 -1.949  2.009   1.00 6.64  ? 26   PRO A CA  1 
ATOM   213  C C   . PRO A 1 26  ? -12.415 -2.336  1.099   1.00 6.22  ? 26   PRO A C   1 
ATOM   214  O O   . PRO A 1 26  ? -12.714 -3.523  0.945   1.00 7.10  ? 26   PRO A O   1 
ATOM   215  C CB  . PRO A 1 26  ? -11.737 -1.562  3.408   1.00 5.46  ? 26   PRO A CB  1 
ATOM   216  C CG  . PRO A 1 26  ? -10.630 -0.711  3.905   1.00 6.43  ? 26   PRO A CG  1 
ATOM   217  C CD  . PRO A 1 26  ? -10.262 0.145   2.711   1.00 4.28  ? 26   PRO A CD  1 
ATOM   218  N N   . SER A 1 27  ? -13.069 -1.331  0.523   1.00 5.52  ? 27   SER A N   1 
ATOM   219  C CA  . SER A 1 27  ? -14.204 -1.530  -0.379  1.00 4.36  ? 27   SER A CA  1 
ATOM   220  C C   . SER A 1 27  ? -13.784 -2.015  -1.750  1.00 5.90  ? 27   SER A C   1 
ATOM   221  O O   . SER A 1 27  ? -14.630 -2.408  -2.548  1.00 7.43  ? 27   SER A O   1 
ATOM   222  C CB  . SER A 1 27  ? -14.957 -0.216  -0.579  1.00 4.89  ? 27   SER A CB  1 
ATOM   223  O OG  . SER A 1 27  ? -14.108 0.749   -1.193  1.00 8.31  ? 27   SER A OG  1 
ATOM   224  N N   . GLY A 1 28  ? -12.490 -1.953  -2.043  1.00 4.64  ? 28   GLY A N   1 
ATOM   225  C CA  . GLY A 1 28  ? -12.034 -2.372  -3.355  1.00 5.11  ? 28   GLY A CA  1 
ATOM   226  C C   . GLY A 1 28  ? -11.793 -1.186  -4.272  1.00 5.23  ? 28   GLY A C   1 
ATOM   227  O O   . GLY A 1 28  ? -11.348 -1.358  -5.406  1.00 6.46  ? 28   GLY A O   1 
ATOM   228  N N   . ARG A 1 29  ? -12.108 0.021   -3.805  1.00 6.49  ? 29   ARG A N   1 
ATOM   229  C CA  . ARG A 1 29  ? -11.855 1.213   -4.609  1.00 6.55  ? 29   ARG A CA  1 
ATOM   230  C C   . ARG A 1 29  ? -10.338 1.348   -4.725  1.00 6.09  ? 29   ARG A C   1 
ATOM   231  O O   . ARG A 1 29  ? -9.605  1.071   -3.772  1.00 6.04  ? 29   ARG A O   1 
ATOM   232  C CB  . ARG A 1 29  ? -12.428 2.452   -3.927  1.00 10.28 ? 29   ARG A CB  1 
ATOM   233  C CG  . ARG A 1 29  ? -13.941 2.503   -3.955  1.00 18.96 ? 29   ARG A CG  1 
ATOM   234  C CD  . ARG A 1 29  ? -14.475 3.647   -3.124  1.00 21.50 ? 29   ARG A CD  1 
ATOM   235  N NE  . ARG A 1 29  ? -15.930 3.591   -3.051  1.00 30.56 ? 29   ARG A NE  1 
ATOM   236  C CZ  . ARG A 1 29  ? -16.668 4.321   -2.220  1.00 34.90 ? 29   ARG A CZ  1 
ATOM   237  N NH1 . ARG A 1 29  ? -16.087 5.172   -1.385  1.00 40.79 ? 29   ARG A NH1 1 
ATOM   238  N NH2 . ARG A 1 29  ? -17.987 4.194   -2.223  1.00 38.78 ? 29   ARG A NH2 1 
ATOM   239  N N   . ILE A 1 30  ? -9.871  1.760   -5.896  1.00 6.57  ? 30   ILE A N   1 
ATOM   240  C CA  . ILE A 1 30  ? -8.442  1.929   -6.132  1.00 7.91  ? 30   ILE A CA  1 
ATOM   241  C C   . ILE A 1 30  ? -8.133  3.371   -6.513  1.00 10.89 ? 30   ILE A C   1 
ATOM   242  O O   . ILE A 1 30  ? -8.837  3.970   -7.332  1.00 11.72 ? 30   ILE A O   1 
ATOM   243  C CB  . ILE A 1 30  ? -7.945  1.012   -7.275  1.00 7.05  ? 30   ILE A CB  1 
ATOM   244  C CG1 . ILE A 1 30  ? -8.223  -0.454  -6.934  1.00 10.32 ? 30   ILE A CG1 1 
ATOM   245  C CG2 . ILE A 1 30  ? -6.451  1.230   -7.505  1.00 11.00 ? 30   ILE A CG2 1 
ATOM   246  C CD1 . ILE A 1 30  ? -7.870  -1.412  -8.057  1.00 12.04 ? 30   ILE A CD1 1 
ATOM   247  N N   . GLU A 1 31  ? -7.094  3.933   -5.904  1.00 6.03  ? 31   GLU A N   1 
ATOM   248  C CA  . GLU A 1 31  ? -6.661  5.294   -6.210  1.00 6.89  ? 31   GLU A CA  1 
ATOM   249  C C   . GLU A 1 31  ? -5.151  5.304   -6.372  1.00 8.09  ? 31   GLU A C   1 
ATOM   250  O O   . GLU A 1 31  ? -4.452  4.396   -5.914  1.00 5.95  ? 31   GLU A O   1 
ATOM   251  C CB  . GLU A 1 31  ? -6.993  6.267   -5.080  1.00 8.51  ? 31   GLU A CB  1 
ATOM   252  C CG  . GLU A 1 31  ? -8.451  6.611   -4.889  1.00 15.18 ? 31   GLU A CG  1 
ATOM   253  C CD  . GLU A 1 31  ? -8.602  7.893   -4.090  1.00 25.36 ? 31   GLU A CD  1 
ATOM   254  O OE1 . GLU A 1 31  ? -7.738  8.781   -4.242  1.00 31.89 ? 31   GLU A OE1 1 
ATOM   255  O OE2 . GLU A 1 31  ? -9.580  8.024   -3.326  1.00 34.17 ? 31   GLU A OE2 1 
ATOM   256  N N   . ARG A 1 32  ? -4.635  6.345   -7.010  1.00 6.05  ? 32   ARG A N   1 
ATOM   257  C CA  . ARG A 1 32  ? -3.198  6.444   -7.169  1.00 6.56  ? 32   ARG A CA  1 
ATOM   258  C C   . ARG A 1 32  ? -2.599  6.802   -5.805  1.00 5.75  ? 32   ARG A C   1 
ATOM   259  O O   . ARG A 1 32  ? -3.235  7.471   -4.983  1.00 7.30  ? 32   ARG A O   1 
ATOM   260  C CB  . ARG A 1 32  ? -2.842  7.526   -8.199  1.00 9.63  ? 32   ARG A CB  1 
ATOM   261  C CG  . ARG A 1 32  ? -3.196  8.941   -7.779  1.00 12.72 ? 32   ARG A CG  1 
ATOM   262  C CD  . ARG A 1 32  ? -2.640  9.971   -8.765  1.00 12.34 ? 32   ARG A CD  1 
ATOM   263  N NE  . ARG A 1 32  ? -1.186  10.067  -8.687  1.00 11.41 ? 32   ARG A NE  1 
ATOM   264  C CZ  . ARG A 1 32  ? -0.525  10.809  -7.801  1.00 7.20  ? 32   ARG A CZ  1 
ATOM   265  N NH1 . ARG A 1 32  ? -1.179  11.543  -6.906  1.00 10.16 ? 32   ARG A NH1 1 
ATOM   266  N NH2 . ARG A 1 32  ? 0.799   10.808  -7.805  1.00 8.87  ? 32   ARG A NH2 1 
ATOM   267  N N   . ARG A 1 33  ? -1.390  6.325   -5.550  1.00 4.36  ? 33   ARG A N   1 
ATOM   268  C CA  . ARG A 1 33  ? -0.727  6.655   -4.306  1.00 4.27  ? 33   ARG A CA  1 
ATOM   269  C C   . ARG A 1 33  ? -0.174  8.077   -4.440  1.00 4.96  ? 33   ARG A C   1 
ATOM   270  O O   . ARG A 1 33  ? 0.478   8.401   -5.442  1.00 6.15  ? 33   ARG A O   1 
ATOM   271  C CB  . ARG A 1 33  ? 0.429   5.687   -4.034  1.00 4.82  ? 33   ARG A CB  1 
ATOM   272  C CG  . ARG A 1 33  ? 1.180   6.011   -2.757  1.00 5.50  ? 33   ARG A CG  1 
ATOM   273  C CD  . ARG A 1 33  ? 2.507   5.287   -2.629  1.00 4.20  ? 33   ARG A CD  1 
ATOM   274  N NE  . ARG A 1 33  ? 3.280   5.939   -1.575  1.00 4.73  ? 33   ARG A NE  1 
ATOM   275  C CZ  . ARG A 1 33  ? 4.602   5.904   -1.461  1.00 5.40  ? 33   ARG A CZ  1 
ATOM   276  N NH1 . ARG A 1 33  ? 5.343   5.229   -2.331  1.00 5.83  ? 33   ARG A NH1 1 
ATOM   277  N NH2 . ARG A 1 33  ? 5.185   6.594   -0.494  1.00 7.21  ? 33   ARG A NH2 1 
ATOM   278  N N   . MET A 1 34  ? -0.429  8.929   -3.449  1.00 4.24  ? 34   MET A N   1 
ATOM   279  C CA  . MET A 1 34  ? 0.067   10.301  -3.510  1.00 4.26  ? 34   MET A CA  1 
ATOM   280  C C   . MET A 1 34  ? 1.448   10.330  -2.862  1.00 4.38  ? 34   MET A C   1 
ATOM   281  O O   . MET A 1 34  ? 1.689   10.991  -1.850  1.00 5.40  ? 34   MET A O   1 
ATOM   282  C CB  . MET A 1 34  ? -0.866  11.246  -2.753  1.00 7.68  ? 34   MET A CB  1 
ATOM   283  C CG  . MET A 1 34  ? -2.281  11.175  -3.287  1.00 7.77  ? 34   MET A CG  1 
ATOM   284  S SD  . MET A 1 34  ? -3.301  12.537  -2.692  1.00 16.81 ? 34   MET A SD  1 
ATOM   285  C CE  . MET A 1 34  ? -3.492  12.075  -1.050  1.00 4.38  ? 34   MET A CE  1 
ATOM   286  N N   . LYS A 1 35  ? 2.368   9.607   -3.481  1.00 5.21  ? 35   LYS A N   1 
ATOM   287  C CA  . LYS A 1 35  ? 3.705   9.502   -2.946  1.00 7.39  ? 35   LYS A CA  1 
ATOM   288  C C   . LYS A 1 35  ? 4.434   10.829  -2.897  1.00 7.92  ? 35   LYS A C   1 
ATOM   289  O O   . LYS A 1 35  ? 5.365   10.995  -2.103  1.00 7.85  ? 35   LYS A O   1 
ATOM   290  C CB  . LYS A 1 35  ? 4.510   8.447   -3.711  1.00 13.14 ? 35   LYS A CB  1 
ATOM   291  C CG  . LYS A 1 35  ? 4.964   8.808   -5.096  1.00 12.68 ? 35   LYS A CG  1 
ATOM   292  C CD  . LYS A 1 35  ? 5.838   7.667   -5.603  1.00 15.69 ? 35   LYS A CD  1 
ATOM   293  C CE  . LYS A 1 35  ? 6.380   7.947   -6.972  1.00 15.08 ? 35   LYS A CE  1 
ATOM   294  N NZ  . LYS A 1 35  ? 7.056   6.737   -7.520  1.00 14.53 ? 35   LYS A NZ  1 
ATOM   295  N N   . GLU A 1 36  ? 4.003   11.785  -3.717  1.00 7.18  ? 36   GLU A N   1 
ATOM   296  C CA  . GLU A 1 36  ? 4.634   13.097  -3.706  1.00 7.68  ? 36   GLU A CA  1 
ATOM   297  C C   . GLU A 1 36  ? 4.570   13.722  -2.305  1.00 7.27  ? 36   GLU A C   1 
ATOM   298  O O   . GLU A 1 36  ? 5.418   14.532  -1.946  1.00 9.33  ? 36   GLU A O   1 
ATOM   299  C CB  . GLU A 1 36  ? 3.971   14.031  -4.728  1.00 7.64  ? 36   GLU A CB  1 
ATOM   300  C CG  . GLU A 1 36  ? 2.472   14.242  -4.543  1.00 7.95  ? 36   GLU A CG  1 
ATOM   301  C CD  . GLU A 1 36  ? 1.621   13.132  -5.143  1.00 7.11  ? 36   GLU A CD  1 
ATOM   302  O OE1 . GLU A 1 36  ? 2.181   12.148  -5.677  1.00 9.30  ? 36   GLU A OE1 1 
ATOM   303  O OE2 . GLU A 1 36  ? 0.380   13.258  -5.070  1.00 10.15 ? 36   GLU A OE2 1 
ATOM   304  N N   . ILE A 1 37  ? 3.582   13.347  -1.496  1.00 7.74  ? 37   ILE A N   1 
ATOM   305  C CA  . ILE A 1 37  ? 3.477   13.930  -0.159  1.00 8.95  ? 37   ILE A CA  1 
ATOM   306  C C   . ILE A 1 37  ? 4.663   13.576  0.725   1.00 9.36  ? 37   ILE A C   1 
ATOM   307  O O   . ILE A 1 37  ? 5.194   14.423  1.446   1.00 12.94 ? 37   ILE A O   1 
ATOM   308  C CB  . ILE A 1 37  ? 2.194   13.489  0.555   1.00 8.27  ? 37   ILE A CB  1 
ATOM   309  C CG1 . ILE A 1 37  ? 0.989   14.006  -0.229  1.00 10.85 ? 37   ILE A CG1 1 
ATOM   310  C CG2 . ILE A 1 37  ? 2.184   14.021  2.002   1.00 10.11 ? 37   ILE A CG2 1 
ATOM   311  C CD1 . ILE A 1 37  ? -0.360  13.513  0.269   1.00 12.41 ? 37   ILE A CD1 1 
ATOM   312  N N   . SER A 1 38  ? 5.074   12.318  0.681   1.00 8.31  ? 38   SER A N   1 
ATOM   313  C CA  . SER A 1 38  ? 6.205   11.899  1.482   1.00 10.91 ? 38   SER A CA  1 
ATOM   314  C C   . SER A 1 38  ? 7.487   12.527  0.922   1.00 19.64 ? 38   SER A C   1 
ATOM   315  O O   . SER A 1 38  ? 8.393   12.868  1.681   1.00 21.29 ? 38   SER A O   1 
ATOM   316  C CB  . SER A 1 38  ? 6.283   10.367  1.532   1.00 8.03  ? 38   SER A CB  1 
ATOM   317  O OG  . SER A 1 38  ? 5.275   9.845   2.392   1.00 7.57  ? 38   SER A OG  1 
ATOM   318  N N   . LYS A 1 39  ? 7.544   12.714  -0.397  1.00 20.29 ? 39   LYS A N   1 
ATOM   319  C CA  . LYS A 1 39  ? 8.713   13.320  -1.050  1.00 26.21 ? 39   LYS A CA  1 
ATOM   320  C C   . LYS A 1 39  ? 8.911   14.759  -0.594  1.00 32.46 ? 39   LYS A C   1 
ATOM   321  O O   . LYS A 1 39  ? 10.032  15.190  -0.319  1.00 30.45 ? 39   LYS A O   1 
ATOM   322  C CB  . LYS A 1 39  ? 8.537   13.346  -2.569  1.00 27.67 ? 39   LYS A CB  1 
ATOM   323  C CG  . LYS A 1 39  ? 9.518   12.502  -3.360  1.00 33.87 ? 39   LYS A CG  1 
ATOM   324  C CD  . LYS A 1 39  ? 8.918   11.144  -3.658  1.00 34.32 ? 39   LYS A CD  1 
ATOM   325  C CE  . LYS A 1 39  ? 9.747   10.357  -4.659  1.00 35.35 ? 39   LYS A CE  1 
ATOM   326  N NZ  . LYS A 1 39  ? 9.127   9.030   -4.938  1.00 37.93 ? 39   LYS A NZ  1 
ATOM   327  N N   . LYS A 1 40  ? 7.810   15.502  -0.537  1.00 31.64 ? 40   LYS A N   1 
ATOM   328  C CA  . LYS A 1 40  ? 7.840   16.905  -0.139  1.00 35.71 ? 40   LYS A CA  1 
ATOM   329  C C   . LYS A 1 40  ? 8.277   17.132  1.298   1.00 36.56 ? 40   LYS A C   1 
ATOM   330  O O   . LYS A 1 40  ? 7.938   18.152  1.900   1.00 42.32 ? 40   LYS A O   1 
ATOM   331  C CB  . LYS A 1 40  ? 6.471   17.551  -0.363  1.00 37.64 ? 40   LYS A CB  1 
ATOM   332  C CG  . LYS A 1 40  ? 6.431   18.525  -1.540  1.00 39.26 ? 40   LYS A CG  1 
ATOM   333  C CD  . LYS A 1 40  ? 5.611   17.995  -2.714  1.00 40.16 ? 40   LYS A CD  1 
ATOM   334  C CE  . LYS A 1 40  ? 6.200   16.721  -3.302  1.00 34.13 ? 40   LYS A CE  1 
ATOM   335  N NZ  . LYS A 1 40  ? 7.580   16.895  -3.824  1.00 41.65 ? 40   LYS A NZ  1 
ATOM   336  N N   . LYS A 1 41  ? 9.030   16.189  1.850   1.00 35.68 ? 41   LYS A N   1 
ATOM   337  C CA  . LYS A 1 41  ? 9.509   16.324  3.216   1.00 36.34 ? 41   LYS A CA  1 
ATOM   338  C C   . LYS A 1 41  ? 10.782  15.513  3.427   1.00 36.68 ? 41   LYS A C   1 
ATOM   339  O O   . LYS A 1 41  ? 11.732  15.987  4.053   1.00 39.53 ? 41   LYS A O   1 
ATOM   340  C CB  . LYS A 1 41  ? 8.430   15.865  4.202   1.00 35.08 ? 41   LYS A CB  1 
ATOM   341  C CG  . LYS A 1 41  ? 8.529   16.502  5.583   1.00 36.20 ? 41   LYS A CG  1 
ATOM   342  C CD  . LYS A 1 41  ? 9.825   16.142  6.295   1.00 37.07 ? 41   LYS A CD  1 
ATOM   343  C CE  . LYS A 1 41  ? 9.954   16.893  7.612   1.00 38.01 ? 41   LYS A CE  1 
ATOM   344  N NZ  . LYS A 1 41  ? 8.785   16.642  8.503   1.00 39.62 ? 41   LYS A NZ  1 
ATOM   345  N N   . HIS A 1 42  ? 10.803  14.298  2.890   1.00 36.84 ? 42   HIS A N   1 
ATOM   346  C CA  . HIS A 1 42  ? 11.947  13.406  3.042   1.00 37.07 ? 42   HIS A CA  1 
ATOM   347  C C   . HIS A 1 42  ? 12.791  13.250  1.778   1.00 38.29 ? 42   HIS A C   1 
ATOM   348  O O   . HIS A 1 42  ? 13.650  12.367  1.706   1.00 38.96 ? 42   HIS A O   1 
ATOM   349  C CB  . HIS A 1 42  ? 11.462  12.032  3.513   1.00 36.70 ? 42   HIS A CB  1 
ATOM   350  C CG  . HIS A 1 42  ? 10.680  12.077  4.787   1.00 37.83 ? 42   HIS A CG  1 
ATOM   351  N ND1 . HIS A 1 42  ? 9.499   12.780  4.912   1.00 38.63 ? 42   HIS A ND1 1 
ATOM   352  C CD2 . HIS A 1 42  ? 10.918  11.531  6.003   1.00 39.37 ? 42   HIS A CD2 1 
ATOM   353  C CE1 . HIS A 1 42  ? 9.050   12.668  6.148   1.00 35.93 ? 42   HIS A CE1 1 
ATOM   354  N NE2 . HIS A 1 42  ? 9.893   11.915  6.832   1.00 39.19 ? 42   HIS A NE2 1 
ATOM   355  N N   . GLY A 1 43  ? 12.547  14.102  0.788   1.00 36.63 ? 43   GLY A N   1 
ATOM   356  C CA  . GLY A 1 43  ? 13.304  14.028  -0.450  1.00 37.34 ? 43   GLY A CA  1 
ATOM   357  C C   . GLY A 1 43  ? 13.060  12.735  -1.204  1.00 35.86 ? 43   GLY A C   1 
ATOM   358  O O   . GLY A 1 43  ? 13.537  12.560  -2.328  1.00 34.06 ? 43   GLY A O   1 
ATOM   359  N N   . THR A 1 44  ? 12.324  11.824  -0.578  1.00 38.58 ? 44   THR A N   1 
ATOM   360  C CA  . THR A 1 44  ? 11.993  10.535  -1.178  1.00 38.29 ? 44   THR A CA  1 
ATOM   361  C C   . THR A 1 44  ? 10.808  9.908   -0.455  1.00 35.96 ? 44   THR A C   1 
ATOM   362  O O   . THR A 1 44  ? 10.642  10.082  0.755   1.00 39.39 ? 44   THR A O   1 
ATOM   363  C CB  . THR A 1 44  ? 13.189  9.552   -1.120  1.00 35.64 ? 44   THR A CB  1 
ATOM   364  O OG1 . THR A 1 44  ? 12.776  8.266   -1.603  1.00 40.77 ? 44   THR A OG1 1 
ATOM   365  C CG2 . THR A 1 44  ? 13.704  9.411   0.305   1.00 35.58 ? 44   THR A CG2 1 
ATOM   366  N N   . SER A 1 45  ? 9.980   9.184   -1.202  1.00 37.18 ? 45   SER A N   1 
ATOM   367  C CA  . SER A 1 45  ? 8.815   8.524   -0.628  1.00 36.58 ? 45   SER A CA  1 
ATOM   368  C C   . SER A 1 45  ? 9.204   7.159   -0.080  1.00 36.30 ? 45   SER A C   1 
ATOM   369  O O   . SER A 1 45  ? 8.344   6.385   0.336   1.00 36.54 ? 45   SER A O   1 
ATOM   370  C CB  . SER A 1 45  ? 7.721   8.362   -1.682  1.00 39.39 ? 45   SER A CB  1 
ATOM   371  O OG  . SER A 1 45  ? 7.262   9.624   -2.121  1.00 40.16 ? 45   SER A OG  1 
ATOM   372  N N   . HIS A 1 46  ? 10.509  6.890   -0.096  1.00 33.00 ? 46   HIS A N   1 
ATOM   373  C CA  . HIS A 1 46  ? 11.102  5.644   0.398   1.00 32.82 ? 46   HIS A CA  1 
ATOM   374  C C   . HIS A 1 46  ? 10.777  5.477   1.875   1.00 28.10 ? 46   HIS A C   1 
ATOM   375  O O   . HIS A 1 46  ? 10.973  4.409   2.465   1.00 20.63 ? 46   HIS A O   1 
ATOM   376  C CB  . HIS A 1 46  ? 12.619  5.698   0.251   1.00 34.97 ? 46   HIS A CB  1 
ATOM   377  C CG  . HIS A 1 46  ? 13.183  4.635   -0.635  1.00 37.80 ? 46   HIS A CG  1 
ATOM   378  N ND1 . HIS A 1 46  ? 14.489  4.209   -0.537  1.00 36.49 ? 46   HIS A ND1 1 
ATOM   379  C CD2 . HIS A 1 46  ? 12.636  3.941   -1.662  1.00 40.08 ? 46   HIS A CD2 1 
ATOM   380  C CE1 . HIS A 1 46  ? 14.723  3.298   -1.464  1.00 38.75 ? 46   HIS A CE1 1 
ATOM   381  N NE2 . HIS A 1 46  ? 13.615  3.117   -2.160  1.00 39.16 ? 46   HIS A NE2 1 
ATOM   382  N N   . LYS A 1 47  ? 10.325  6.575   2.467   1.00 21.48 ? 47   LYS A N   1 
ATOM   383  C CA  . LYS A 1 47  ? 9.939   6.627   3.865   1.00 19.95 ? 47   LYS A CA  1 
ATOM   384  C C   . LYS A 1 47  ? 8.536   7.211   3.849   1.00 21.81 ? 47   LYS A C   1 
ATOM   385  O O   . LYS A 1 47  ? 8.364   8.430   3.798   1.00 24.71 ? 47   LYS A O   1 
ATOM   386  C CB  . LYS A 1 47  ? 10.878  7.552   4.641   1.00 25.03 ? 47   LYS A CB  1 
ATOM   387  C CG  . LYS A 1 47  ? 12.335  7.123   4.627   1.00 28.44 ? 47   LYS A CG  1 
ATOM   388  C CD  . LYS A 1 47  ? 12.538  5.836   5.404   1.00 28.00 ? 47   LYS A CD  1 
ATOM   389  C CE  . LYS A 1 47  ? 13.997  5.403   5.365   1.00 29.78 ? 47   LYS A CE  1 
ATOM   390  N NZ  . LYS A 1 47  ? 14.220  4.139   6.120   1.00 37.34 ? 47   LYS A NZ  1 
ATOM   391  N N   . LEU A 1 48  ? 7.536   6.338   3.882   1.00 11.82 ? 48   LEU A N   1 
ATOM   392  C CA  . LEU A 1 48  ? 6.147   6.780   3.843   1.00 10.57 ? 48   LEU A CA  1 
ATOM   393  C C   . LEU A 1 48  ? 5.846   7.517   5.141   1.00 7.24  ? 48   LEU A C   1 
ATOM   394  O O   . LEU A 1 48  ? 5.872   6.924   6.221   1.00 8.92  ? 48   LEU A O   1 
ATOM   395  C CB  . LEU A 1 48  ? 5.224   5.573   3.651   1.00 8.04  ? 48   LEU A CB  1 
ATOM   396  C CG  . LEU A 1 48  ? 3.858   5.927   3.054   1.00 9.80  ? 48   LEU A CG  1 
ATOM   397  C CD1 . LEU A 1 48  ? 3.276   4.712   2.338   1.00 10.50 ? 48   LEU A CD1 1 
ATOM   398  C CD2 . LEU A 1 48  ? 2.930   6.445   4.143   1.00 11.02 ? 48   LEU A CD2 1 
ATOM   399  N N   . ASP A 1 49  ? 5.564   8.812   5.049   1.00 8.84  ? 49   ASP A N   1 
ATOM   400  C CA  . ASP A 1 49  ? 5.341   9.551   6.279   1.00 10.62 ? 49   ASP A CA  1 
ATOM   401  C C   . ASP A 1 49  ? 3.887   9.704   6.704   1.00 9.94  ? 49   ASP A C   1 
ATOM   402  O O   . ASP A 1 49  ? 2.964   9.412   5.944   1.00 6.32  ? 49   ASP A O   1 
ATOM   403  C CB  . ASP A 1 49  ? 6.075   10.907  6.251   1.00 17.47 ? 49   ASP A CB  1 
ATOM   404  C CG  . ASP A 1 49  ? 5.467   11.905  5.301   1.00 17.57 ? 49   ASP A CG  1 
ATOM   405  O OD1 . ASP A 1 49  ? 4.264   11.807  4.988   1.00 16.10 ? 49   ASP A OD1 1 
ATOM   406  O OD2 . ASP A 1 49  ? 6.206   12.827  4.889   1.00 27.02 ? 49   ASP A OD2 1 
ATOM   407  N N   . PRO A 1 50  ? 3.667   10.147  7.948   1.00 8.21  ? 50   PRO A N   1 
ATOM   408  C CA  . PRO A 1 50  ? 2.288   10.294  8.409   1.00 8.27  ? 50   PRO A CA  1 
ATOM   409  C C   . PRO A 1 50  ? 1.408   11.262  7.645   1.00 6.53  ? 50   PRO A C   1 
ATOM   410  O O   . PRO A 1 50  ? 0.206   11.047  7.549   1.00 7.65  ? 50   PRO A O   1 
ATOM   411  C CB  . PRO A 1 50  ? 2.453   10.648  9.890   1.00 9.06  ? 50   PRO A CB  1 
ATOM   412  C CG  . PRO A 1 50  ? 3.767   11.337  9.934   1.00 11.17 ? 50   PRO A CG  1 
ATOM   413  C CD  . PRO A 1 50  ? 4.622   10.504  9.011   1.00 10.32 ? 50   PRO A CD  1 
ATOM   414  N N   . GLU A 1 51  ? 1.992   12.324  7.104   1.00 6.87  ? 51   GLU A N   1 
ATOM   415  C CA  . GLU A 1 51  ? 1.210   13.278  6.331   1.00 6.67  ? 51   GLU A CA  1 
ATOM   416  C C   . GLU A 1 51  ? 0.590   12.580  5.128   1.00 6.46  ? 51   GLU A C   1 
ATOM   417  O O   . GLU A 1 51  ? -0.529  12.900  4.721   1.00 9.27  ? 51   GLU A O   1 
ATOM   418  C CB  . GLU A 1 51  ? 2.086   14.441  5.857   1.00 8.21  ? 51   GLU A CB  1 
ATOM   419  C CG  . GLU A 1 51  ? 2.547   15.377  6.975   1.00 19.47 ? 51   GLU A CG  1 
ATOM   420  C CD  . GLU A 1 51  ? 3.785   14.888  7.728   1.00 24.88 ? 51   GLU A CD  1 
ATOM   421  O OE1 . GLU A 1 51  ? 4.298   13.785  7.437   1.00 22.13 ? 51   GLU A OE1 1 
ATOM   422  O OE2 . GLU A 1 51  ? 4.251   15.625  8.622   1.00 27.09 ? 51   GLU A OE2 1 
ATOM   423  N N   . GLU A 1 52  ? 1.319   11.629  4.549   1.00 5.33  ? 52   GLU A N   1 
ATOM   424  C CA  . GLU A 1 52  ? 0.782   10.907  3.410   1.00 4.24  ? 52   GLU A CA  1 
ATOM   425  C C   . GLU A 1 52  ? -0.237  9.866   3.875   1.00 4.81  ? 52   GLU A C   1 
ATOM   426  O O   . GLU A 1 52  ? -1.343  9.792   3.340   1.00 5.40  ? 52   GLU A O   1 
ATOM   427  C CB  . GLU A 1 52  ? 1.887   10.205  2.601   1.00 4.48  ? 52   GLU A CB  1 
ATOM   428  C CG  . GLU A 1 52  ? 1.301   9.470   1.380   1.00 5.34  ? 52   GLU A CG  1 
ATOM   429  C CD  . GLU A 1 52  ? 2.274   8.584   0.620   1.00 6.26  ? 52   GLU A CD  1 
ATOM   430  O OE1 . GLU A 1 52  ? 1.788   7.737   -0.163  1.00 6.56  ? 52   GLU A OE1 1 
ATOM   431  O OE2 . GLU A 1 52  ? 3.502   8.725   0.789   1.00 7.46  ? 52   GLU A OE2 1 
ATOM   432  N N   . LEU A 1 53  ? 0.127   9.059   4.871   1.00 5.64  ? 53   LEU A N   1 
ATOM   433  C CA  . LEU A 1 53  ? -0.779  8.018   5.345   1.00 5.70  ? 53   LEU A CA  1 
ATOM   434  C C   . LEU A 1 53  ? -2.146  8.535   5.788   1.00 5.69  ? 53   LEU A C   1 
ATOM   435  O O   . LEU A 1 53  ? -3.169  7.897   5.551   1.00 4.63  ? 53   LEU A O   1 
ATOM   436  C CB  . LEU A 1 53  ? -0.126  7.227   6.484   1.00 5.00  ? 53   LEU A CB  1 
ATOM   437  C CG  . LEU A 1 53  ? -0.925  6.068   7.089   1.00 4.63  ? 53   LEU A CG  1 
ATOM   438  C CD1 . LEU A 1 53  ? -1.362  5.087   5.994   1.00 7.94  ? 53   LEU A CD1 1 
ATOM   439  C CD2 . LEU A 1 53  ? -0.065  5.368   8.124   1.00 7.71  ? 53   LEU A CD2 1 
ATOM   440  N N   . GLU A 1 54  ? -2.173  9.696   6.424   1.00 4.85  ? 54   GLU A N   1 
ATOM   441  C CA  . GLU A 1 54  ? -3.426  10.258  6.895   1.00 4.83  ? 54   GLU A CA  1 
ATOM   442  C C   . GLU A 1 54  ? -4.422  10.476  5.760   1.00 6.69  ? 54   GLU A C   1 
ATOM   443  O O   . GLU A 1 54  ? -5.631  10.396  5.978   1.00 5.52  ? 54   GLU A O   1 
ATOM   444  C CB  . GLU A 1 54  ? -3.151  11.575  7.638   1.00 4.59  ? 54   GLU A CB  1 
ATOM   445  C CG  . GLU A 1 54  ? -4.362  12.211  8.328   1.00 7.24  ? 54   GLU A CG  1 
ATOM   446  C CD  . GLU A 1 54  ? -5.189  13.105  7.415   1.00 7.86  ? 54   GLU A CD  1 
ATOM   447  O OE1 . GLU A 1 54  ? -4.697  13.497  6.335   1.00 9.91  ? 54   GLU A OE1 1 
ATOM   448  O OE2 . GLU A 1 54  ? -6.335  13.435  7.794   1.00 6.93  ? 54   GLU A OE2 1 
ATOM   449  N N   . LYS A 1 55  ? -3.922  10.736  4.552   1.00 4.88  ? 55   LYS A N   1 
ATOM   450  C CA  . LYS A 1 55  ? -4.807  10.955  3.405   1.00 4.70  ? 55   LYS A CA  1 
ATOM   451  C C   . LYS A 1 55  ? -5.569  9.693   3.019   1.00 4.27  ? 55   LYS A C   1 
ATOM   452  O O   . LYS A 1 55  ? -6.580  9.773   2.324   1.00 6.97  ? 55   LYS A O   1 
ATOM   453  C CB  . LYS A 1 55  ? -4.028  11.434  2.168   1.00 6.27  ? 55   LYS A CB  1 
ATOM   454  C CG  . LYS A 1 55  ? -3.233  12.717  2.343   1.00 8.31  ? 55   LYS A CG  1 
ATOM   455  C CD  . LYS A 1 55  ? -4.136  13.875  2.713   1.00 13.35 ? 55   LYS A CD  1 
ATOM   456  C CE  . LYS A 1 55  ? -3.342  15.159  2.808   1.00 17.08 ? 55   LYS A CE  1 
ATOM   457  N NZ  . LYS A 1 55  ? -4.225  16.321  3.075   1.00 23.97 ? 55   LYS A NZ  1 
ATOM   458  N N   . TYR A 1 56  ? -5.102  8.532   3.478   1.00 4.76  ? 56   TYR A N   1 
ATOM   459  C CA  . TYR A 1 56  ? -5.749  7.273   3.123   1.00 5.97  ? 56   TYR A CA  1 
ATOM   460  C C   . TYR A 1 56  ? -6.704  6.776   4.186   1.00 6.66  ? 56   TYR A C   1 
ATOM   461  O O   . TYR A 1 56  ? -7.282  5.700   4.038   1.00 7.43  ? 56   TYR A O   1 
ATOM   462  C CB  . TYR A 1 56  ? -4.696  6.203   2.836   1.00 6.46  ? 56   TYR A CB  1 
ATOM   463  C CG  . TYR A 1 56  ? -3.652  6.656   1.847   1.00 3.98  ? 56   TYR A CG  1 
ATOM   464  C CD1 . TYR A 1 56  ? -2.314  6.319   2.019   1.00 4.73  ? 56   TYR A CD1 1 
ATOM   465  C CD2 . TYR A 1 56  ? -3.994  7.472   0.766   1.00 5.30  ? 56   TYR A CD2 1 
ATOM   466  C CE1 . TYR A 1 56  ? -1.329  6.791   1.142   1.00 5.49  ? 56   TYR A CE1 1 
ATOM   467  C CE2 . TYR A 1 56  ? -3.015  7.944   -0.119  1.00 4.95  ? 56   TYR A CE2 1 
ATOM   468  C CZ  . TYR A 1 56  ? -1.689  7.600   0.082   1.00 5.15  ? 56   TYR A CZ  1 
ATOM   469  O OH  . TYR A 1 56  ? -0.724  8.065   -0.774  1.00 6.88  ? 56   TYR A OH  1 
ATOM   470  N N   . LEU A 1 57  ? -6.866  7.550   5.258   1.00 4.65  ? 57   LEU A N   1 
ATOM   471  C CA  . LEU A 1 57  ? -7.791  7.179   6.327   1.00 4.59  ? 57   LEU A CA  1 
ATOM   472  C C   . LEU A 1 57  ? -9.171  7.696   5.913   1.00 6.30  ? 57   LEU A C   1 
ATOM   473  O O   . LEU A 1 57  ? -9.663  8.728   6.398   1.00 7.26  ? 57   LEU A O   1 
ATOM   474  C CB  . LEU A 1 57  ? -7.338  7.801   7.647   1.00 6.28  ? 57   LEU A CB  1 
ATOM   475  C CG  . LEU A 1 57  ? -5.890  7.444   7.996   1.00 6.76  ? 57   LEU A CG  1 
ATOM   476  C CD1 . LEU A 1 57  ? -5.556  8.070   9.341   1.00 9.17  ? 57   LEU A CD1 1 
ATOM   477  C CD2 . LEU A 1 57  ? -5.700  5.933   8.061   1.00 8.48  ? 57   LEU A CD2 1 
ATOM   478  N N   . VAL A 1 58  ? -9.790  6.952   5.005   1.00 5.47  ? 58   VAL A N   1 
ATOM   479  C CA  . VAL A 1 58  ? -11.083 7.310   4.422   1.00 7.79  ? 58   VAL A CA  1 
ATOM   480  C C   . VAL A 1 58  ? -12.174 6.305   4.766   1.00 6.52  ? 58   VAL A C   1 
ATOM   481  O O   . VAL A 1 58  ? -13.325 6.682   4.992   1.00 8.56  ? 58   VAL A O   1 
ATOM   482  C CB  . VAL A 1 58  ? -10.938 7.421   2.882   1.00 12.72 ? 58   VAL A CB  1 
ATOM   483  C CG1 . VAL A 1 58  ? -12.264 7.764   2.243   1.00 13.49 ? 58   VAL A CG1 1 
ATOM   484  C CG2 . VAL A 1 58  ? -9.895  8.489   2.539   1.00 15.52 ? 58   VAL A CG2 1 
ATOM   485  N N   . GLU A 1 59  ? -11.811 5.024   4.769   1.00 5.49  ? 59   GLU A N   1 
ATOM   486  C CA  . GLU A 1 59  ? -12.730 3.953   5.128   1.00 5.37  ? 59   GLU A CA  1 
ATOM   487  C C   . GLU A 1 59  ? -12.149 3.264   6.354   1.00 5.43  ? 59   GLU A C   1 
ATOM   488  O O   . GLU A 1 59  ? -10.927 3.227   6.538   1.00 6.72  ? 59   GLU A O   1 
ATOM   489  C CB  . GLU A 1 59  ? -12.847 2.923   4.000   1.00 5.24  ? 59   GLU A CB  1 
ATOM   490  C CG  . GLU A 1 59  ? -13.377 3.485   2.699   1.00 5.28  ? 59   GLU A CG  1 
ATOM   491  C CD  . GLU A 1 59  ? -13.437 2.438   1.595   1.00 6.47  ? 59   GLU A CD  1 
ATOM   492  O OE1 . GLU A 1 59  ? -13.740 2.816   0.445   1.00 7.99  ? 59   GLU A OE1 1 
ATOM   493  O OE2 . GLU A 1 59  ? -13.180 1.248   1.880   1.00 8.27  ? 59   GLU A OE2 1 
ATOM   494  N N   . ASP A 1 60  ? -13.027 2.725   7.193   1.00 6.90  ? 60   ASP A N   1 
ATOM   495  C CA  . ASP A 1 60  ? -12.605 2.011   8.390   1.00 8.77  ? 60   ASP A CA  1 
ATOM   496  C C   . ASP A 1 60  ? -11.884 0.736   7.933   1.00 6.19  ? 60   ASP A C   1 
ATOM   497  O O   . ASP A 1 60  ? -12.254 0.128   6.923   1.00 8.00  ? 60   ASP A O   1 
ATOM   498  C CB  . ASP A 1 60  ? -13.840 1.660   9.227   1.00 15.05 ? 60   ASP A CB  1 
ATOM   499  C CG  . ASP A 1 60  ? -13.494 1.214   10.633  1.00 24.65 ? 60   ASP A CG  1 
ATOM   500  O OD1 . ASP A 1 60  ? -12.584 1.806   11.241  1.00 24.39 ? 60   ASP A OD1 1 
ATOM   501  O OD2 . ASP A 1 60  ? -14.148 0.282   11.142  1.00 34.21 ? 60   ASP A OD2 1 
ATOM   502  N N   . PHE A 1 61  ? -10.850 0.338   8.663   1.00 5.87  ? 61   PHE A N   1 
ATOM   503  C CA  . PHE A 1 61  ? -10.114 -0.866  8.305   1.00 6.48  ? 61   PHE A CA  1 
ATOM   504  C C   . PHE A 1 61  ? -9.530  -1.538  9.539   1.00 6.99  ? 61   PHE A C   1 
ATOM   505  O O   . PHE A 1 61  ? -9.374  -0.909  10.590  1.00 7.06  ? 61   PHE A O   1 
ATOM   506  C CB  . PHE A 1 61  ? -9.003  -0.539  7.282   1.00 7.19  ? 61   PHE A CB  1 
ATOM   507  C CG  . PHE A 1 61  ? -7.964  0.434   7.783   1.00 6.88  ? 61   PHE A CG  1 
ATOM   508  C CD1 . PHE A 1 61  ? -6.748  -0.020  8.289   1.00 4.61  ? 61   PHE A CD1 1 
ATOM   509  C CD2 . PHE A 1 61  ? -8.209  1.806   7.758   1.00 8.60  ? 61   PHE A CD2 1 
ATOM   510  C CE1 . PHE A 1 61  ? -5.786  0.879   8.764   1.00 6.68  ? 61   PHE A CE1 1 
ATOM   511  C CE2 . PHE A 1 61  ? -7.264  2.712   8.227   1.00 9.54  ? 61   PHE A CE2 1 
ATOM   512  C CZ  . PHE A 1 61  ? -6.045  2.246   8.735   1.00 7.85  ? 61   PHE A CZ  1 
ATOM   513  N N   . ASP A 1 62  ? -9.228  -2.824  9.390   1.00 6.58  ? 62   ASP A N   1 
ATOM   514  C CA  . ASP A 1 62  ? -8.658  -3.647  10.453  1.00 5.08  ? 62   ASP A CA  1 
ATOM   515  C C   . ASP A 1 62  ? -7.173  -3.858  10.230  1.00 5.65  ? 62   ASP A C   1 
ATOM   516  O O   . ASP A 1 62  ? -6.386  -3.959  11.173  1.00 5.60  ? 62   ASP A O   1 
ATOM   517  C CB  . ASP A 1 62  ? -9.319  -5.031  10.457  1.00 9.37  ? 62   ASP A CB  1 
ATOM   518  C CG  . ASP A 1 62  ? -10.822 -4.967  10.626  1.00 10.15 ? 62   ASP A CG  1 
ATOM   519  O OD1 . ASP A 1 62  ? -11.276 -4.346  11.612  1.00 12.52 ? 62   ASP A OD1 1 
ATOM   520  O OD2 . ASP A 1 62  ? -11.545 -5.542  9.777   1.00 10.36 ? 62   ASP A OD2 1 
ATOM   521  N N   . VAL A 1 63  ? -6.803  -3.914  8.959   1.00 5.27  ? 63   VAL A N   1 
ATOM   522  C CA  . VAL A 1 63  ? -5.444  -4.207  8.561   1.00 5.92  ? 63   VAL A CA  1 
ATOM   523  C C   . VAL A 1 63  ? -4.880  -3.206  7.577   1.00 4.22  ? 63   VAL A C   1 
ATOM   524  O O   . VAL A 1 63  ? -5.568  -2.839  6.629   1.00 5.73  ? 63   VAL A O   1 
ATOM   525  C CB  . VAL A 1 63  ? -5.402  -5.584  7.845   1.00 5.06  ? 63   VAL A CB  1 
ATOM   526  C CG1 . VAL A 1 63  ? -3.983  -5.907  7.379   1.00 6.36  ? 63   VAL A CG1 1 
ATOM   527  C CG2 . VAL A 1 63  ? -5.938  -6.679  8.756   1.00 10.02 ? 63   VAL A CG2 1 
ATOM   528  N N   . LEU A 1 64  ? -3.654  -2.747  7.824   1.00 5.08  ? 64   LEU A N   1 
ATOM   529  C CA  . LEU A 1 64  ? -2.946  -1.890  6.871   1.00 2.59  ? 64   LEU A CA  1 
ATOM   530  C C   . LEU A 1 64  ? -1.873  -2.815  6.299   1.00 6.17  ? 64   LEU A C   1 
ATOM   531  O O   . LEU A 1 64  ? -1.015  -3.325  7.033   1.00 7.50  ? 64   LEU A O   1 
ATOM   532  C CB  . LEU A 1 64  ? -2.255  -0.682  7.525   1.00 5.44  ? 64   LEU A CB  1 
ATOM   533  C CG  . LEU A 1 64  ? -1.309  0.044   6.542   1.00 4.37  ? 64   LEU A CG  1 
ATOM   534  C CD1 . LEU A 1 64  ? -2.097  0.696   5.402   1.00 8.05  ? 64   LEU A CD1 1 
ATOM   535  C CD2 . LEU A 1 64  ? -0.486  1.081   7.281   1.00 7.21  ? 64   LEU A CD2 1 
ATOM   536  N N   . LEU A 1 65  ? -1.946  -3.054  4.993   1.00 5.74  ? 65   LEU A N   1 
ATOM   537  C CA  . LEU A 1 65  ? -0.990  -3.913  4.305   1.00 3.87  ? 65   LEU A CA  1 
ATOM   538  C C   . LEU A 1 65  ? -0.166  -3.059  3.355   1.00 5.14  ? 65   LEU A C   1 
ATOM   539  O O   . LEU A 1 65  ? -0.705  -2.379  2.480   1.00 6.62  ? 65   LEU A O   1 
ATOM   540  C CB  . LEU A 1 65  ? -1.730  -5.017  3.539   1.00 4.67  ? 65   LEU A CB  1 
ATOM   541  C CG  . LEU A 1 65  ? -0.921  -6.050  2.732   1.00 9.66  ? 65   LEU A CG  1 
ATOM   542  C CD1 A LEU A 1 65  ? -0.563  -5.484  1.366   0.50 14.02 ? 65   LEU A CD1 1 
ATOM   543  C CD1 B LEU A 1 65  ? -1.645  -7.385  2.737   0.50 13.93 ? 65   LEU A CD1 1 
ATOM   544  C CD2 A LEU A 1 65  ? 0.308   -6.482  3.512   0.50 14.91 ? 65   LEU A CD2 1 
ATOM   545  C CD2 B LEU A 1 65  ? -0.679  -5.544  1.316   0.50 15.09 ? 65   LEU A CD2 1 
ATOM   546  N N   . VAL A 1 66  ? 1.146   -3.079  3.542   1.00 5.09  ? 66   VAL A N   1 
ATOM   547  C CA  . VAL A 1 66  ? 2.024   -2.296  2.688   1.00 4.36  ? 66   VAL A CA  1 
ATOM   548  C C   . VAL A 1 66  ? 2.940   -3.176  1.853   1.00 5.41  ? 66   VAL A C   1 
ATOM   549  O O   . VAL A 1 66  ? 3.662   -4.015  2.396   1.00 7.01  ? 66   VAL A O   1 
ATOM   550  C CB  . VAL A 1 66  ? 2.921   -1.325  3.516   1.00 3.99  ? 66   VAL A CB  1 
ATOM   551  C CG1 . VAL A 1 66  ? 3.767   -0.451  2.584   1.00 4.36  ? 66   VAL A CG1 1 
ATOM   552  C CG2 . VAL A 1 66  ? 2.053   -0.441  4.418   1.00 7.17  ? 66   VAL A CG2 1 
ATOM   553  N N   . GLY A 1 67  ? 2.864   -3.000  0.534   1.00 4.70  ? 67   GLY A N   1 
ATOM   554  C CA  . GLY A 1 67  ? 3.740   -3.686  -0.407  1.00 4.62  ? 67   GLY A CA  1 
ATOM   555  C C   . GLY A 1 67  ? 4.906   -2.708  -0.479  1.00 4.91  ? 67   GLY A C   1 
ATOM   556  O O   . GLY A 1 67  ? 4.798   -1.619  -1.062  1.00 4.48  ? 67   GLY A O   1 
ATOM   557  N N   . THR A 1 68  ? 6.028   -3.104  0.116   1.00 4.97  ? 68   THR A N   1 
ATOM   558  C CA  . THR A 1 68  ? 7.198   -2.246  0.248   1.00 4.63  ? 68   THR A CA  1 
ATOM   559  C C   . THR A 1 68  ? 8.121   -2.127  -0.946  1.00 4.77  ? 68   THR A C   1 
ATOM   560  O O   . THR A 1 68  ? 9.257   -1.667  -0.809  1.00 4.47  ? 68   THR A O   1 
ATOM   561  C CB  . THR A 1 68  ? 8.010   -2.714  1.462   1.00 4.77  ? 68   THR A CB  1 
ATOM   562  O OG1 . THR A 1 68  ? 8.355   -4.090  1.277   1.00 5.89  ? 68   THR A OG1 1 
ATOM   563  C CG2 . THR A 1 68  ? 7.180   -2.575  2.745   1.00 7.12  ? 68   THR A CG2 1 
ATOM   564  N N   . GLY A 1 69  ? 7.619   -2.507  -2.115  1.00 5.32  ? 69   GLY A N   1 
ATOM   565  C CA  . GLY A 1 69  ? 8.421   -2.478  -3.317  1.00 5.28  ? 69   GLY A CA  1 
ATOM   566  C C   . GLY A 1 69  ? 8.811   -3.906  -3.639  1.00 2.67  ? 69   GLY A C   1 
ATOM   567  O O   . GLY A 1 69  ? 8.848   -4.762  -2.757  1.00 4.67  ? 69   GLY A O   1 
ATOM   568  N N   . ILE A 1 70  ? 9.086   -4.176  -4.906  1.00 4.16  ? 70   ILE A N   1 
ATOM   569  C CA  . ILE A 1 70  ? 9.503   -5.509  -5.313  1.00 4.50  ? 70   ILE A CA  1 
ATOM   570  C C   . ILE A 1 70  ? 10.719  -5.932  -4.489  1.00 4.43  ? 70   ILE A C   1 
ATOM   571  O O   . ILE A 1 70  ? 10.845  -7.101  -4.129  1.00 5.41  ? 70   ILE A O   1 
ATOM   572  C CB  . ILE A 1 70  ? 9.865   -5.520  -6.813  1.00 5.40  ? 70   ILE A CB  1 
ATOM   573  C CG1 . ILE A 1 70  ? 8.609   -5.277  -7.655  1.00 6.28  ? 70   ILE A CG1 1 
ATOM   574  C CG2 . ILE A 1 70  ? 10.557  -6.834  -7.190  1.00 3.92  ? 70   ILE A CG2 1 
ATOM   575  C CD1 . ILE A 1 70  ? 7.548   -6.383  -7.576  1.00 6.37  ? 70   ILE A CD1 1 
ATOM   576  N N   . TYR A 1 71  ? 11.590  -4.976  -4.171  1.00 3.82  ? 71   TYR A N   1 
ATOM   577  C CA  . TYR A 1 71  ? 12.795  -5.272  -3.404  1.00 5.62  ? 71   TYR A CA  1 
ATOM   578  C C   . TYR A 1 71  ? 12.743  -4.824  -1.941  1.00 6.69  ? 71   TYR A C   1 
ATOM   579  O O   . TYR A 1 71  ? 13.764  -4.790  -1.247  1.00 7.32  ? 71   TYR A O   1 
ATOM   580  C CB  . TYR A 1 71  ? 14.017  -4.690  -4.126  1.00 5.70  ? 71   TYR A CB  1 
ATOM   581  C CG  . TYR A 1 71  ? 14.242  -5.335  -5.480  1.00 4.05  ? 71   TYR A CG  1 
ATOM   582  C CD1 . TYR A 1 71  ? 13.940  -4.660  -6.666  1.00 5.42  ? 71   TYR A CD1 1 
ATOM   583  C CD2 . TYR A 1 71  ? 14.722  -6.643  -5.574  1.00 5.48  ? 71   TYR A CD2 1 
ATOM   584  C CE1 . TYR A 1 71  ? 14.110  -5.280  -7.914  1.00 8.60  ? 71   TYR A CE1 1 
ATOM   585  C CE2 . TYR A 1 71  ? 14.896  -7.269  -6.819  1.00 7.84  ? 71   TYR A CE2 1 
ATOM   586  C CZ  . TYR A 1 71  ? 14.588  -6.582  -7.975  1.00 8.11  ? 71   TYR A CZ  1 
ATOM   587  O OH  . TYR A 1 71  ? 14.760  -7.192  -9.196  1.00 7.62  ? 71   TYR A OH  1 
ATOM   588  N N   . GLY A 1 72  ? 11.536  -4.500  -1.480  1.00 6.00  ? 72   GLY A N   1 
ATOM   589  C CA  . GLY A 1 72  ? 11.327  -4.102  -0.097  1.00 6.36  ? 72   GLY A CA  1 
ATOM   590  C C   . GLY A 1 72  ? 12.058  -2.875  0.404   1.00 7.03  ? 72   GLY A C   1 
ATOM   591  O O   . GLY A 1 72  ? 12.383  -2.786  1.593   1.00 9.35  ? 72   GLY A O   1 
ATOM   592  N N   . MET A 1 73  ? 12.280  -1.902  -0.473  1.00 6.71  ? 73   MET A N   1 
ATOM   593  C CA  . MET A 1 73  ? 13.012  -0.706  -0.079  1.00 10.20 ? 73   MET A CA  1 
ATOM   594  C C   . MET A 1 73  ? 12.211  0.410   0.577   1.00 11.27 ? 73   MET A C   1 
ATOM   595  O O   . MET A 1 73  ? 12.789  1.367   1.103   1.00 14.90 ? 73   MET A O   1 
ATOM   596  C CB  . MET A 1 73  ? 13.786  -0.168  -1.277  1.00 11.97 ? 73   MET A CB  1 
ATOM   597  C CG  . MET A 1 73  ? 14.759  -1.189  -1.813  1.00 13.69 ? 73   MET A CG  1 
ATOM   598  S SD  A MET A 1 73  ? 15.949  -0.469  -2.943  0.60 26.40 ? 73   MET A SD  1 
ATOM   599  S SD  B MET A 1 73  ? 15.789  -1.880  -0.504  0.40 26.71 ? 73   MET A SD  1 
ATOM   600  C CE  A MET A 1 73  ? 16.880  -1.935  -3.423  0.60 24.84 ? 73   MET A CE  1 
ATOM   601  C CE  B MET A 1 73  ? 17.251  -0.849  -0.607  0.40 24.87 ? 73   MET A CE  1 
ATOM   602  N N   . LEU A 1 74  ? 10.890  0.291   0.558   1.00 7.66  ? 74   LEU A N   1 
ATOM   603  C CA  . LEU A 1 74  ? 10.044  1.300   1.181   1.00 6.52  ? 74   LEU A CA  1 
ATOM   604  C C   . LEU A 1 74  ? 9.690   0.872   2.595   1.00 8.92  ? 74   LEU A C   1 
ATOM   605  O O   . LEU A 1 74  ? 9.580   -0.313  2.880   1.00 9.66  ? 74   LEU A O   1 
ATOM   606  C CB  . LEU A 1 74  ? 8.743   1.470   0.390   1.00 7.06  ? 74   LEU A CB  1 
ATOM   607  C CG  . LEU A 1 74  ? 7.682   2.351   1.061   1.00 8.70  ? 74   LEU A CG  1 
ATOM   608  C CD1 . LEU A 1 74  ? 8.203   3.768   1.197   1.00 19.83 ? 74   LEU A CD1 1 
ATOM   609  C CD2 . LEU A 1 74  ? 6.398   2.324   0.247   1.00 17.58 ? 74   LEU A CD2 1 
ATOM   610  N N   . SER A 1 75  ? 9.512   1.826   3.494   1.00 13.00 ? 75   SER A N   1 
ATOM   611  C CA  . SER A 1 75  ? 9.101   1.459   4.836   1.00 14.31 ? 75   SER A CA  1 
ATOM   612  C C   . SER A 1 75  ? 8.310   2.591   5.452   1.00 10.34 ? 75   SER A C   1 
ATOM   613  O O   . SER A 1 75  ? 8.463   3.747   5.054   1.00 12.02 ? 75   SER A O   1 
ATOM   614  C CB  . SER A 1 75  ? 10.305  1.127   5.715   1.00 20.94 ? 75   SER A CB  1 
ATOM   615  O OG  . SER A 1 75  ? 11.086  2.277   5.957   1.00 20.00 ? 75   SER A OG  1 
ATOM   616  N N   . LEU A 1 76  ? 7.446   2.242   6.398   1.00 11.47 ? 76   LEU A N   1 
ATOM   617  C CA  . LEU A 1 76  ? 6.642   3.220   7.120   1.00 11.91 ? 76   LEU A CA  1 
ATOM   618  C C   . LEU A 1 76  ? 7.512   3.864   8.186   1.00 12.58 ? 76   LEU A C   1 
ATOM   619  O O   . LEU A 1 76  ? 8.236   3.168   8.901   1.00 13.59 ? 76   LEU A O   1 
ATOM   620  C CB  . LEU A 1 76  ? 5.474   2.538   7.836   1.00 10.53 ? 76   LEU A CB  1 
ATOM   621  C CG  . LEU A 1 76  ? 4.310   1.966   7.035   1.00 12.73 ? 76   LEU A CG  1 
ATOM   622  C CD1 . LEU A 1 76  ? 3.404   1.163   7.954   1.00 13.82 ? 76   LEU A CD1 1 
ATOM   623  C CD2 . LEU A 1 76  ? 3.544   3.105   6.381   1.00 15.61 ? 76   LEU A CD2 1 
ATOM   624  N N   . LEU A 1 77  ? 7.448   5.185   8.301   1.00 10.39 ? 77   LEU A N   1 
ATOM   625  C CA  . LEU A 1 77  ? 8.218   5.859   9.333   1.00 14.45 ? 77   LEU A CA  1 
ATOM   626  C C   . LEU A 1 77  ? 7.567   5.501   10.667  1.00 12.98 ? 77   LEU A C   1 
ATOM   627  O O   . LEU A 1 77  ? 6.407   5.089   10.714  1.00 11.25 ? 77   LEU A O   1 
ATOM   628  C CB  . LEU A 1 77  ? 8.189   7.373   9.128   1.00 12.82 ? 77   LEU A CB  1 
ATOM   629  C CG  . LEU A 1 77  ? 9.108   7.927   8.040   1.00 16.98 ? 77   LEU A CG  1 
ATOM   630  C CD1 . LEU A 1 77  ? 8.907   9.425   7.919   1.00 19.66 ? 77   LEU A CD1 1 
ATOM   631  C CD2 . LEU A 1 77  ? 10.563  7.607   8.388   1.00 16.89 ? 77   LEU A CD2 1 
ATOM   632  N N   . PRO A 1 78  ? 8.312   5.634   11.770  1.00 14.39 ? 78   PRO A N   1 
ATOM   633  C CA  . PRO A 1 78  ? 7.755   5.316   13.086  1.00 14.36 ? 78   PRO A CA  1 
ATOM   634  C C   . PRO A 1 78  ? 6.460   6.083   13.382  1.00 10.96 ? 78   PRO A C   1 
ATOM   635  O O   . PRO A 1 78  ? 5.510   5.530   13.943  1.00 10.76 ? 78   PRO A O   1 
ATOM   636  C CB  . PRO A 1 78  ? 8.889   5.700   14.031  1.00 12.53 ? 78   PRO A CB  1 
ATOM   637  C CG  . PRO A 1 78  ? 10.109  5.366   13.218  1.00 16.22 ? 78   PRO A CG  1 
ATOM   638  C CD  . PRO A 1 78  ? 9.753   5.932   11.861  1.00 15.69 ? 78   PRO A CD  1 
ATOM   639  N N   . GLU A 1 79  ? 6.429   7.354   12.988  1.00 13.80 ? 79   GLU A N   1 
ATOM   640  C CA  . GLU A 1 79  ? 5.272   8.216   13.206  1.00 14.43 ? 79   GLU A CA  1 
ATOM   641  C C   . GLU A 1 79  ? 4.072   7.722   12.399  1.00 10.70 ? 79   GLU A C   1 
ATOM   642  O O   . GLU A 1 79  ? 2.923   7.912   12.800  1.00 11.53 ? 79   GLU A O   1 
ATOM   643  C CB  . GLU A 1 79  ? 5.623   9.654   12.815  1.00 19.73 ? 79   GLU A CB  1 
ATOM   644  C CG  . GLU A 1 79  ? 7.005   10.105  13.296  1.00 30.66 ? 79   GLU A CG  1 
ATOM   645  C CD  . GLU A 1 79  ? 8.143   9.351   12.610  1.00 26.25 ? 79   GLU A CD  1 
ATOM   646  O OE1 . GLU A 1 79  ? 8.240   9.418   11.370  1.00 36.07 ? 79   GLU A OE1 1 
ATOM   647  O OE2 . GLU A 1 79  ? 8.936   8.690   13.311  1.00 36.87 ? 79   GLU A OE2 1 
ATOM   648  N N   . SER A 1 80  ? 4.331   7.081   11.264  1.00 11.87 ? 80   SER A N   1 
ATOM   649  C CA  . SER A 1 80  ? 3.240   6.557   10.452  1.00 8.82  ? 80   SER A CA  1 
ATOM   650  C C   . SER A 1 80  ? 2.675   5.340   11.159  1.00 8.40  ? 80   SER A C   1 
ATOM   651  O O   . SER A 1 80  ? 1.457   5.160   11.244  1.00 8.72  ? 80   SER A O   1 
ATOM   652  C CB  . SER A 1 80  ? 3.733   6.170   9.063   1.00 9.25  ? 80   SER A CB  1 
ATOM   653  O OG  . SER A 1 80  ? 4.206   7.317   8.388   1.00 10.05 ? 80   SER A OG  1 
ATOM   654  N N   . LYS A 1 81  ? 3.568   4.503   11.677  1.00 10.77 ? 81   LYS A N   1 
ATOM   655  C CA  . LYS A 1 81  ? 3.139   3.314   12.394  1.00 9.51  ? 81   LYS A CA  1 
ATOM   656  C C   . LYS A 1 81  ? 2.328   3.704   13.624  1.00 10.36 ? 81   LYS A C   1 
ATOM   657  O O   . LYS A 1 81  ? 1.370   3.020   13.984  1.00 10.81 ? 81   LYS A O   1 
ATOM   658  C CB  . LYS A 1 81  ? 4.351   2.456   12.781  1.00 12.49 ? 81   LYS A CB  1 
ATOM   659  C CG  . LYS A 1 81  ? 4.959   1.740   11.577  1.00 16.22 ? 81   LYS A CG  1 
ATOM   660  C CD  . LYS A 1 81  ? 6.097   0.800   11.943  1.00 23.10 ? 81   LYS A CD  1 
ATOM   661  C CE  . LYS A 1 81  ? 7.358   1.563   12.305  1.00 23.61 ? 81   LYS A CE  1 
ATOM   662  N NZ  . LYS A 1 81  ? 8.566   0.684   12.293  1.00 29.97 ? 81   LYS A NZ  1 
ATOM   663  N N   . LYS A 1 82  ? 2.696   4.816   14.253  1.00 10.67 ? 82   LYS A N   1 
ATOM   664  C CA  . LYS A 1 82  ? 1.983   5.284   15.440  1.00 14.85 ? 82   LYS A CA  1 
ATOM   665  C C   . LYS A 1 82  ? 0.529   5.621   15.095  1.00 13.72 ? 82   LYS A C   1 
ATOM   666  O O   . LYS A 1 82  ? -0.391  5.361   15.873  1.00 14.48 ? 82   LYS A O   1 
ATOM   667  C CB  . LYS A 1 82  ? 2.679   6.526   16.004  1.00 17.32 ? 82   LYS A CB  1 
ATOM   668  C CG  . LYS A 1 82  ? 2.081   7.059   17.300  1.00 21.62 ? 82   LYS A CG  1 
ATOM   669  C CD  . LYS A 1 82  ? 2.508   6.224   18.493  1.00 29.59 ? 82   LYS A CD  1 
ATOM   670  C CE  . LYS A 1 82  ? 1.998   6.832   19.792  1.00 31.25 ? 82   LYS A CE  1 
ATOM   671  N NZ  . LYS A 1 82  ? 2.456   6.064   20.980  1.00 35.10 ? 82   LYS A NZ  1 
ATOM   672  N N   . LEU A 1 83  ? 0.333   6.201   13.919  1.00 10.35 ? 83   LEU A N   1 
ATOM   673  C CA  . LEU A 1 83  ? -0.987  6.591   13.452  1.00 12.85 ? 83   LEU A CA  1 
ATOM   674  C C   . LEU A 1 83  ? -1.939  5.392   13.384  1.00 13.31 ? 83   LEU A C   1 
ATOM   675  O O   . LEU A 1 83  ? -3.141  5.536   13.617  1.00 15.99 ? 83   LEU A O   1 
ATOM   676  C CB  . LEU A 1 83  ? -0.844  7.259   12.080  1.00 13.79 ? 83   LEU A CB  1 
ATOM   677  C CG  . LEU A 1 83  ? -1.989  8.089   11.508  1.00 19.63 ? 83   LEU A CG  1 
ATOM   678  C CD1 . LEU A 1 83  ? -2.459  9.115   12.536  1.00 23.32 ? 83   LEU A CD1 1 
ATOM   679  C CD2 . LEU A 1 83  ? -1.497  8.782   10.241  1.00 17.91 ? 83   LEU A CD2 1 
ATOM   680  N N   . VAL A 1 84  ? -1.399  4.212   13.086  1.00 12.16 ? 84   VAL A N   1 
ATOM   681  C CA  . VAL A 1 84  ? -2.204  2.994   12.986  1.00 11.87 ? 84   VAL A CA  1 
ATOM   682  C C   . VAL A 1 84  ? -1.772  1.915   13.981  1.00 12.03 ? 84   VAL A C   1 
ATOM   683  O O   . VAL A 1 84  ? -1.896  0.720   13.717  1.00 10.96 ? 84   VAL A O   1 
ATOM   684  C CB  . VAL A 1 84  ? -2.141  2.417   11.550  1.00 10.66 ? 84   VAL A CB  1 
ATOM   685  C CG1 . VAL A 1 84  ? -2.855  3.359   10.588  1.00 13.09 ? 84   VAL A CG1 1 
ATOM   686  C CG2 . VAL A 1 84  ? -0.699  2.234   11.121  1.00 10.86 ? 84   VAL A CG2 1 
ATOM   687  N N   . GLU A 1 85  ? -1.284  2.349   15.137  1.00 13.11 ? 85   GLU A N   1 
ATOM   688  C CA  . GLU A 1 85  ? -0.816  1.424   16.155  1.00 12.66 ? 85   GLU A CA  1 
ATOM   689  C C   . GLU A 1 85  ? -1.924  0.512   16.699  1.00 7.74  ? 85   GLU A C   1 
ATOM   690  O O   . GLU A 1 85  ? -1.637  -0.534  17.275  1.00 10.53 ? 85   GLU A O   1 
ATOM   691  C CB  . GLU A 1 85  ? -0.139  2.209   17.287  1.00 13.84 ? 85   GLU A CB  1 
ATOM   692  C CG  . GLU A 1 85  ? -1.078  3.072   18.096  1.00 11.35 ? 85   GLU A CG  1 
ATOM   693  C CD  . GLU A 1 85  ? -0.366  3.834   19.204  1.00 23.03 ? 85   GLU A CD  1 
ATOM   694  O OE1 . GLU A 1 85  ? 0.704   3.375   19.649  1.00 28.38 ? 85   GLU A OE1 1 
ATOM   695  O OE2 . GLU A 1 85  ? -0.892  4.882   19.639  1.00 23.95 ? 85   GLU A OE2 1 
ATOM   696  N N   . ASP A 1 86  ? -3.182  0.891   16.495  1.00 10.42 ? 86   ASP A N   1 
ATOM   697  C CA  . ASP A 1 86  ? -4.309  0.081   16.962  1.00 10.25 ? 86   ASP A CA  1 
ATOM   698  C C   . ASP A 1 86  ? -4.780  -0.912  15.903  1.00 12.53 ? 86   ASP A C   1 
ATOM   699  O O   . ASP A 1 86  ? -5.760  -1.628  16.104  1.00 16.23 ? 86   ASP A O   1 
ATOM   700  C CB  . ASP A 1 86  ? -5.477  0.987   17.379  1.00 10.64 ? 86   ASP A CB  1 
ATOM   701  C CG  . ASP A 1 86  ? -6.006  1.834   16.235  1.00 15.86 ? 86   ASP A CG  1 
ATOM   702  O OD1 . ASP A 1 86  ? -5.207  2.223   15.355  1.00 14.14 ? 86   ASP A OD1 1 
ATOM   703  O OD2 . ASP A 1 86  ? -7.219  2.129   16.223  1.00 22.92 ? 86   ASP A OD2 1 
ATOM   704  N N   . LYS A 1 87  ? -4.069  -0.968  14.782  1.00 10.46 ? 87   LYS A N   1 
ATOM   705  C CA  . LYS A 1 87  ? -4.430  -1.860  13.687  1.00 9.30  ? 87   LYS A CA  1 
ATOM   706  C C   . LYS A 1 87  ? -3.412  -2.982  13.480  1.00 8.29  ? 87   LYS A C   1 
ATOM   707  O O   . LYS A 1 87  ? -2.320  -2.966  14.054  1.00 10.91 ? 87   LYS A O   1 
ATOM   708  C CB  . LYS A 1 87  ? -4.541  -1.052  12.389  1.00 9.09  ? 87   LYS A CB  1 
ATOM   709  C CG  . LYS A 1 87  ? -5.482  0.142   12.449  1.00 10.84 ? 87   LYS A CG  1 
ATOM   710  C CD  . LYS A 1 87  ? -6.902  -0.283  12.780  1.00 13.14 ? 87   LYS A CD  1 
ATOM   711  C CE  . LYS A 1 87  ? -7.883  0.869   12.616  1.00 13.92 ? 87   LYS A CE  1 
ATOM   712  N NZ  . LYS A 1 87  ? -9.270  0.453   12.955  1.00 17.34 ? 87   LYS A NZ  1 
ATOM   713  N N   . GLU A 1 88  ? -3.779  -3.963  12.663  1.00 8.18  ? 88   GLU A N   1 
ATOM   714  C CA  . GLU A 1 88  ? -2.874  -5.055  12.328  1.00 6.14  ? 88   GLU A CA  1 
ATOM   715  C C   . GLU A 1 88  ? -2.090  -4.457  11.155  1.00 9.69  ? 88   GLU A C   1 
ATOM   716  O O   . GLU A 1 88  ? -2.687  -4.029  10.171  1.00 9.38  ? 88   GLU A O   1 
ATOM   717  C CB  . GLU A 1 88  ? -3.681  -6.290  11.912  1.00 10.36 ? 88   GLU A CB  1 
ATOM   718  C CG  . GLU A 1 88  ? -2.859  -7.505  11.486  1.00 11.72 ? 88   GLU A CG  1 
ATOM   719  C CD  . GLU A 1 88  ? -3.716  -8.743  11.289  1.00 10.96 ? 88   GLU A CD  1 
ATOM   720  O OE1 . GLU A 1 88  ? -4.948  -8.661  11.490  1.00 15.89 ? 88   GLU A OE1 1 
ATOM   721  O OE2 . GLU A 1 88  ? -3.160  -9.801  10.932  1.00 15.11 ? 88   GLU A OE2 1 
ATOM   722  N N   . VAL A 1 89  ? -0.768  -4.382  11.278  1.00 7.37  ? 89   VAL A N   1 
ATOM   723  C CA  . VAL A 1 89  ? 0.054   -3.778  10.235  1.00 8.55  ? 89   VAL A CA  1 
ATOM   724  C C   . VAL A 1 89  ? 1.059   -4.759  9.659   1.00 8.69  ? 89   VAL A C   1 
ATOM   725  O O   . VAL A 1 89  ? 1.875   -5.340  10.374  1.00 9.32  ? 89   VAL A O   1 
ATOM   726  C CB  . VAL A 1 89  ? 0.779   -2.524  10.779  1.00 8.90  ? 89   VAL A CB  1 
ATOM   727  C CG1 . VAL A 1 89  ? 1.680   -1.917  9.709   1.00 10.50 ? 89   VAL A CG1 1 
ATOM   728  C CG2 . VAL A 1 89  ? -0.261  -1.497  11.244  1.00 10.17 ? 89   VAL A CG2 1 
ATOM   729  N N   . ILE A 1 90  ? 0.990   -4.925  8.346   1.00 5.94  ? 90   ILE A N   1 
ATOM   730  C CA  . ILE A 1 90  ? 1.835   -5.861  7.629   1.00 6.58  ? 90   ILE A CA  1 
ATOM   731  C C   . ILE A 1 90  ? 2.658   -5.133  6.569   1.00 6.72  ? 90   ILE A C   1 
ATOM   732  O O   . ILE A 1 90  ? 2.113   -4.378  5.759   1.00 7.91  ? 90   ILE A O   1 
ATOM   733  C CB  . ILE A 1 90  ? 0.965   -6.899  6.909   1.00 5.55  ? 90   ILE A CB  1 
ATOM   734  C CG1 . ILE A 1 90  ? -0.030  -7.524  7.889   1.00 11.72 ? 90   ILE A CG1 1 
ATOM   735  C CG2 . ILE A 1 90  ? 1.852   -7.986  6.282   1.00 10.12 ? 90   ILE A CG2 1 
ATOM   736  C CD1 . ILE A 1 90  ? -1.050  -8.424  7.213   1.00 10.78 ? 90   ILE A CD1 1 
ATOM   737  N N   . GLU A 1 91  ? 3.966   -5.359  6.575   1.00 7.33  ? 91   GLU A N   1 
ATOM   738  C CA  . GLU A 1 91  ? 4.850   -4.745  5.591   1.00 5.03  ? 91   GLU A CA  1 
ATOM   739  C C   . GLU A 1 91  ? 5.688   -5.848  4.967   1.00 4.95  ? 91   GLU A C   1 
ATOM   740  O O   . GLU A 1 91  ? 6.515   -6.457  5.649   1.00 8.36  ? 91   GLU A O   1 
ATOM   741  C CB  . GLU A 1 91  ? 5.765   -3.718  6.256   1.00 8.16  ? 91   GLU A CB  1 
ATOM   742  C CG  . GLU A 1 91  ? 5.050   -2.521  6.844   1.00 11.27 ? 91   GLU A CG  1 
ATOM   743  C CD  . GLU A 1 91  ? 6.021   -1.441  7.274   1.00 17.45 ? 91   GLU A CD  1 
ATOM   744  O OE1 . GLU A 1 91  ? 6.139   -1.189  8.493   1.00 19.64 ? 91   GLU A OE1 1 
ATOM   745  O OE2 . GLU A 1 91  ? 6.675   -0.845  6.393   1.00 16.37 ? 91   GLU A OE2 1 
ATOM   746  N N   . LYS A 1 92  ? 5.472   -6.103  3.679   1.00 3.86  ? 92   LYS A N   1 
ATOM   747  C CA  . LYS A 1 92  ? 6.207   -7.142  2.955   1.00 4.35  ? 92   LYS A CA  1 
ATOM   748  C C   . LYS A 1 92  ? 6.524   -6.709  1.535   1.00 3.95  ? 92   LYS A C   1 
ATOM   749  O O   . LYS A 1 92  ? 5.821   -5.868  0.975   1.00 5.52  ? 92   LYS A O   1 
ATOM   750  C CB  . LYS A 1 92  ? 5.377   -8.425  2.848   1.00 5.42  ? 92   LYS A CB  1 
ATOM   751  C CG  . LYS A 1 92  ? 5.011   -9.068  4.175   1.00 6.37  ? 92   LYS A CG  1 
ATOM   752  C CD  . LYS A 1 92  ? 6.238   -9.541  4.904   1.00 9.49  ? 92   LYS A CD  1 
ATOM   753  C CE  . LYS A 1 92  ? 5.881   -9.937  6.324   1.00 19.78 ? 92   LYS A CE  1 
ATOM   754  N NZ  . LYS A 1 92  ? 7.053   -10.518 7.026   1.00 21.92 ? 92   LYS A NZ  1 
ATOM   755  N N   . PRO A 1 93  ? 7.591   -7.273  0.933   1.00 3.73  ? 93   PRO A N   1 
ATOM   756  C CA  . PRO A 1 93  ? 7.936   -6.915  -0.446  1.00 5.03  ? 93   PRO A CA  1 
ATOM   757  C C   . PRO A 1 93  ? 6.661   -7.120  -1.272  1.00 3.14  ? 93   PRO A C   1 
ATOM   758  O O   . PRO A 1 93  ? 5.842   -8.003  -0.992  1.00 2.99  ? 93   PRO A O   1 
ATOM   759  C CB  . PRO A 1 93  ? 9.060   -7.885  -0.782  1.00 4.21  ? 93   PRO A CB  1 
ATOM   760  C CG  . PRO A 1 93  ? 9.772   -8.010  0.563   1.00 5.89  ? 93   PRO A CG  1 
ATOM   761  C CD  . PRO A 1 93  ? 8.604   -8.173  1.516   1.00 4.53  ? 93   PRO A CD  1 
ATOM   762  N N   . THR A 1 94  ? 6.518   -6.311  -2.309  1.00 1.95  ? 94   THR A N   1 
ATOM   763  C CA  . THR A 1 94  ? 5.299   -6.289  -3.077  1.00 3.57  ? 94   THR A CA  1 
ATOM   764  C C   . THR A 1 94  ? 4.678   -7.542  -3.640  1.00 3.38  ? 94   THR A C   1 
ATOM   765  O O   . THR A 1 94  ? 3.462   -7.702  -3.528  1.00 3.94  ? 94   THR A O   1 
ATOM   766  C CB  . THR A 1 94  ? 5.419   -5.205  -4.142  1.00 5.32  ? 94   THR A CB  1 
ATOM   767  O OG1 . THR A 1 94  ? 5.514   -3.951  -3.463  1.00 4.74  ? 94   THR A OG1 1 
ATOM   768  C CG2 . THR A 1 94  ? 4.197   -5.174  -5.066  1.00 3.94  ? 94   THR A CG2 1 
ATOM   769  N N   . LYS A 1 95  ? 5.454   -8.450  -4.221  1.00 4.30  ? 95   LYS A N   1 
ATOM   770  C CA  . LYS A 1 95  ? 4.787   -9.622  -4.765  1.00 5.83  ? 95   LYS A CA  1 
ATOM   771  C C   . LYS A 1 95  ? 4.207   -10.486 -3.652  1.00 5.22  ? 95   LYS A C   1 
ATOM   772  O O   . LYS A 1 95  ? 3.078   -10.969 -3.766  1.00 5.21  ? 95   LYS A O   1 
ATOM   773  C CB  . LYS A 1 95  ? 5.709   -10.430 -5.678  1.00 7.35  ? 95   LYS A CB  1 
ATOM   774  C CG  . LYS A 1 95  ? 4.920   -11.488 -6.459  1.00 8.84  ? 95   LYS A CG  1 
ATOM   775  C CD  . LYS A 1 95  ? 5.678   -12.066 -7.635  1.00 15.96 ? 95   LYS A CD  1 
ATOM   776  C CE  . LYS A 1 95  ? 5.852   -11.062 -8.756  1.00 10.06 ? 95   LYS A CE  1 
ATOM   777  N NZ  . LYS A 1 95  ? 6.223   -11.787 -10.014 1.00 15.81 ? 95   LYS A NZ  1 
ATOM   778  N N   . GLU A 1 96  ? 4.958   -10.666 -2.568  1.00 3.18  ? 96   GLU A N   1 
ATOM   779  C CA  . GLU A 1 96  ? 4.450   -11.445 -1.445  1.00 5.12  ? 96   GLU A CA  1 
ATOM   780  C C   . GLU A 1 96  ? 3.259   -10.703 -0.838  1.00 4.10  ? 96   GLU A C   1 
ATOM   781  O O   . GLU A 1 96  ? 2.238   -11.308 -0.509  1.00 4.82  ? 96   GLU A O   1 
ATOM   782  C CB  . GLU A 1 96  ? 5.528   -11.630 -0.375  1.00 6.21  ? 96   GLU A CB  1 
ATOM   783  C CG  . GLU A 1 96  ? 4.969   -12.266 0.900   1.00 7.14  ? 96   GLU A CG  1 
ATOM   784  C CD  . GLU A 1 96  ? 5.959   -12.352 2.046   1.00 8.68  ? 96   GLU A CD  1 
ATOM   785  O OE1 . GLU A 1 96  ? 7.027   -11.711 1.990   1.00 7.20  ? 96   GLU A OE1 1 
ATOM   786  O OE2 . GLU A 1 96  ? 5.650   -13.057 3.023   1.00 10.32 ? 96   GLU A OE2 1 
ATOM   787  N N   . ALA A 1 97  ? 3.380   -9.387  -0.695  1.00 4.53  ? 97   ALA A N   1 
ATOM   788  C CA  . ALA A 1 97  ? 2.297   -8.606  -0.110  1.00 3.34  ? 97   ALA A CA  1 
ATOM   789  C C   . ALA A 1 97  ? 0.991   -8.745  -0.893  1.00 3.61  ? 97   ALA A C   1 
ATOM   790  O O   . ALA A 1 97  ? -0.071  -8.883  -0.295  1.00 3.86  ? 97   ALA A O   1 
ATOM   791  C CB  . ALA A 1 97  ? 2.700   -7.131  0.001   1.00 5.08  ? 97   ALA A CB  1 
ATOM   792  N N   . LEU A 1 98  ? 1.062   -8.705  -2.223  1.00 4.42  ? 98   LEU A N   1 
ATOM   793  C CA  . LEU A 1 98  ? -0.151  -8.834  -3.025  1.00 4.02  ? 98   LEU A CA  1 
ATOM   794  C C   . LEU A 1 98  ? -0.699  -10.253 -2.991  1.00 4.35  ? 98   LEU A C   1 
ATOM   795  O O   . LEU A 1 98  ? -1.909  -10.458 -3.091  1.00 3.73  ? 98   LEU A O   1 
ATOM   796  C CB  . LEU A 1 98  ? 0.100   -8.375  -4.468  1.00 4.22  ? 98   LEU A CB  1 
ATOM   797  C CG  . LEU A 1 98  ? 0.186   -6.845  -4.596  1.00 5.18  ? 98   LEU A CG  1 
ATOM   798  C CD1 . LEU A 1 98  ? 0.695   -6.469  -5.969  1.00 6.70  ? 98   LEU A CD1 1 
ATOM   799  C CD2 . LEU A 1 98  ? -1.187  -6.227  -4.358  1.00 5.40  ? 98   LEU A CD2 1 
ATOM   800  N N   . LYS A 1 99  ? 0.187   -11.238 -2.859  1.00 4.65  ? 99   LYS A N   1 
ATOM   801  C CA  . LYS A 1 99  ? -0.281  -12.610 -2.778  1.00 6.02  ? 99   LYS A CA  1 
ATOM   802  C C   . LYS A 1 99  ? -1.021  -12.764 -1.440  1.00 4.79  ? 99   LYS A C   1 
ATOM   803  O O   . LYS A 1 99  ? -2.068  -13.417 -1.374  1.00 5.11  ? 99   LYS A O   1 
ATOM   804  C CB  . LYS A 1 99  ? 0.896   -13.584 -2.878  1.00 5.51  ? 99   LYS A CB  1 
ATOM   805  C CG  . LYS A 1 99  ? 0.479   -15.025 -3.188  1.00 8.98  ? 99   LYS A CG  1 
ATOM   806  C CD  . LYS A 1 99  ? -0.270  -15.118 -4.522  1.00 7.15  ? 99   LYS A CD  1 
ATOM   807  C CE  . LYS A 1 99  ? -0.662  -16.548 -4.864  1.00 11.33 ? 99   LYS A CE  1 
ATOM   808  N NZ  . LYS A 1 99  ? -1.567  -16.561 -6.054  1.00 11.47 ? 99   LYS A NZ  1 
ATOM   809  N N   . LEU A 1 100 ? -0.500  -12.141 -0.382  1.00 3.82  ? 100  LEU A N   1 
ATOM   810  C CA  . LEU A 1 100 ? -1.146  -12.204 0.927   1.00 5.99  ? 100  LEU A CA  1 
ATOM   811  C C   . LEU A 1 100 ? -2.461  -11.415 0.902   1.00 4.91  ? 100  LEU A C   1 
ATOM   812  O O   . LEU A 1 100 ? -3.437  -11.813 1.536   1.00 5.86  ? 100  LEU A O   1 
ATOM   813  C CB  . LEU A 1 100 ? -0.225  -11.639 2.014   1.00 6.56  ? 100  LEU A CB  1 
ATOM   814  C CG  . LEU A 1 100 ? -0.765  -11.671 3.445   1.00 9.34  ? 100  LEU A CG  1 
ATOM   815  C CD1 . LEU A 1 100 ? -0.966  -13.116 3.908   1.00 10.60 ? 100  LEU A CD1 1 
ATOM   816  C CD2 . LEU A 1 100 ? 0.233   -10.971 4.357   1.00 10.66 ? 100  LEU A CD2 1 
ATOM   817  N N   . LEU A 1 101 ? -2.495  -10.297 0.176   1.00 3.83  ? 101  LEU A N   1 
ATOM   818  C CA  . LEU A 1 101 ? -3.725  -9.511  0.078   1.00 5.46  ? 101  LEU A CA  1 
ATOM   819  C C   . LEU A 1 101 ? -4.827  -10.381 -0.535  1.00 7.62  ? 101  LEU A C   1 
ATOM   820  O O   . LEU A 1 101 ? -5.970  -10.388 -0.080  1.00 6.52  ? 101  LEU A O   1 
ATOM   821  C CB  . LEU A 1 101 ? -3.502  -8.274  -0.796  1.00 3.50  ? 101  LEU A CB  1 
ATOM   822  C CG  . LEU A 1 101 ? -4.705  -7.330  -0.901  1.00 4.71  ? 101  LEU A CG  1 
ATOM   823  C CD1 . LEU A 1 101 ? -5.029  -6.738  0.469   1.00 7.21  ? 101  LEU A CD1 1 
ATOM   824  C CD2 . LEU A 1 101 ? -4.394  -6.221  -1.906  1.00 5.50  ? 101  LEU A CD2 1 
ATOM   825  N N   . GLU A 1 102 ? -4.474  -11.107 -1.586  1.00 4.66  ? 102  GLU A N   1 
ATOM   826  C CA  . GLU A 1 102 ? -5.412  -12.004 -2.239  1.00 6.69  ? 102  GLU A CA  1 
ATOM   827  C C   . GLU A 1 102 ? -5.909  -13.064 -1.251  1.00 7.20  ? 102  GLU A C   1 
ATOM   828  O O   . GLU A 1 102 ? -7.101  -13.378 -1.211  1.00 7.76  ? 102  GLU A O   1 
ATOM   829  C CB  . GLU A 1 102 ? -4.711  -12.675 -3.416  1.00 6.33  ? 102  GLU A CB  1 
ATOM   830  C CG  . GLU A 1 102 ? -5.519  -13.734 -4.129  1.00 9.00  ? 102  GLU A CG  1 
ATOM   831  C CD  . GLU A 1 102 ? -4.710  -14.385 -5.227  1.00 10.75 ? 102  GLU A CD  1 
ATOM   832  O OE1 . GLU A 1 102 ? -3.885  -15.273 -4.912  1.00 12.02 ? 102  GLU A OE1 1 
ATOM   833  O OE2 . GLU A 1 102 ? -4.881  -13.993 -6.403  1.00 13.92 ? 102  GLU A OE2 1 
ATOM   834  N N   . GLU A 1 103 ? -4.987  -13.604 -0.456  1.00 6.38  ? 103  GLU A N   1 
ATOM   835  C CA  . GLU A 1 103 ? -5.315  -14.637 0.517   1.00 6.47  ? 103  GLU A CA  1 
ATOM   836  C C   . GLU A 1 103 ? -6.263  -14.137 1.617   1.00 7.57  ? 103  GLU A C   1 
ATOM   837  O O   . GLU A 1 103 ? -7.198  -14.833 2.005   1.00 10.89 ? 103  GLU A O   1 
ATOM   838  C CB  . GLU A 1 103 ? -4.020  -15.166 1.137   1.00 6.03  ? 103  GLU A CB  1 
ATOM   839  C CG  . GLU A 1 103 ? -4.201  -16.323 2.094   1.00 9.63  ? 103  GLU A CG  1 
ATOM   840  C CD  . GLU A 1 103 ? -2.921  -16.673 2.819   1.00 10.05 ? 103  GLU A CD  1 
ATOM   841  O OE1 . GLU A 1 103 ? -1.842  -16.661 2.188   1.00 11.74 ? 103  GLU A OE1 1 
ATOM   842  O OE2 . GLU A 1 103 ? -2.993  -16.968 4.024   1.00 11.51 ? 103  GLU A OE2 1 
ATOM   843  N N   . LEU A 1 104 ? -6.028  -12.921 2.102   1.00 6.35  ? 104  LEU A N   1 
ATOM   844  C CA  . LEU A 1 104 ? -6.835  -12.353 3.183   1.00 6.52  ? 104  LEU A CA  1 
ATOM   845  C C   . LEU A 1 104 ? -8.104  -11.621 2.759   1.00 7.24  ? 104  LEU A C   1 
ATOM   846  O O   . LEU A 1 104 ? -9.004  -11.403 3.573   1.00 9.52  ? 104  LEU A O   1 
ATOM   847  C CB  . LEU A 1 104 ? -5.974  -11.393 4.006   1.00 7.42  ? 104  LEU A CB  1 
ATOM   848  C CG  . LEU A 1 104 ? -4.663  -11.927 4.594   1.00 10.43 ? 104  LEU A CG  1 
ATOM   849  C CD1 . LEU A 1 104 ? -3.903  -10.779 5.260   1.00 9.78  ? 104  LEU A CD1 1 
ATOM   850  C CD2 . LEU A 1 104 ? -4.952  -13.026 5.602   1.00 13.02 ? 104  LEU A CD2 1 
ATOM   851  N N   . TRP A 1 105 ? -8.190  -11.244 1.494   1.00 8.03  ? 105  TRP A N   1 
ATOM   852  C CA  . TRP A 1 105 ? -9.343  -10.488 1.044   1.00 7.83  ? 105  TRP A CA  1 
ATOM   853  C C   . TRP A 1 105 ? -10.678 -11.175 1.280   1.00 8.04  ? 105  TRP A C   1 
ATOM   854  O O   . TRP A 1 105 ? -10.833 -12.375 1.045   1.00 11.51 ? 105  TRP A O   1 
ATOM   855  C CB  . TRP A 1 105 ? -9.193  -10.137 -0.438  1.00 6.78  ? 105  TRP A CB  1 
ATOM   856  C CG  . TRP A 1 105 ? -10.086 -9.012  -0.865  1.00 5.13  ? 105  TRP A CG  1 
ATOM   857  C CD1 . TRP A 1 105 ? -11.335 -9.113  -1.419  1.00 7.96  ? 105  TRP A CD1 1 
ATOM   858  C CD2 . TRP A 1 105 ? -9.813  -7.611  -0.742  1.00 5.23  ? 105  TRP A CD2 1 
ATOM   859  N NE1 . TRP A 1 105 ? -11.856 -7.859  -1.647  1.00 8.03  ? 105  TRP A NE1 1 
ATOM   860  C CE2 . TRP A 1 105 ? -10.945 -6.918  -1.236  1.00 5.90  ? 105  TRP A CE2 1 
ATOM   861  C CE3 . TRP A 1 105 ? -8.725  -6.869  -0.252  1.00 5.96  ? 105  TRP A CE3 1 
ATOM   862  C CZ2 . TRP A 1 105 ? -11.014 -5.518  -1.269  1.00 8.65  ? 105  TRP A CZ2 1 
ATOM   863  C CZ3 . TRP A 1 105 ? -8.793  -5.483  -0.284  1.00 6.09  ? 105  TRP A CZ3 1 
ATOM   864  C CH2 . TRP A 1 105 ? -9.935  -4.820  -0.785  1.00 5.13  ? 105  TRP A CH2 1 
ATOM   865  N N   . GLY A 1 106 ? -11.642 -10.402 1.758   1.00 9.45  ? 106  GLY A N   1 
ATOM   866  C CA  . GLY A 1 106 ? -12.963 -10.957 1.971   1.00 8.26  ? 106  GLY A CA  1 
ATOM   867  C C   . GLY A 1 106 ? -13.393 -11.139 3.402   1.00 13.36 ? 106  GLY A C   1 
ATOM   868  O O   . GLY A 1 106 ? -14.582 -11.295 3.676   1.00 15.01 ? 106  GLY A O   1 
ATOM   869  N N   . LYS A 1 107 ? -12.440 -11.142 4.322   1.00 12.44 ? 107  LYS A N   1 
ATOM   870  C CA  . LYS A 1 107 ? -12.803 -11.284 5.716   1.00 15.69 ? 107  LYS A CA  1 
ATOM   871  C C   . LYS A 1 107 ? -12.546 -9.979  6.437   1.00 14.35 ? 107  LYS A C   1 
ATOM   872  O O   . LYS A 1 107 ? -13.476 -9.190  6.646   1.00 16.10 ? 107  LYS A O   1 
ATOM   873  C CB  . LYS A 1 107 ? -12.053 -12.462 6.334   1.00 13.74 ? 107  LYS A CB  1 
ATOM   874  C CG  . LYS A 1 107 ? -12.744 -13.784 5.982   1.00 22.95 ? 107  LYS A CG  1 
ATOM   875  C CD  . LYS A 1 107 ? -12.058 -15.016 6.551   1.00 20.80 ? 107  LYS A CD  1 
ATOM   876  C CE  . LYS A 1 107 ? -12.939 -16.245 6.339   1.00 27.09 ? 107  LYS A CE  1 
ATOM   877  N NZ  . LYS A 1 107 ? -12.251 -17.520 6.689   1.00 31.01 ? 107  LYS A NZ  1 
ATOM   878  N N   . LYS A 1 108 ? -11.296 -9.721  6.791   1.00 11.27 ? 108  LYS A N   1 
ATOM   879  C CA  . LYS A 1 108 ? -10.984 -8.475  7.467   1.00 8.68  ? 108  LYS A CA  1 
ATOM   880  C C   . LYS A 1 108 ? -11.012 -7.336  6.455   1.00 7.50  ? 108  LYS A C   1 
ATOM   881  O O   . LYS A 1 108 ? -10.881 -7.551  5.243   1.00 9.72  ? 108  LYS A O   1 
ATOM   882  C CB  . LYS A 1 108 ? -9.602  -8.548  8.119   1.00 10.95 ? 108  LYS A CB  1 
ATOM   883  C CG  . LYS A 1 108 ? -9.523  -9.488  9.318   1.00 11.52 ? 108  LYS A CG  1 
ATOM   884  C CD  . LYS A 1 108 ? -8.079  -9.796  9.688   1.00 14.08 ? 108  LYS A CD  1 
ATOM   885  C CE  . LYS A 1 108 ? -8.009  -10.736 10.887  1.00 17.32 ? 108  LYS A CE  1 
ATOM   886  N NZ  . LYS A 1 108 ? -6.599  -11.090 11.219  1.00 20.37 ? 108  LYS A NZ  1 
ATOM   887  N N   . ARG A 1 109 ? -11.198 -6.122  6.963   1.00 7.35  ? 109  ARG A N   1 
ATOM   888  C CA  . ARG A 1 109 ? -11.221 -4.940  6.121   1.00 7.02  ? 109  ARG A CA  1 
ATOM   889  C C   . ARG A 1 109 ? -9.771  -4.510  5.966   1.00 5.88  ? 109  ARG A C   1 
ATOM   890  O O   . ARG A 1 109 ? -9.098  -4.165  6.937   1.00 7.76  ? 109  ARG A O   1 
ATOM   891  C CB  . ARG A 1 109 ? -12.056 -3.854  6.781   1.00 6.32  ? 109  ARG A CB  1 
ATOM   892  C CG  . ARG A 1 109 ? -13.507 -4.269  6.938   1.00 9.21  ? 109  ARG A CG  1 
ATOM   893  C CD  . ARG A 1 109 ? -14.256 -3.318  7.830   1.00 18.78 ? 109  ARG A CD  1 
ATOM   894  N NE  . ARG A 1 109 ? -13.706 -3.341  9.180   1.00 20.01 ? 109  ARG A NE  1 
ATOM   895  C CZ  . ARG A 1 109 ? -14.141 -2.582  10.179  1.00 24.48 ? 109  ARG A CZ  1 
ATOM   896  N NH1 . ARG A 1 109 ? -15.140 -1.733  9.981   1.00 22.18 ? 109  ARG A NH1 1 
ATOM   897  N NH2 . ARG A 1 109 ? -13.578 -2.679  11.376  1.00 25.53 ? 109  ARG A NH2 1 
ATOM   898  N N   . ILE A 1 110 ? -9.293  -4.545  4.731   1.00 6.25  ? 110  ILE A N   1 
ATOM   899  C CA  . ILE A 1 110 ? -7.908  -4.228  4.460   1.00 5.25  ? 110  ILE A CA  1 
ATOM   900  C C   . ILE A 1 110 ? -7.656  -2.992  3.612   1.00 5.04  ? 110  ILE A C   1 
ATOM   901  O O   . ILE A 1 110 ? -8.251  -2.828  2.541   1.00 5.29  ? 110  ILE A O   1 
ATOM   902  C CB  . ILE A 1 110 ? -7.237  -5.422  3.754   1.00 8.21  ? 110  ILE A CB  1 
ATOM   903  C CG1 . ILE A 1 110 ? -7.540  -6.717  4.515   1.00 10.15 ? 110  ILE A CG1 1 
ATOM   904  C CG2 . ILE A 1 110 ? -5.747  -5.208  3.679   1.00 7.62  ? 110  ILE A CG2 1 
ATOM   905  C CD1 . ILE A 1 110 ? -7.224  -7.972  3.727   1.00 13.94 ? 110  ILE A CD1 1 
ATOM   906  N N   . LEU A 1 111 ? -6.772  -2.133  4.117   1.00 4.30  ? 111  LEU A N   1 
ATOM   907  C CA  . LEU A 1 111 ? -6.319  -0.937  3.408   1.00 3.94  ? 111  LEU A CA  1 
ATOM   908  C C   . LEU A 1 111 ? -4.912  -1.318  2.925   1.00 3.45  ? 111  LEU A C   1 
ATOM   909  O O   . LEU A 1 111 ? -4.051  -1.680  3.733   1.00 4.90  ? 111  LEU A O   1 
ATOM   910  C CB  . LEU A 1 111 ? -6.227  0.263   4.353   1.00 3.23  ? 111  LEU A CB  1 
ATOM   911  C CG  . LEU A 1 111 ? -5.560  1.514   3.756   1.00 5.06  ? 111  LEU A CG  1 
ATOM   912  C CD1 . LEU A 1 111 ? -6.340  2.043   2.543   1.00 5.91  ? 111  LEU A CD1 1 
ATOM   913  C CD2 . LEU A 1 111 ? -5.473  2.580   4.848   1.00 5.74  ? 111  LEU A CD2 1 
ATOM   914  N N   . ALA A 1 112 ? -4.667  -1.255  1.619   1.00 3.75  ? 112  ALA A N   1 
ATOM   915  C CA  . ALA A 1 112 ? -3.353  -1.631  1.102   1.00 2.75  ? 112  ALA A CA  1 
ATOM   916  C C   . ALA A 1 112 ? -2.673  -0.501  0.350   1.00 4.75  ? 112  ALA A C   1 
ATOM   917  O O   . ALA A 1 112 ? -3.310  0.188   -0.434  1.00 6.01  ? 112  ALA A O   1 
ATOM   918  C CB  . ALA A 1 112 ? -3.482  -2.849  0.170   1.00 4.50  ? 112  ALA A CB  1 
ATOM   919  N N   . ILE A 1 113 ? -1.384  -0.303  0.612   1.00 3.06  ? 113  ILE A N   1 
ATOM   920  C CA  . ILE A 1 113 ? -0.601  0.717   -0.090  1.00 2.40  ? 113  ILE A CA  1 
ATOM   921  C C   . ILE A 1 113 ? 0.451   -0.107  -0.812  1.00 3.14  ? 113  ILE A C   1 
ATOM   922  O O   . ILE A 1 113 ? 1.235   -0.833  -0.183  1.00 3.79  ? 113  ILE A O   1 
ATOM   923  C CB  . ILE A 1 113 ? 0.058   1.704   0.880   1.00 3.04  ? 113  ILE A CB  1 
ATOM   924  C CG1 . ILE A 1 113 ? -1.029  2.429   1.685   1.00 4.65  ? 113  ILE A CG1 1 
ATOM   925  C CG2 . ILE A 1 113 ? 0.905   2.709   0.099   1.00 6.06  ? 113  ILE A CG2 1 
ATOM   926  C CD1 . ILE A 1 113 ? -0.493  3.243   2.849   1.00 7.05  ? 113  ILE A CD1 1 
ATOM   927  N N   . ILE A 1 114 ? 0.442   -0.011  -2.134  1.00 2.86  ? 114  ILE A N   1 
ATOM   928  C CA  . ILE A 1 114 ? 1.327   -0.811  -2.965  1.00 4.89  ? 114  ILE A CA  1 
ATOM   929  C C   . ILE A 1 114 ? 2.376   -0.020  -3.733  1.00 3.26  ? 114  ILE A C   1 
ATOM   930  O O   . ILE A 1 114 ? 2.044   0.788   -4.610  1.00 5.48  ? 114  ILE A O   1 
ATOM   931  C CB  . ILE A 1 114 ? 0.482   -1.609  -3.990  1.00 5.48  ? 114  ILE A CB  1 
ATOM   932  C CG1 . ILE A 1 114 ? -0.646  -2.372  -3.270  1.00 5.15  ? 114  ILE A CG1 1 
ATOM   933  C CG2 . ILE A 1 114 ? 1.378   -2.527  -4.815  1.00 6.24  ? 114  ILE A CG2 1 
ATOM   934  C CD1 . ILE A 1 114 ? -0.186  -3.461  -2.290  1.00 6.32  ? 114  ILE A CD1 1 
ATOM   935  N N   . HIS A 1 115 ? 3.641   -0.269  -3.406  1.00 4.00  ? 115  HIS A N   1 
ATOM   936  C CA  . HIS A 1 115 ? 4.756   0.382   -4.074  1.00 3.30  ? 115  HIS A CA  1 
ATOM   937  C C   . HIS A 1 115 ? 5.231   -0.613  -5.136  1.00 3.46  ? 115  HIS A C   1 
ATOM   938  O O   . HIS A 1 115 ? 5.644   -1.732  -4.817  1.00 4.75  ? 115  HIS A O   1 
ATOM   939  C CB  . HIS A 1 115 ? 5.846   0.685   -3.048  1.00 3.77  ? 115  HIS A CB  1 
ATOM   940  C CG  . HIS A 1 115 ? 7.021   1.414   -3.615  1.00 3.03  ? 115  HIS A CG  1 
ATOM   941  N ND1 . HIS A 1 115 ? 6.897   2.583   -4.327  1.00 9.21  ? 115  HIS A ND1 1 
ATOM   942  C CD2 . HIS A 1 115 ? 8.348   1.141   -3.564  1.00 3.95  ? 115  HIS A CD2 1 
ATOM   943  C CE1 . HIS A 1 115 ? 8.098   3.003   -4.687  1.00 6.12  ? 115  HIS A CE1 1 
ATOM   944  N NE2 . HIS A 1 115 ? 8.994   2.146   -4.238  1.00 12.41 ? 115  HIS A NE2 1 
ATOM   945  N N   . VAL A 1 116 ? 5.157   -0.199  -6.398  1.00 4.48  ? 116  VAL A N   1 
ATOM   946  C CA  . VAL A 1 116 ? 5.489   -1.086  -7.504  1.00 4.61  ? 116  VAL A CA  1 
ATOM   947  C C   . VAL A 1 116 ? 6.927   -1.145  -8.009  1.00 4.75  ? 116  VAL A C   1 
ATOM   948  O O   . VAL A 1 116 ? 7.249   -1.993  -8.853  1.00 5.72  ? 116  VAL A O   1 
ATOM   949  C CB  . VAL A 1 116 ? 4.517   -0.846  -8.709  1.00 5.26  ? 116  VAL A CB  1 
ATOM   950  C CG1 . VAL A 1 116 ? 3.074   -0.996  -8.237  1.00 5.81  ? 116  VAL A CG1 1 
ATOM   951  C CG2 . VAL A 1 116 ? 4.728   0.534   -9.314  1.00 5.97  ? 116  VAL A CG2 1 
ATOM   952  N N   . THR A 1 117 ? 7.791   -0.276  -7.504  1.00 4.94  ? 117  THR A N   1 
ATOM   953  C CA  . THR A 1 117 ? 9.186   -0.310  -7.927  1.00 4.34  ? 117  THR A CA  1 
ATOM   954  C C   . THR A 1 117 ? 10.074  -0.882  -6.803  1.00 6.92  ? 117  THR A C   1 
ATOM   955  O O   . THR A 1 117 ? 9.679   -1.857  -6.169  1.00 9.11  ? 117  THR A O   1 
ATOM   956  C CB  . THR A 1 117 ? 9.650   1.088   -8.416  1.00 6.79  ? 117  THR A CB  1 
ATOM   957  O OG1 . THR A 1 117 ? 9.293   2.088   -7.457  1.00 6.61  ? 117  THR A OG1 1 
ATOM   958  C CG2 . THR A 1 117 ? 8.964   1.421   -9.754  1.00 6.44  ? 117  THR A CG2 1 
HETATM 959  N N   . OCS A 1 118 ? 11.245  -0.303  -6.545  1.00 8.01  ? 118  OCS A N   1 
HETATM 960  C CA  . OCS A 1 118 ? 12.146  -0.842  -5.524  1.00 8.67  ? 118  OCS A CA  1 
HETATM 961  C CB  . OCS A 1 118 ? 13.467  -0.071  -5.451  1.00 8.17  ? 118  OCS A CB  1 
HETATM 962  S SG  . OCS A 1 118 ? 14.321  0.082   -7.052  1.00 11.68 ? 118  OCS A SG  1 
HETATM 963  C C   . OCS A 1 118 ? 11.654  -1.005  -4.098  1.00 8.59  ? 118  OCS A C   1 
HETATM 964  O O   . OCS A 1 118 ? 11.852  -2.105  -3.546  1.00 6.49  ? 118  OCS A O   1 
HETATM 965  O OXT . OCS A 1 118 ? 11.115  -0.026  -3.550  1.00 7.82  ? 118  OCS A OXT 1 
HETATM 966  O OD1 . OCS A 1 118 ? 15.624  0.791   -6.836  1.00 15.86 ? 118  OCS A OD1 1 
HETATM 967  O OD2 . OCS A 1 118 ? 14.566  -1.289  -7.615  1.00 12.86 ? 118  OCS A OD2 1 
HETATM 968  O OD3 . OCS A 1 118 ? 13.460  0.872   -7.992  1.00 11.75 ? 118  OCS A OD3 1 
HETATM 969  C C   . ACT B 2 .   ? -4.927  -16.639 6.539   1.00 15.80 ? 1001 ACT A C   1 
HETATM 970  O O   . ACT B 2 .   ? -3.688  -16.640 7.055   1.00 15.25 ? 1001 ACT A O   1 
HETATM 971  O OXT . ACT B 2 .   ? -5.091  -16.805 5.353   1.00 16.75 ? 1001 ACT A OXT 1 
HETATM 972  C CH3 . ACT B 2 .   ? -6.114  -16.430 7.434   1.00 15.19 ? 1001 ACT A CH3 1 
HETATM 973  S S   . SO4 C 3 .   ? 6.572   -13.664 6.324   0.70 31.55 ? 2001 SO4 A S   1 
HETATM 974  O O1  . SO4 C 3 .   ? 5.382   -12.819 6.525   0.70 33.60 ? 2001 SO4 A O1  1 
HETATM 975  O O2  . SO4 C 3 .   ? 6.152   -15.078 6.305   0.70 29.94 ? 2001 SO4 A O2  1 
HETATM 976  O O3  . SO4 C 3 .   ? 7.216   -13.292 5.052   0.70 22.50 ? 2001 SO4 A O3  1 
HETATM 977  O O4  . SO4 C 3 .   ? 7.534   -13.446 7.421   0.70 33.15 ? 2001 SO4 A O4  1 
HETATM 978  O O   . HOH D 4 .   ? -6.019  -13.321 9.154   1.00 4.83  ? 2002 HOH A O   1 
HETATM 979  O O   . HOH D 4 .   ? 7.297   -3.657  -16.196 1.00 4.24  ? 2003 HOH A O   1 
HETATM 980  O O   . HOH D 4 .   ? 8.562   -8.747  -4.548  1.00 5.23  ? 2004 HOH A O   1 
HETATM 981  O O   . HOH D 4 .   ? 4.120   5.905   -8.231  1.00 5.80  ? 2005 HOH A O   1 
HETATM 982  O O   . HOH D 4 .   ? 1.538   -11.389 -6.116  1.00 7.23  ? 2006 HOH A O   1 
HETATM 983  O O   . HOH D 4 .   ? -13.292 -7.277  -8.458  1.00 7.99  ? 2007 HOH A O   1 
HETATM 984  O O   . HOH D 4 .   ? -2.204  14.561  5.903   1.00 9.75  ? 2008 HOH A O   1 
HETATM 985  O O   . HOH D 4 .   ? 6.069   0.581   -15.628 1.00 7.95  ? 2009 HOH A O   1 
HETATM 986  O O   . HOH D 4 .   ? -9.267  3.775   4.315   1.00 8.86  ? 2010 HOH A O   1 
HETATM 987  O O   . HOH D 4 .   ? 9.458   -8.254  -12.223 1.00 10.60 ? 2011 HOH A O   1 
HETATM 988  O O   . HOH D 4 .   ? -0.477  -18.861 1.940   1.00 7.49  ? 2012 HOH A O   1 
HETATM 989  O O   . HOH D 4 .   ? -11.362 -3.854  -6.388  1.00 8.15  ? 2013 HOH A O   1 
HETATM 990  O O   . HOH D 4 .   ? -1.282  -11.603 -5.835  1.00 9.39  ? 2014 HOH A O   1 
HETATM 991  O O   . HOH D 4 .   ? 6.940   3.640   -7.739  1.00 8.46  ? 2015 HOH A O   1 
HETATM 992  O O   . HOH D 4 .   ? -8.761  -6.288  -18.745 1.00 10.69 ? 2016 HOH A O   1 
HETATM 993  O O   . HOH D 4 .   ? -12.714 -3.818  -14.052 1.00 10.13 ? 2017 HOH A O   1 
HETATM 994  O O   . HOH D 4 .   ? -15.183 -0.005  3.361   1.00 12.49 ? 2018 HOH A O   1 
HETATM 995  O O   . HOH D 4 .   ? -0.605  15.517  -3.811  1.00 12.57 ? 2019 HOH A O   1 
HETATM 996  O O   . HOH D 4 .   ? 0.191   -1.880  14.750  1.00 11.63 ? 2020 HOH A O   1 
HETATM 997  O O   . HOH D 4 .   ? -10.950 -5.244  2.362   1.00 10.34 ? 2021 HOH A O   1 
HETATM 998  O O   . HOH D 4 .   ? 0.167   -6.353  -16.333 1.00 21.69 ? 2022 HOH A O   1 
HETATM 999  O O   . HOH D 4 .   ? 8.465   -13.245 -9.260  1.00 9.76  ? 2023 HOH A O   1 
HETATM 1000 O O   . HOH D 4 .   ? 3.209   -14.788 2.916   1.00 15.96 ? 2024 HOH A O   1 
HETATM 1001 O O   . HOH D 4 .   ? -9.127  -13.033 -3.078  1.00 12.85 ? 2025 HOH A O   1 
HETATM 1002 O O   . HOH D 4 .   ? 9.985   -5.012  3.327   1.00 16.70 ? 2026 HOH A O   1 
HETATM 1003 O O   . HOH D 4 .   ? -6.838  -12.324 -7.026  1.00 14.26 ? 2027 HOH A O   1 
HETATM 1004 O O   . HOH D 4 .   ? 11.474  3.239   -6.034  1.00 23.74 ? 2028 HOH A O   1 
HETATM 1005 O O   . HOH D 4 .   ? 0.585   8.196   -10.080 1.00 19.01 ? 2029 HOH A O   1 
HETATM 1006 O O   . HOH D 4 .   ? -14.493 -5.400  -0.097  1.00 14.95 ? 2030 HOH A O   1 
HETATM 1007 O O   . HOH D 4 .   ? -17.050 -3.339  -1.791  1.00 14.19 ? 2031 HOH A O   1 
HETATM 1008 O O   . HOH D 4 .   ? -3.104  -15.827 -2.407  1.00 11.20 ? 2032 HOH A O   1 
HETATM 1009 O O   . HOH D 4 .   ? -11.646 -7.654  2.678   1.00 16.84 ? 2033 HOH A O   1 
HETATM 1010 O O   . HOH D 4 .   ? -6.295  -2.556  18.908  1.00 18.34 ? 2034 HOH A O   1 
HETATM 1011 O O   . HOH D 4 .   ? -8.235  -8.909  -18.467 1.00 14.41 ? 2035 HOH A O   1 
HETATM 1012 O O   . HOH D 4 .   ? 1.821   0.167   13.807  1.00 15.94 ? 2036 HOH A O   1 
HETATM 1013 O O   . HOH D 4 .   ? 1.616   7.087   -7.493  1.00 16.24 ? 2037 HOH A O   1 
HETATM 1014 O O   . HOH D 4 .   ? 17.544  -5.979  -9.354  1.00 19.15 ? 2038 HOH A O   1 
HETATM 1015 O O   . HOH D 4 .   ? -13.123 -9.931  -4.911  1.00 16.54 ? 2039 HOH A O   1 
HETATM 1016 O O   . HOH D 4 .   ? -14.531 -0.579  5.841   1.00 15.63 ? 2040 HOH A O   1 
HETATM 1017 O O   . HOH D 4 .   ? 8.188   5.700   -2.832  1.00 17.19 ? 2041 HOH A O   1 
HETATM 1018 O O   . HOH D 4 .   ? -2.611  -13.029 -7.665  1.00 14.90 ? 2042 HOH A O   1 
HETATM 1019 O O   . HOH D 4 .   ? -8.993  -11.962 -12.379 1.00 22.33 ? 2043 HOH A O   1 
HETATM 1020 O O   . HOH D 4 .   ? -5.262  -0.919  -18.279 1.00 20.32 ? 2044 HOH A O   1 
HETATM 1021 O O   . HOH D 4 .   ? -15.952 6.369   4.030   1.00 17.46 ? 2045 HOH A O   1 
HETATM 1022 O O   . HOH D 4 .   ? -4.574  -11.369 -17.073 1.00 23.49 ? 2046 HOH A O   1 
HETATM 1023 O O   . HOH D 4 .   ? -4.994  9.520   -4.915  1.00 14.97 ? 2047 HOH A O   1 
HETATM 1024 O O   . HOH D 4 .   ? -11.763 1.871   -8.095  1.00 24.12 ? 2048 HOH A O   1 
HETATM 1025 O O   . HOH D 4 .   ? -10.242 -2.327  13.247  1.00 20.69 ? 2049 HOH A O   1 
HETATM 1026 O O   . HOH D 4 .   ? -7.058  -4.964  13.622  1.00 16.58 ? 2050 HOH A O   1 
HETATM 1027 O O   . HOH D 4 .   ? 1.939   -6.806  -14.486 1.00 14.48 ? 2051 HOH A O   1 
HETATM 1028 O O   . HOH D 4 .   ? -11.319 -1.069  -10.011 1.00 22.12 ? 2052 HOH A O   1 
HETATM 1029 O O   . HOH D 4 .   ? 5.885   -13.964 -12.252 1.00 19.72 ? 2053 HOH A O   1 
HETATM 1030 O O   . HOH D 4 .   ? 4.153   11.994  -7.461  1.00 22.65 ? 2054 HOH A O   1 
HETATM 1031 O O   . HOH D 4 .   ? 6.104   3.322   -15.572 1.00 17.31 ? 2055 HOH A O   1 
HETATM 1032 O O   . HOH D 4 .   ? 15.044  1.147   -10.500 1.00 19.11 ? 2056 HOH A O   1 
HETATM 1033 O O   . HOH D 4 .   ? -8.039  -17.408 1.431   1.00 26.20 ? 2057 HOH A O   1 
HETATM 1034 O O   . HOH D 4 .   ? 5.322   -6.820  8.753   1.00 18.71 ? 2058 HOH A O   1 
HETATM 1035 O O   . HOH D 4 .   ? 7.534   -10.460 -12.394 1.00 20.06 ? 2059 HOH A O   1 
HETATM 1036 O O   . HOH D 4 .   ? 5.216   15.180  4.071   1.00 19.68 ? 2060 HOH A O   1 
HETATM 1037 O O   . HOH D 4 .   ? 2.663   -11.963 -12.583 1.00 18.65 ? 2061 HOH A O   1 
HETATM 1038 O O   . HOH D 4 .   ? -8.132  11.912  2.809   1.00 21.09 ? 2062 HOH A O   1 
HETATM 1039 O O   . HOH D 4 .   ? -8.062  -11.147 -4.872  1.00 22.55 ? 2063 HOH A O   1 
HETATM 1040 O O   . HOH D 4 .   ? 10.363  -2.363  4.374   1.00 22.02 ? 2064 HOH A O   1 
HETATM 1041 O O   . HOH D 4 .   ? -5.036  16.059  5.928   1.00 21.01 ? 2065 HOH A O   1 
HETATM 1042 O O   . HOH D 4 .   ? -8.021  2.762   18.885  1.00 27.60 ? 2066 HOH A O   1 
HETATM 1043 O O   . HOH D 4 .   ? -0.193  -15.736 0.196   1.00 16.12 ? 2067 HOH A O   1 
HETATM 1044 O O   . HOH D 4 .   ? -14.321 -13.181 -11.836 1.00 37.19 ? 2068 HOH A O   1 
HETATM 1045 O O   . HOH D 4 .   ? 3.581   -13.202 -10.206 1.00 22.46 ? 2069 HOH A O   1 
HETATM 1046 O O   . HOH D 4 .   ? -14.751 -7.637  4.480   1.00 25.53 ? 2070 HOH A O   1 
HETATM 1047 O O   . HOH D 4 .   ? 9.186   -6.854  5.231   1.00 24.73 ? 2071 HOH A O   1 
HETATM 1048 O O   . HOH D 4 .   ? 2.144   -14.320 0.521   1.00 21.50 ? 2072 HOH A O   1 
HETATM 1049 O O   . HOH D 4 .   ? -6.123  -4.487  15.793  1.00 27.90 ? 2073 HOH A O   1 
HETATM 1050 O O   . HOH D 4 .   ? -0.151  13.052  10.104  1.00 26.85 ? 2074 HOH A O   1 
HETATM 1051 O O   . HOH D 4 .   ? 9.896   -14.570 4.562   1.00 23.02 ? 2075 HOH A O   1 
HETATM 1052 O O   . HOH D 4 .   ? 4.219   -12.356 8.617   1.00 19.15 ? 2076 HOH A O   1 
HETATM 1053 O O   . HOH D 4 .   ? -5.650  3.811   13.426  1.00 20.99 ? 2077 HOH A O   1 
HETATM 1054 O O   . HOH D 4 .   ? 5.481   -16.163 4.102   1.00 21.94 ? 2078 HOH A O   1 
HETATM 1055 O O   . HOH D 4 .   ? -15.222 -7.745  8.109   1.00 32.55 ? 2079 HOH A O   1 
HETATM 1056 O O   . HOH D 4 .   ? -2.817  -13.546 -10.113 1.00 33.16 ? 2080 HOH A O   1 
HETATM 1057 O O   . HOH D 4 .   ? -4.008  -6.162  -19.994 1.00 34.00 ? 2081 HOH A O   1 
HETATM 1058 O O   . HOH D 4 .   ? 13.448  1.741   -12.803 1.00 10.58 ? 2082 HOH A O   1 
HETATM 1059 O O   . HOH D 4 .   ? 7.052   -17.500 7.099   1.00 14.76 ? 2083 HOH A O   1 
HETATM 1060 O O   . HOH D 4 .   ? 11.661  2.242   -4.065  1.00 23.35 ? 2084 HOH A O   1 
HETATM 1061 O O   . HOH D 4 .   ? 1.185   17.596  -3.017  1.00 19.59 ? 2085 HOH A O   1 
HETATM 1062 O O   . HOH D 4 .   ? -15.520 -2.947  3.025   1.00 19.25 ? 2086 HOH A O   1 
HETATM 1063 O O   . HOH D 4 .   ? 17.746  -4.599  -6.951  1.00 22.58 ? 2087 HOH A O   1 
HETATM 1064 O O   . HOH D 4 .   ? 6.822   11.759  -6.406  1.00 23.84 ? 2088 HOH A O   1 
HETATM 1065 O O   . HOH D 4 .   ? -9.569  -14.484 -0.022  1.00 23.59 ? 2089 HOH A O   1 
HETATM 1066 O O   . HOH D 4 .   ? 2.984   -13.521 5.356   1.00 20.33 ? 2090 HOH A O   1 
HETATM 1067 O O   . HOH D 4 .   ? -15.814 7.145   1.610   1.00 27.88 ? 2091 HOH A O   1 
HETATM 1068 O O   . HOH D 4 .   ? 1.537   -7.891  -17.319 1.00 26.91 ? 2092 HOH A O   1 
HETATM 1069 O O   . HOH D 4 .   ? -3.027  -1.221  -20.613 1.00 29.61 ? 2093 HOH A O   1 
HETATM 1070 O O   . HOH D 4 .   ? 4.485   -4.814  10.617  1.00 21.43 ? 2094 HOH A O   1 
HETATM 1071 O O   . HOH D 4 .   ? 3.351   0.302   16.081  1.00 23.73 ? 2095 HOH A O   1 
HETATM 1072 O O   . HOH D 4 .   ? -16.627 -1.357  7.511   1.00 28.20 ? 2096 HOH A O   1 
HETATM 1073 O O   . HOH D 4 .   ? -17.332 -2.793  0.708   1.00 27.37 ? 2097 HOH A O   1 
HETATM 1074 O O   . HOH D 4 .   ? 1.262   -1.319  17.696  1.00 25.92 ? 2098 HOH A O   1 
HETATM 1075 O O   . HOH D 4 .   ? 8.523   0.258   9.170   1.00 24.21 ? 2099 HOH A O   1 
HETATM 1076 O O   . HOH D 4 .   ? -14.149 -7.754  1.373   1.00 25.52 ? 2100 HOH A O   1 
HETATM 1077 O O   . HOH D 4 .   ? -8.924  -11.197 6.294   1.00 23.71 ? 2101 HOH A O   1 
HETATM 1078 O O   . HOH D 4 .   ? 13.026  2.226   4.022   1.00 24.87 ? 2102 HOH A O   1 
HETATM 1079 O O   . HOH D 4 .   ? 5.865   3.634   15.985  1.00 28.10 ? 2103 HOH A O   1 
HETATM 1080 O O   . HOH D 4 .   ? -5.589  -17.201 -1.807  1.00 27.77 ? 2104 HOH A O   1 
HETATM 1081 O O   . HOH D 4 .   ? -5.512  -4.133  -19.047 1.00 27.86 ? 2105 HOH A O   1 
HETATM 1082 O O   . HOH D 4 .   ? -9.252  0.602   15.897  1.00 27.39 ? 2106 HOH A O   1 
HETATM 1083 O O   . HOH D 4 .   ? -17.289 1.683   2.885   1.00 28.16 ? 2107 HOH A O   1 
HETATM 1084 O O   . HOH D 4 .   ? 15.530  1.483   1.495   1.00 30.24 ? 2108 HOH A O   1 
HETATM 1085 O O   . HOH D 4 .   ? -8.573  -13.503 7.769   1.00 24.12 ? 2109 HOH A O   1 
HETATM 1086 O O   . HOH D 4 .   ? -13.818 5.354   -0.119  1.00 27.68 ? 2110 HOH A O   1 
HETATM 1087 O O   . HOH D 4 .   ? -1.427  17.176  4.860   1.00 26.09 ? 2111 HOH A O   1 
HETATM 1088 O O   . HOH D 4 .   ? -13.008 -17.504 9.741   1.00 33.81 ? 2112 HOH A O   1 
HETATM 1089 O O   . HOH D 4 .   ? -7.227  -7.505  12.710  1.00 27.75 ? 2113 HOH A O   1 
HETATM 1090 O O   . HOH D 4 .   ? 9.215   -2.463  6.632   1.00 28.59 ? 2114 HOH A O   1 
HETATM 1091 O O   . HOH D 4 .   ? -9.096  4.278   10.454  1.00 27.21 ? 2115 HOH A O   1 
HETATM 1092 O O   . HOH D 4 .   ? 9.397   5.692   -6.076  1.00 32.79 ? 2116 HOH A O   1 
HETATM 1093 O O   . HOH D 4 .   ? 16.624  -4.731  -1.370  1.00 29.72 ? 2117 HOH A O   1 
HETATM 1094 O O   . HOH D 4 .   ? 12.463  -6.228  2.775   1.00 32.80 ? 2118 HOH A O   1 
HETATM 1095 O O   . HOH D 4 .   ? -9.133  2.486   -10.365 1.00 37.87 ? 2119 HOH A O   1 
HETATM 1096 O O   . HOH D 4 .   ? -8.842  -15.185 5.265   1.00 27.76 ? 2120 HOH A O   1 
HETATM 1097 O O   . HOH D 4 .   ? -6.456  7.944   -2.045  1.00 26.91 ? 2121 HOH A O   1 
HETATM 1098 O O   . HOH D 4 .   ? -10.364 2.195   10.945  1.00 25.18 ? 2122 HOH A O   1 
HETATM 1099 O O   . HOH D 4 .   ? -7.592  9.500   -0.231  1.00 26.77 ? 2123 HOH A O   1 
# 
loop_
_pdbx_poly_seq_scheme.asym_id 
_pdbx_poly_seq_scheme.entity_id 
_pdbx_poly_seq_scheme.seq_id 
_pdbx_poly_seq_scheme.mon_id 
_pdbx_poly_seq_scheme.ndb_seq_num 
_pdbx_poly_seq_scheme.pdb_seq_num 
_pdbx_poly_seq_scheme.auth_seq_num 
_pdbx_poly_seq_scheme.pdb_mon_id 
_pdbx_poly_seq_scheme.auth_mon_id 
_pdbx_poly_seq_scheme.pdb_strand_id 
_pdbx_poly_seq_scheme.pdb_ins_code 
_pdbx_poly_seq_scheme.hetero 
A 1 1   MET 1   1   1   MET MET A . n 
A 1 2   LYS 2   2   2   LYS LYS A . n 
A 1 3   ILE 3   3   3   ILE ILE A . n 
A 1 4   GLU 4   4   4   GLU GLU A . n 
A 1 5   GLU 5   5   5   GLU GLU A . n 
A 1 6   VAL 6   6   6   VAL VAL A . n 
A 1 7   ARG 7   7   7   ARG ARG A . n 
A 1 8   PHE 8   8   8   PHE PHE A . n 
A 1 9   GLY 9   9   9   GLY GLY A . n 
A 1 10  LEU 10  10  10  LEU LEU A . n 
A 1 11  VAL 11  11  11  VAL VAL A . n 
A 1 12  LYS 12  12  12  LYS LYS A . n 
A 1 13  ILE 13  13  13  ILE ILE A . n 
A 1 14  ASP 14  14  14  ASP ASP A . n 
A 1 15  GLY 15  15  15  GLY GLY A . n 
A 1 16  LYS 16  16  16  LYS LYS A . n 
A 1 17  GLU 17  17  17  GLU GLU A . n 
A 1 18  PHE 18  18  18  PHE PHE A . n 
A 1 19  ASP 19  19  19  ASP ASP A . n 
A 1 20  HIS 20  20  20  HIS HIS A . n 
A 1 21  ASP 21  21  21  ASP ASP A . n 
A 1 22  ILE 22  22  22  ILE ILE A . n 
A 1 23  VAL 23  23  23  VAL VAL A . n 
A 1 24  ILE 24  24  24  ILE ILE A . n 
A 1 25  TYR 25  25  25  TYR TYR A . n 
A 1 26  PRO 26  26  26  PRO PRO A . n 
A 1 27  SER 27  27  27  SER SER A . n 
A 1 28  GLY 28  28  28  GLY GLY A . n 
A 1 29  ARG 29  29  29  ARG ARG A . n 
A 1 30  ILE 30  30  30  ILE ILE A . n 
A 1 31  GLU 31  31  31  GLU GLU A . n 
A 1 32  ARG 32  32  32  ARG ARG A . n 
A 1 33  ARG 33  33  33  ARG ARG A . n 
A 1 34  MET 34  34  34  MET MET A . n 
A 1 35  LYS 35  35  35  LYS LYS A . n 
A 1 36  GLU 36  36  36  GLU GLU A . n 
A 1 37  ILE 37  37  37  ILE ILE A . n 
A 1 38  SER 38  38  38  SER SER A . n 
A 1 39  LYS 39  39  39  LYS LYS A . n 
A 1 40  LYS 40  40  40  LYS LYS A . n 
A 1 41  LYS 41  41  41  LYS LYS A . n 
A 1 42  HIS 42  42  42  HIS HIS A . n 
A 1 43  GLY 43  43  43  GLY GLY A . n 
A 1 44  THR 44  44  44  THR THR A . n 
A 1 45  SER 45  45  45  SER SER A . n 
A 1 46  HIS 46  46  46  HIS HIS A . n 
A 1 47  LYS 47  47  47  LYS LYS A . n 
A 1 48  LEU 48  48  48  LEU LEU A . n 
A 1 49  ASP 49  49  49  ASP ASP A . n 
A 1 50  PRO 50  50  50  PRO PRO A . n 
A 1 51  GLU 51  51  51  GLU GLU A . n 
A 1 52  GLU 52  52  52  GLU GLU A . n 
A 1 53  LEU 53  53  53  LEU LEU A . n 
A 1 54  GLU 54  54  54  GLU GLU A . n 
A 1 55  LYS 55  55  55  LYS LYS A . n 
A 1 56  TYR 56  56  56  TYR TYR A . n 
A 1 57  LEU 57  57  57  LEU LEU A . n 
A 1 58  VAL 58  58  58  VAL VAL A . n 
A 1 59  GLU 59  59  59  GLU GLU A . n 
A 1 60  ASP 60  60  60  ASP ASP A . n 
A 1 61  PHE 61  61  61  PHE PHE A . n 
A 1 62  ASP 62  62  62  ASP ASP A . n 
A 1 63  VAL 63  63  63  VAL VAL A . n 
A 1 64  LEU 64  64  64  LEU LEU A . n 
A 1 65  LEU 65  65  65  LEU LEU A . n 
A 1 66  VAL 66  66  66  VAL VAL A . n 
A 1 67  GLY 67  67  67  GLY GLY A . n 
A 1 68  THR 68  68  68  THR THR A . n 
A 1 69  GLY 69  69  69  GLY GLY A . n 
A 1 70  ILE 70  70  70  ILE ILE A . n 
A 1 71  TYR 71  71  71  TYR TYR A . n 
A 1 72  GLY 72  72  72  GLY GLY A . n 
A 1 73  MET 73  73  73  MET MET A . n 
A 1 74  LEU 74  74  74  LEU LEU A . n 
A 1 75  SER 75  75  75  SER SER A . n 
A 1 76  LEU 76  76  76  LEU LEU A . n 
A 1 77  LEU 77  77  77  LEU LEU A . n 
A 1 78  PRO 78  78  78  PRO PRO A . n 
A 1 79  GLU 79  79  79  GLU GLU A . n 
A 1 80  SER 80  80  80  SER SER A . n 
A 1 81  LYS 81  81  81  LYS LYS A . n 
A 1 82  LYS 82  82  82  LYS LYS A . n 
A 1 83  LEU 83  83  83  LEU LEU A . n 
A 1 84  VAL 84  84  84  VAL VAL A . n 
A 1 85  GLU 85  85  85  GLU GLU A . n 
A 1 86  ASP 86  86  86  ASP ASP A . n 
A 1 87  LYS 87  87  87  LYS LYS A . n 
A 1 88  GLU 88  88  88  GLU GLU A . n 
A 1 89  VAL 89  89  89  VAL VAL A . n 
A 1 90  ILE 90  90  90  ILE ILE A . n 
A 1 91  GLU 91  91  91  GLU GLU A . n 
A 1 92  LYS 92  92  92  LYS LYS A . n 
A 1 93  PRO 93  93  93  PRO PRO A . n 
A 1 94  THR 94  94  94  THR THR A . n 
A 1 95  LYS 95  95  95  LYS LYS A . n 
A 1 96  GLU 96  96  96  GLU GLU A . n 
A 1 97  ALA 97  97  97  ALA ALA A . n 
A 1 98  LEU 98  98  98  LEU LEU A . n 
A 1 99  LYS 99  99  99  LYS LYS A . n 
A 1 100 LEU 100 100 100 LEU LEU A . n 
A 1 101 LEU 101 101 101 LEU LEU A . n 
A 1 102 GLU 102 102 102 GLU GLU A . n 
A 1 103 GLU 103 103 103 GLU GLU A . n 
A 1 104 LEU 104 104 104 LEU LEU A . n 
A 1 105 TRP 105 105 105 TRP TRP A . n 
A 1 106 GLY 106 106 106 GLY GLY A . n 
A 1 107 LYS 107 107 107 LYS LYS A . n 
A 1 108 LYS 108 108 108 LYS LYS A . n 
A 1 109 ARG 109 109 109 ARG ARG A . n 
A 1 110 ILE 110 110 110 ILE ILE A . n 
A 1 111 LEU 111 111 111 LEU LEU A . n 
A 1 112 ALA 112 112 112 ALA ALA A . n 
A 1 113 ILE 113 113 113 ILE ILE A . n 
A 1 114 ILE 114 114 114 ILE ILE A . n 
A 1 115 HIS 115 115 115 HIS HIS A . n 
A 1 116 VAL 116 116 116 VAL VAL A . n 
A 1 117 THR 117 117 117 THR THR A . n 
A 1 118 OCS 118 118 118 OCS CYS A . n 
# 
_pdbx_SG_project.id                    1 
_pdbx_SG_project.project_name          'NPPSFA, National Project on Protein Structural and Functional Analyses' 
_pdbx_SG_project.full_name_of_center   'RIKEN Structural Genomics/Proteomics Initiative' 
_pdbx_SG_project.initial_of_center     RSGI 
# 
loop_
_pdbx_nonpoly_scheme.asym_id 
_pdbx_nonpoly_scheme.entity_id 
_pdbx_nonpoly_scheme.mon_id 
_pdbx_nonpoly_scheme.ndb_seq_num 
_pdbx_nonpoly_scheme.pdb_seq_num 
_pdbx_nonpoly_scheme.auth_seq_num 
_pdbx_nonpoly_scheme.pdb_mon_id 
_pdbx_nonpoly_scheme.auth_mon_id 
_pdbx_nonpoly_scheme.pdb_strand_id 
_pdbx_nonpoly_scheme.pdb_ins_code 
B 2 ACT 1   1001 1   ACT ACT A . 
C 3 SO4 1   2001 1   SO4 SO4 A . 
D 4 HOH 1   2002 1   HOH HOH A . 
D 4 HOH 2   2003 2   HOH HOH A . 
D 4 HOH 3   2004 3   HOH HOH A . 
D 4 HOH 4   2005 4   HOH HOH A . 
D 4 HOH 5   2006 5   HOH HOH A . 
D 4 HOH 6   2007 6   HOH HOH A . 
D 4 HOH 7   2008 7   HOH HOH A . 
D 4 HOH 8   2009 8   HOH HOH A . 
D 4 HOH 9   2010 9   HOH HOH A . 
D 4 HOH 10  2011 10  HOH HOH A . 
D 4 HOH 11  2012 11  HOH HOH A . 
D 4 HOH 12  2013 12  HOH HOH A . 
D 4 HOH 13  2014 13  HOH HOH A . 
D 4 HOH 14  2015 14  HOH HOH A . 
D 4 HOH 15  2016 15  HOH HOH A . 
D 4 HOH 16  2017 16  HOH HOH A . 
D 4 HOH 17  2018 17  HOH HOH A . 
D 4 HOH 18  2019 18  HOH HOH A . 
D 4 HOH 19  2020 19  HOH HOH A . 
D 4 HOH 20  2021 20  HOH HOH A . 
D 4 HOH 21  2022 21  HOH HOH A . 
D 4 HOH 22  2023 22  HOH HOH A . 
D 4 HOH 23  2024 23  HOH HOH A . 
D 4 HOH 24  2025 24  HOH HOH A . 
D 4 HOH 25  2026 25  HOH HOH A . 
D 4 HOH 26  2027 26  HOH HOH A . 
D 4 HOH 27  2028 27  HOH HOH A . 
D 4 HOH 28  2029 28  HOH HOH A . 
D 4 HOH 29  2030 29  HOH HOH A . 
D 4 HOH 30  2031 30  HOH HOH A . 
D 4 HOH 31  2032 31  HOH HOH A . 
D 4 HOH 32  2033 32  HOH HOH A . 
D 4 HOH 33  2034 33  HOH HOH A . 
D 4 HOH 34  2035 34  HOH HOH A . 
D 4 HOH 35  2036 35  HOH HOH A . 
D 4 HOH 36  2037 36  HOH HOH A . 
D 4 HOH 37  2038 37  HOH HOH A . 
D 4 HOH 38  2039 38  HOH HOH A . 
D 4 HOH 39  2040 39  HOH HOH A . 
D 4 HOH 40  2041 40  HOH HOH A . 
D 4 HOH 41  2042 41  HOH HOH A . 
D 4 HOH 42  2043 42  HOH HOH A . 
D 4 HOH 43  2044 43  HOH HOH A . 
D 4 HOH 44  2045 44  HOH HOH A . 
D 4 HOH 45  2046 45  HOH HOH A . 
D 4 HOH 46  2047 46  HOH HOH A . 
D 4 HOH 47  2048 47  HOH HOH A . 
D 4 HOH 48  2049 48  HOH HOH A . 
D 4 HOH 49  2050 49  HOH HOH A . 
D 4 HOH 50  2051 50  HOH HOH A . 
D 4 HOH 51  2052 51  HOH HOH A . 
D 4 HOH 52  2053 52  HOH HOH A . 
D 4 HOH 53  2054 53  HOH HOH A . 
D 4 HOH 54  2055 54  HOH HOH A . 
D 4 HOH 55  2056 55  HOH HOH A . 
D 4 HOH 56  2057 56  HOH HOH A . 
D 4 HOH 57  2058 57  HOH HOH A . 
D 4 HOH 58  2059 58  HOH HOH A . 
D 4 HOH 59  2060 59  HOH HOH A . 
D 4 HOH 60  2061 60  HOH HOH A . 
D 4 HOH 61  2062 61  HOH HOH A . 
D 4 HOH 62  2063 62  HOH HOH A . 
D 4 HOH 63  2064 63  HOH HOH A . 
D 4 HOH 64  2065 64  HOH HOH A . 
D 4 HOH 65  2066 65  HOH HOH A . 
D 4 HOH 66  2067 66  HOH HOH A . 
D 4 HOH 67  2068 67  HOH HOH A . 
D 4 HOH 68  2069 68  HOH HOH A . 
D 4 HOH 69  2070 69  HOH HOH A . 
D 4 HOH 70  2071 70  HOH HOH A . 
D 4 HOH 71  2072 71  HOH HOH A . 
D 4 HOH 72  2073 72  HOH HOH A . 
D 4 HOH 73  2074 73  HOH HOH A . 
D 4 HOH 74  2075 74  HOH HOH A . 
D 4 HOH 75  2076 75  HOH HOH A . 
D 4 HOH 76  2077 76  HOH HOH A . 
D 4 HOH 77  2078 77  HOH HOH A . 
D 4 HOH 78  2079 78  HOH HOH A . 
D 4 HOH 79  2080 79  HOH HOH A . 
D 4 HOH 80  2081 80  HOH HOH A . 
D 4 HOH 81  2082 81  HOH HOH A . 
D 4 HOH 82  2083 82  HOH HOH A . 
D 4 HOH 83  2084 83  HOH HOH A . 
D 4 HOH 84  2085 84  HOH HOH A . 
D 4 HOH 85  2086 85  HOH HOH A . 
D 4 HOH 86  2087 86  HOH HOH A . 
D 4 HOH 87  2088 87  HOH HOH A . 
D 4 HOH 88  2089 88  HOH HOH A . 
D 4 HOH 89  2090 89  HOH HOH A . 
D 4 HOH 90  2091 90  HOH HOH A . 
D 4 HOH 91  2092 91  HOH HOH A . 
D 4 HOH 92  2093 92  HOH HOH A . 
D 4 HOH 93  2094 93  HOH HOH A . 
D 4 HOH 94  2095 94  HOH HOH A . 
D 4 HOH 95  2096 95  HOH HOH A . 
D 4 HOH 96  2097 96  HOH HOH A . 
D 4 HOH 97  2098 97  HOH HOH A . 
D 4 HOH 98  2099 98  HOH HOH A . 
D 4 HOH 99  2100 99  HOH HOH A . 
D 4 HOH 100 2101 100 HOH HOH A . 
D 4 HOH 101 2102 101 HOH HOH A . 
D 4 HOH 102 2103 102 HOH HOH A . 
D 4 HOH 103 2104 103 HOH HOH A . 
D 4 HOH 104 2105 104 HOH HOH A . 
D 4 HOH 105 2106 105 HOH HOH A . 
D 4 HOH 106 2107 106 HOH HOH A . 
D 4 HOH 107 2108 107 HOH HOH A . 
D 4 HOH 108 2109 108 HOH HOH A . 
D 4 HOH 109 2110 109 HOH HOH A . 
D 4 HOH 110 2111 110 HOH HOH A . 
D 4 HOH 111 2112 111 HOH HOH A . 
D 4 HOH 112 2113 112 HOH HOH A . 
D 4 HOH 113 2114 113 HOH HOH A . 
D 4 HOH 114 2115 114 HOH HOH A . 
D 4 HOH 115 2116 115 HOH HOH A . 
D 4 HOH 116 2117 116 HOH HOH A . 
D 4 HOH 117 2118 117 HOH HOH A . 
D 4 HOH 118 2119 118 HOH HOH A . 
D 4 HOH 119 2120 119 HOH HOH A . 
D 4 HOH 120 2121 120 HOH HOH A . 
D 4 HOH 121 2122 121 HOH HOH A . 
D 4 HOH 122 2123 122 HOH HOH A . 
# 
_pdbx_struct_mod_residue.id               1 
_pdbx_struct_mod_residue.label_asym_id    A 
_pdbx_struct_mod_residue.label_comp_id    OCS 
_pdbx_struct_mod_residue.label_seq_id     118 
_pdbx_struct_mod_residue.auth_asym_id     A 
_pdbx_struct_mod_residue.auth_comp_id     OCS 
_pdbx_struct_mod_residue.auth_seq_id      118 
_pdbx_struct_mod_residue.PDB_ins_code     ? 
_pdbx_struct_mod_residue.parent_comp_id   CYS 
_pdbx_struct_mod_residue.details          'CYSTEINESULFONIC ACID' 
# 
_pdbx_struct_assembly.id                   1 
_pdbx_struct_assembly.details              author_and_software_defined_assembly 
_pdbx_struct_assembly.method_details       PISA 
_pdbx_struct_assembly.oligomeric_details   monomeric 
_pdbx_struct_assembly.oligomeric_count     1 
# 
_pdbx_struct_assembly_gen.assembly_id       1 
_pdbx_struct_assembly_gen.oper_expression   1 
_pdbx_struct_assembly_gen.asym_id_list      A,B,C,D 
# 
_pdbx_struct_oper_list.id                   1 
_pdbx_struct_oper_list.type                 'identity operation' 
_pdbx_struct_oper_list.name                 1_555 
_pdbx_struct_oper_list.symmetry_operation   x,y,z 
_pdbx_struct_oper_list.matrix[1][1]         1.0000000000 
_pdbx_struct_oper_list.matrix[1][2]         0.0000000000 
_pdbx_struct_oper_list.matrix[1][3]         0.0000000000 
_pdbx_struct_oper_list.vector[1]            0.0000000000 
_pdbx_struct_oper_list.matrix[2][1]         0.0000000000 
_pdbx_struct_oper_list.matrix[2][2]         1.0000000000 
_pdbx_struct_oper_list.matrix[2][3]         0.0000000000 
_pdbx_struct_oper_list.vector[2]            0.0000000000 
_pdbx_struct_oper_list.matrix[3][1]         0.0000000000 
_pdbx_struct_oper_list.matrix[3][2]         0.0000000000 
_pdbx_struct_oper_list.matrix[3][3]         1.0000000000 
_pdbx_struct_oper_list.vector[3]            0.0000000000 
# 
loop_
_pdbx_audit_revision_history.ordinal 
_pdbx_audit_revision_history.data_content_type 
_pdbx_audit_revision_history.major_revision 
_pdbx_audit_revision_history.minor_revision 
_pdbx_audit_revision_history.revision_date 
1 'Structure model' 1 0 2006-01-07 
2 'Structure model' 1 1 2008-04-30 
3 'Structure model' 1 2 2011-07-13 
4 'Structure model' 1 3 2023-10-25 
5 'Structure model' 1 4 2023-11-15 
# 
_pdbx_audit_revision_details.ordinal             1 
_pdbx_audit_revision_details.revision_ordinal    1 
_pdbx_audit_revision_details.data_content_type   'Structure model' 
_pdbx_audit_revision_details.provider            repository 
_pdbx_audit_revision_details.type                'Initial release' 
_pdbx_audit_revision_details.description         ? 
_pdbx_audit_revision_details.details             ? 
# 
loop_
_pdbx_audit_revision_group.ordinal 
_pdbx_audit_revision_group.revision_ordinal 
_pdbx_audit_revision_group.data_content_type 
_pdbx_audit_revision_group.group 
1 2 'Structure model' 'Version format compliance' 
2 3 'Structure model' 'Source and taxonomy'       
3 3 'Structure model' 'Version format compliance' 
4 4 'Structure model' 'Data collection'           
5 4 'Structure model' 'Database references'       
6 4 'Structure model' 'Derived calculations'      
7 4 'Structure model' 'Refinement description'    
8 5 'Structure model' 'Data collection'           
# 
loop_
_pdbx_audit_revision_category.ordinal 
_pdbx_audit_revision_category.revision_ordinal 
_pdbx_audit_revision_category.data_content_type 
_pdbx_audit_revision_category.category 
1 4 'Structure model' chem_comp_atom                
2 4 'Structure model' chem_comp_bond                
3 4 'Structure model' database_2                    
4 4 'Structure model' pdbx_initial_refinement_model 
5 4 'Structure model' struct_conn                   
6 4 'Structure model' struct_site                   
7 5 'Structure model' chem_comp_atom                
8 5 'Structure model' chem_comp_bond                
# 
loop_
_pdbx_audit_revision_item.ordinal 
_pdbx_audit_revision_item.revision_ordinal 
_pdbx_audit_revision_item.data_content_type 
_pdbx_audit_revision_item.item 
1 4 'Structure model' '_database_2.pdbx_DOI'                
2 4 'Structure model' '_database_2.pdbx_database_accession' 
3 4 'Structure model' '_struct_conn.pdbx_leaving_atom_flag' 
4 4 'Structure model' '_struct_site.pdbx_auth_asym_id'      
5 4 'Structure model' '_struct_site.pdbx_auth_comp_id'      
6 4 'Structure model' '_struct_site.pdbx_auth_seq_id'       
7 5 'Structure model' '_chem_comp_atom.atom_id'             
8 5 'Structure model' '_chem_comp_bond.atom_id_2'           
# 
loop_
_software.name 
_software.classification 
_software.version 
_software.citation_id 
_software.pdbx_ordinal 
CNS       refinement       1.1 ? 1 
HKL-2000  'data reduction' .   ? 2 
SCALEPACK 'data scaling'   .   ? 3 
PHASER    phasing          .   ? 4 
# 
loop_
_pdbx_validate_torsion.id 
_pdbx_validate_torsion.PDB_model_num 
_pdbx_validate_torsion.auth_comp_id 
_pdbx_validate_torsion.auth_asym_id 
_pdbx_validate_torsion.auth_seq_id 
_pdbx_validate_torsion.PDB_ins_code 
_pdbx_validate_torsion.label_alt_id 
_pdbx_validate_torsion.phi 
_pdbx_validate_torsion.psi 
1 1 LYS A 40  ? ? -64.66  24.47   
2 1 LYS A 41  ? ? -154.98 -42.50  
3 1 LYS A 107 ? ? -110.55 -79.74  
4 1 THR A 117 ? ? -106.89 -137.67 
# 
loop_
_chem_comp_atom.comp_id 
_chem_comp_atom.atom_id 
_chem_comp_atom.type_symbol 
_chem_comp_atom.pdbx_aromatic_flag 
_chem_comp_atom.pdbx_stereo_config 
_chem_comp_atom.pdbx_ordinal 
ACT C    C N N 1   
ACT O    O N N 2   
ACT OXT  O N N 3   
ACT CH3  C N N 4   
ACT H1   H N N 5   
ACT H2   H N N 6   
ACT H3   H N N 7   
ALA N    N N N 8   
ALA CA   C N S 9   
ALA C    C N N 10  
ALA O    O N N 11  
ALA CB   C N N 12  
ALA OXT  O N N 13  
ALA H    H N N 14  
ALA H2   H N N 15  
ALA HA   H N N 16  
ALA HB1  H N N 17  
ALA HB2  H N N 18  
ALA HB3  H N N 19  
ALA HXT  H N N 20  
ARG N    N N N 21  
ARG CA   C N S 22  
ARG C    C N N 23  
ARG O    O N N 24  
ARG CB   C N N 25  
ARG CG   C N N 26  
ARG CD   C N N 27  
ARG NE   N N N 28  
ARG CZ   C N N 29  
ARG NH1  N N N 30  
ARG NH2  N N N 31  
ARG OXT  O N N 32  
ARG H    H N N 33  
ARG H2   H N N 34  
ARG HA   H N N 35  
ARG HB2  H N N 36  
ARG HB3  H N N 37  
ARG HG2  H N N 38  
ARG HG3  H N N 39  
ARG HD2  H N N 40  
ARG HD3  H N N 41  
ARG HE   H N N 42  
ARG HH11 H N N 43  
ARG HH12 H N N 44  
ARG HH21 H N N 45  
ARG HH22 H N N 46  
ARG HXT  H N N 47  
ASP N    N N N 48  
ASP CA   C N S 49  
ASP C    C N N 50  
ASP O    O N N 51  
ASP CB   C N N 52  
ASP CG   C N N 53  
ASP OD1  O N N 54  
ASP OD2  O N N 55  
ASP OXT  O N N 56  
ASP H    H N N 57  
ASP H2   H N N 58  
ASP HA   H N N 59  
ASP HB2  H N N 60  
ASP HB3  H N N 61  
ASP HD2  H N N 62  
ASP HXT  H N N 63  
GLU N    N N N 64  
GLU CA   C N S 65  
GLU C    C N N 66  
GLU O    O N N 67  
GLU CB   C N N 68  
GLU CG   C N N 69  
GLU CD   C N N 70  
GLU OE1  O N N 71  
GLU OE2  O N N 72  
GLU OXT  O N N 73  
GLU H    H N N 74  
GLU H2   H N N 75  
GLU HA   H N N 76  
GLU HB2  H N N 77  
GLU HB3  H N N 78  
GLU HG2  H N N 79  
GLU HG3  H N N 80  
GLU HE2  H N N 81  
GLU HXT  H N N 82  
GLY N    N N N 83  
GLY CA   C N N 84  
GLY C    C N N 85  
GLY O    O N N 86  
GLY OXT  O N N 87  
GLY H    H N N 88  
GLY H2   H N N 89  
GLY HA2  H N N 90  
GLY HA3  H N N 91  
GLY HXT  H N N 92  
HIS N    N N N 93  
HIS CA   C N S 94  
HIS C    C N N 95  
HIS O    O N N 96  
HIS CB   C N N 97  
HIS CG   C Y N 98  
HIS ND1  N Y N 99  
HIS CD2  C Y N 100 
HIS CE1  C Y N 101 
HIS NE2  N Y N 102 
HIS OXT  O N N 103 
HIS H    H N N 104 
HIS H2   H N N 105 
HIS HA   H N N 106 
HIS HB2  H N N 107 
HIS HB3  H N N 108 
HIS HD1  H N N 109 
HIS HD2  H N N 110 
HIS HE1  H N N 111 
HIS HE2  H N N 112 
HIS HXT  H N N 113 
HOH O    O N N 114 
HOH H1   H N N 115 
HOH H2   H N N 116 
ILE N    N N N 117 
ILE CA   C N S 118 
ILE C    C N N 119 
ILE O    O N N 120 
ILE CB   C N S 121 
ILE CG1  C N N 122 
ILE CG2  C N N 123 
ILE CD1  C N N 124 
ILE OXT  O N N 125 
ILE H    H N N 126 
ILE H2   H N N 127 
ILE HA   H N N 128 
ILE HB   H N N 129 
ILE HG12 H N N 130 
ILE HG13 H N N 131 
ILE HG21 H N N 132 
ILE HG22 H N N 133 
ILE HG23 H N N 134 
ILE HD11 H N N 135 
ILE HD12 H N N 136 
ILE HD13 H N N 137 
ILE HXT  H N N 138 
LEU N    N N N 139 
LEU CA   C N S 140 
LEU C    C N N 141 
LEU O    O N N 142 
LEU CB   C N N 143 
LEU CG   C N N 144 
LEU CD1  C N N 145 
LEU CD2  C N N 146 
LEU OXT  O N N 147 
LEU H    H N N 148 
LEU H2   H N N 149 
LEU HA   H N N 150 
LEU HB2  H N N 151 
LEU HB3  H N N 152 
LEU HG   H N N 153 
LEU HD11 H N N 154 
LEU HD12 H N N 155 
LEU HD13 H N N 156 
LEU HD21 H N N 157 
LEU HD22 H N N 158 
LEU HD23 H N N 159 
LEU HXT  H N N 160 
LYS N    N N N 161 
LYS CA   C N S 162 
LYS C    C N N 163 
LYS O    O N N 164 
LYS CB   C N N 165 
LYS CG   C N N 166 
LYS CD   C N N 167 
LYS CE   C N N 168 
LYS NZ   N N N 169 
LYS OXT  O N N 170 
LYS H    H N N 171 
LYS H2   H N N 172 
LYS HA   H N N 173 
LYS HB2  H N N 174 
LYS HB3  H N N 175 
LYS HG2  H N N 176 
LYS HG3  H N N 177 
LYS HD2  H N N 178 
LYS HD3  H N N 179 
LYS HE2  H N N 180 
LYS HE3  H N N 181 
LYS HZ1  H N N 182 
LYS HZ2  H N N 183 
LYS HZ3  H N N 184 
LYS HXT  H N N 185 
MET N    N N N 186 
MET CA   C N S 187 
MET C    C N N 188 
MET O    O N N 189 
MET CB   C N N 190 
MET CG   C N N 191 
MET SD   S N N 192 
MET CE   C N N 193 
MET OXT  O N N 194 
MET H    H N N 195 
MET H2   H N N 196 
MET HA   H N N 197 
MET HB2  H N N 198 
MET HB3  H N N 199 
MET HG2  H N N 200 
MET HG3  H N N 201 
MET HE1  H N N 202 
MET HE2  H N N 203 
MET HE3  H N N 204 
MET HXT  H N N 205 
OCS N    N N N 206 
OCS CA   C N R 207 
OCS CB   C N N 208 
OCS SG   S N N 209 
OCS C    C N N 210 
OCS O    O N N 211 
OCS OXT  O N N 212 
OCS OD1  O N N 213 
OCS OD2  O N N 214 
OCS OD3  O N N 215 
OCS H    H N N 216 
OCS H2   H N N 217 
OCS HA   H N N 218 
OCS HB2  H N N 219 
OCS HB3  H N N 220 
OCS HXT  H N N 221 
OCS HD2  H N N 222 
PHE N    N N N 223 
PHE CA   C N S 224 
PHE C    C N N 225 
PHE O    O N N 226 
PHE CB   C N N 227 
PHE CG   C Y N 228 
PHE CD1  C Y N 229 
PHE CD2  C Y N 230 
PHE CE1  C Y N 231 
PHE CE2  C Y N 232 
PHE CZ   C Y N 233 
PHE OXT  O N N 234 
PHE H    H N N 235 
PHE H2   H N N 236 
PHE HA   H N N 237 
PHE HB2  H N N 238 
PHE HB3  H N N 239 
PHE HD1  H N N 240 
PHE HD2  H N N 241 
PHE HE1  H N N 242 
PHE HE2  H N N 243 
PHE HZ   H N N 244 
PHE HXT  H N N 245 
PRO N    N N N 246 
PRO CA   C N S 247 
PRO C    C N N 248 
PRO O    O N N 249 
PRO CB   C N N 250 
PRO CG   C N N 251 
PRO CD   C N N 252 
PRO OXT  O N N 253 
PRO H    H N N 254 
PRO HA   H N N 255 
PRO HB2  H N N 256 
PRO HB3  H N N 257 
PRO HG2  H N N 258 
PRO HG3  H N N 259 
PRO HD2  H N N 260 
PRO HD3  H N N 261 
PRO HXT  H N N 262 
SER N    N N N 263 
SER CA   C N S 264 
SER C    C N N 265 
SER O    O N N 266 
SER CB   C N N 267 
SER OG   O N N 268 
SER OXT  O N N 269 
SER H    H N N 270 
SER H2   H N N 271 
SER HA   H N N 272 
SER HB2  H N N 273 
SER HB3  H N N 274 
SER HG   H N N 275 
SER HXT  H N N 276 
SO4 S    S N N 277 
SO4 O1   O N N 278 
SO4 O2   O N N 279 
SO4 O3   O N N 280 
SO4 O4   O N N 281 
THR N    N N N 282 
THR CA   C N S 283 
THR C    C N N 284 
THR O    O N N 285 
THR CB   C N R 286 
THR OG1  O N N 287 
THR CG2  C N N 288 
THR OXT  O N N 289 
THR H    H N N 290 
THR H2   H N N 291 
THR HA   H N N 292 
THR HB   H N N 293 
THR HG1  H N N 294 
THR HG21 H N N 295 
THR HG22 H N N 296 
THR HG23 H N N 297 
THR HXT  H N N 298 
TRP N    N N N 299 
TRP CA   C N S 300 
TRP C    C N N 301 
TRP O    O N N 302 
TRP CB   C N N 303 
TRP CG   C Y N 304 
TRP CD1  C Y N 305 
TRP CD2  C Y N 306 
TRP NE1  N Y N 307 
TRP CE2  C Y N 308 
TRP CE3  C Y N 309 
TRP CZ2  C Y N 310 
TRP CZ3  C Y N 311 
TRP CH2  C Y N 312 
TRP OXT  O N N 313 
TRP H    H N N 314 
TRP H2   H N N 315 
TRP HA   H N N 316 
TRP HB2  H N N 317 
TRP HB3  H N N 318 
TRP HD1  H N N 319 
TRP HE1  H N N 320 
TRP HE3  H N N 321 
TRP HZ2  H N N 322 
TRP HZ3  H N N 323 
TRP HH2  H N N 324 
TRP HXT  H N N 325 
TYR N    N N N 326 
TYR CA   C N S 327 
TYR C    C N N 328 
TYR O    O N N 329 
TYR CB   C N N 330 
TYR CG   C Y N 331 
TYR CD1  C Y N 332 
TYR CD2  C Y N 333 
TYR CE1  C Y N 334 
TYR CE2  C Y N 335 
TYR CZ   C Y N 336 
TYR OH   O N N 337 
TYR OXT  O N N 338 
TYR H    H N N 339 
TYR H2   H N N 340 
TYR HA   H N N 341 
TYR HB2  H N N 342 
TYR HB3  H N N 343 
TYR HD1  H N N 344 
TYR HD2  H N N 345 
TYR HE1  H N N 346 
TYR HE2  H N N 347 
TYR HH   H N N 348 
TYR HXT  H N N 349 
VAL N    N N N 350 
VAL CA   C N S 351 
VAL C    C N N 352 
VAL O    O N N 353 
VAL CB   C N N 354 
VAL CG1  C N N 355 
VAL CG2  C N N 356 
VAL OXT  O N N 357 
VAL H    H N N 358 
VAL H2   H N N 359 
VAL HA   H N N 360 
VAL HB   H N N 361 
VAL HG11 H N N 362 
VAL HG12 H N N 363 
VAL HG13 H N N 364 
VAL HG21 H N N 365 
VAL HG22 H N N 366 
VAL HG23 H N N 367 
VAL HXT  H N N 368 
# 
loop_
_chem_comp_bond.comp_id 
_chem_comp_bond.atom_id_1 
_chem_comp_bond.atom_id_2 
_chem_comp_bond.value_order 
_chem_comp_bond.pdbx_aromatic_flag 
_chem_comp_bond.pdbx_stereo_config 
_chem_comp_bond.pdbx_ordinal 
ACT C   O    doub N N 1   
ACT C   OXT  sing N N 2   
ACT C   CH3  sing N N 3   
ACT CH3 H1   sing N N 4   
ACT CH3 H2   sing N N 5   
ACT CH3 H3   sing N N 6   
ALA N   CA   sing N N 7   
ALA N   H    sing N N 8   
ALA N   H2   sing N N 9   
ALA CA  C    sing N N 10  
ALA CA  CB   sing N N 11  
ALA CA  HA   sing N N 12  
ALA C   O    doub N N 13  
ALA C   OXT  sing N N 14  
ALA CB  HB1  sing N N 15  
ALA CB  HB2  sing N N 16  
ALA CB  HB3  sing N N 17  
ALA OXT HXT  sing N N 18  
ARG N   CA   sing N N 19  
ARG N   H    sing N N 20  
ARG N   H2   sing N N 21  
ARG CA  C    sing N N 22  
ARG CA  CB   sing N N 23  
ARG CA  HA   sing N N 24  
ARG C   O    doub N N 25  
ARG C   OXT  sing N N 26  
ARG CB  CG   sing N N 27  
ARG CB  HB2  sing N N 28  
ARG CB  HB3  sing N N 29  
ARG CG  CD   sing N N 30  
ARG CG  HG2  sing N N 31  
ARG CG  HG3  sing N N 32  
ARG CD  NE   sing N N 33  
ARG CD  HD2  sing N N 34  
ARG CD  HD3  sing N N 35  
ARG NE  CZ   sing N N 36  
ARG NE  HE   sing N N 37  
ARG CZ  NH1  sing N N 38  
ARG CZ  NH2  doub N N 39  
ARG NH1 HH11 sing N N 40  
ARG NH1 HH12 sing N N 41  
ARG NH2 HH21 sing N N 42  
ARG NH2 HH22 sing N N 43  
ARG OXT HXT  sing N N 44  
ASP N   CA   sing N N 45  
ASP N   H    sing N N 46  
ASP N   H2   sing N N 47  
ASP CA  C    sing N N 48  
ASP CA  CB   sing N N 49  
ASP CA  HA   sing N N 50  
ASP C   O    doub N N 51  
ASP C   OXT  sing N N 52  
ASP CB  CG   sing N N 53  
ASP CB  HB2  sing N N 54  
ASP CB  HB3  sing N N 55  
ASP CG  OD1  doub N N 56  
ASP CG  OD2  sing N N 57  
ASP OD2 HD2  sing N N 58  
ASP OXT HXT  sing N N 59  
GLU N   CA   sing N N 60  
GLU N   H    sing N N 61  
GLU N   H2   sing N N 62  
GLU CA  C    sing N N 63  
GLU CA  CB   sing N N 64  
GLU CA  HA   sing N N 65  
GLU C   O    doub N N 66  
GLU C   OXT  sing N N 67  
GLU CB  CG   sing N N 68  
GLU CB  HB2  sing N N 69  
GLU CB  HB3  sing N N 70  
GLU CG  CD   sing N N 71  
GLU CG  HG2  sing N N 72  
GLU CG  HG3  sing N N 73  
GLU CD  OE1  doub N N 74  
GLU CD  OE2  sing N N 75  
GLU OE2 HE2  sing N N 76  
GLU OXT HXT  sing N N 77  
GLY N   CA   sing N N 78  
GLY N   H    sing N N 79  
GLY N   H2   sing N N 80  
GLY CA  C    sing N N 81  
GLY CA  HA2  sing N N 82  
GLY CA  HA3  sing N N 83  
GLY C   O    doub N N 84  
GLY C   OXT  sing N N 85  
GLY OXT HXT  sing N N 86  
HIS N   CA   sing N N 87  
HIS N   H    sing N N 88  
HIS N   H2   sing N N 89  
HIS CA  C    sing N N 90  
HIS CA  CB   sing N N 91  
HIS CA  HA   sing N N 92  
HIS C   O    doub N N 93  
HIS C   OXT  sing N N 94  
HIS CB  CG   sing N N 95  
HIS CB  HB2  sing N N 96  
HIS CB  HB3  sing N N 97  
HIS CG  ND1  sing Y N 98  
HIS CG  CD2  doub Y N 99  
HIS ND1 CE1  doub Y N 100 
HIS ND1 HD1  sing N N 101 
HIS CD2 NE2  sing Y N 102 
HIS CD2 HD2  sing N N 103 
HIS CE1 NE2  sing Y N 104 
HIS CE1 HE1  sing N N 105 
HIS NE2 HE2  sing N N 106 
HIS OXT HXT  sing N N 107 
HOH O   H1   sing N N 108 
HOH O   H2   sing N N 109 
ILE N   CA   sing N N 110 
ILE N   H    sing N N 111 
ILE N   H2   sing N N 112 
ILE CA  C    sing N N 113 
ILE CA  CB   sing N N 114 
ILE CA  HA   sing N N 115 
ILE C   O    doub N N 116 
ILE C   OXT  sing N N 117 
ILE CB  CG1  sing N N 118 
ILE CB  CG2  sing N N 119 
ILE CB  HB   sing N N 120 
ILE CG1 CD1  sing N N 121 
ILE CG1 HG12 sing N N 122 
ILE CG1 HG13 sing N N 123 
ILE CG2 HG21 sing N N 124 
ILE CG2 HG22 sing N N 125 
ILE CG2 HG23 sing N N 126 
ILE CD1 HD11 sing N N 127 
ILE CD1 HD12 sing N N 128 
ILE CD1 HD13 sing N N 129 
ILE OXT HXT  sing N N 130 
LEU N   CA   sing N N 131 
LEU N   H    sing N N 132 
LEU N   H2   sing N N 133 
LEU CA  C    sing N N 134 
LEU CA  CB   sing N N 135 
LEU CA  HA   sing N N 136 
LEU C   O    doub N N 137 
LEU C   OXT  sing N N 138 
LEU CB  CG   sing N N 139 
LEU CB  HB2  sing N N 140 
LEU CB  HB3  sing N N 141 
LEU CG  CD1  sing N N 142 
LEU CG  CD2  sing N N 143 
LEU CG  HG   sing N N 144 
LEU CD1 HD11 sing N N 145 
LEU CD1 HD12 sing N N 146 
LEU CD1 HD13 sing N N 147 
LEU CD2 HD21 sing N N 148 
LEU CD2 HD22 sing N N 149 
LEU CD2 HD23 sing N N 150 
LEU OXT HXT  sing N N 151 
LYS N   CA   sing N N 152 
LYS N   H    sing N N 153 
LYS N   H2   sing N N 154 
LYS CA  C    sing N N 155 
LYS CA  CB   sing N N 156 
LYS CA  HA   sing N N 157 
LYS C   O    doub N N 158 
LYS C   OXT  sing N N 159 
LYS CB  CG   sing N N 160 
LYS CB  HB2  sing N N 161 
LYS CB  HB3  sing N N 162 
LYS CG  CD   sing N N 163 
LYS CG  HG2  sing N N 164 
LYS CG  HG3  sing N N 165 
LYS CD  CE   sing N N 166 
LYS CD  HD2  sing N N 167 
LYS CD  HD3  sing N N 168 
LYS CE  NZ   sing N N 169 
LYS CE  HE2  sing N N 170 
LYS CE  HE3  sing N N 171 
LYS NZ  HZ1  sing N N 172 
LYS NZ  HZ2  sing N N 173 
LYS NZ  HZ3  sing N N 174 
LYS OXT HXT  sing N N 175 
MET N   CA   sing N N 176 
MET N   H    sing N N 177 
MET N   H2   sing N N 178 
MET CA  C    sing N N 179 
MET CA  CB   sing N N 180 
MET CA  HA   sing N N 181 
MET C   O    doub N N 182 
MET C   OXT  sing N N 183 
MET CB  CG   sing N N 184 
MET CB  HB2  sing N N 185 
MET CB  HB3  sing N N 186 
MET CG  SD   sing N N 187 
MET CG  HG2  sing N N 188 
MET CG  HG3  sing N N 189 
MET SD  CE   sing N N 190 
MET CE  HE1  sing N N 191 
MET CE  HE2  sing N N 192 
MET CE  HE3  sing N N 193 
MET OXT HXT  sing N N 194 
OCS N   CA   sing N N 195 
OCS N   H    sing N N 196 
OCS N   H2   sing N N 197 
OCS CA  CB   sing N N 198 
OCS CA  C    sing N N 199 
OCS CA  HA   sing N N 200 
OCS CB  SG   sing N N 201 
OCS CB  HB2  sing N N 202 
OCS CB  HB3  sing N N 203 
OCS SG  OD1  doub N N 204 
OCS SG  OD2  sing N N 205 
OCS SG  OD3  doub N N 206 
OCS C   O    doub N N 207 
OCS C   OXT  sing N N 208 
OCS OXT HXT  sing N N 209 
OCS OD2 HD2  sing N N 210 
PHE N   CA   sing N N 211 
PHE N   H    sing N N 212 
PHE N   H2   sing N N 213 
PHE CA  C    sing N N 214 
PHE CA  CB   sing N N 215 
PHE CA  HA   sing N N 216 
PHE C   O    doub N N 217 
PHE C   OXT  sing N N 218 
PHE CB  CG   sing N N 219 
PHE CB  HB2  sing N N 220 
PHE CB  HB3  sing N N 221 
PHE CG  CD1  doub Y N 222 
PHE CG  CD2  sing Y N 223 
PHE CD1 CE1  sing Y N 224 
PHE CD1 HD1  sing N N 225 
PHE CD2 CE2  doub Y N 226 
PHE CD2 HD2  sing N N 227 
PHE CE1 CZ   doub Y N 228 
PHE CE1 HE1  sing N N 229 
PHE CE2 CZ   sing Y N 230 
PHE CE2 HE2  sing N N 231 
PHE CZ  HZ   sing N N 232 
PHE OXT HXT  sing N N 233 
PRO N   CA   sing N N 234 
PRO N   CD   sing N N 235 
PRO N   H    sing N N 236 
PRO CA  C    sing N N 237 
PRO CA  CB   sing N N 238 
PRO CA  HA   sing N N 239 
PRO C   O    doub N N 240 
PRO C   OXT  sing N N 241 
PRO CB  CG   sing N N 242 
PRO CB  HB2  sing N N 243 
PRO CB  HB3  sing N N 244 
PRO CG  CD   sing N N 245 
PRO CG  HG2  sing N N 246 
PRO CG  HG3  sing N N 247 
PRO CD  HD2  sing N N 248 
PRO CD  HD3  sing N N 249 
PRO OXT HXT  sing N N 250 
SER N   CA   sing N N 251 
SER N   H    sing N N 252 
SER N   H2   sing N N 253 
SER CA  C    sing N N 254 
SER CA  CB   sing N N 255 
SER CA  HA   sing N N 256 
SER C   O    doub N N 257 
SER C   OXT  sing N N 258 
SER CB  OG   sing N N 259 
SER CB  HB2  sing N N 260 
SER CB  HB3  sing N N 261 
SER OG  HG   sing N N 262 
SER OXT HXT  sing N N 263 
SO4 S   O1   doub N N 264 
SO4 S   O2   doub N N 265 
SO4 S   O3   sing N N 266 
SO4 S   O4   sing N N 267 
THR N   CA   sing N N 268 
THR N   H    sing N N 269 
THR N   H2   sing N N 270 
THR CA  C    sing N N 271 
THR CA  CB   sing N N 272 
THR CA  HA   sing N N 273 
THR C   O    doub N N 274 
THR C   OXT  sing N N 275 
THR CB  OG1  sing N N 276 
THR CB  CG2  sing N N 277 
THR CB  HB   sing N N 278 
THR OG1 HG1  sing N N 279 
THR CG2 HG21 sing N N 280 
THR CG2 HG22 sing N N 281 
THR CG2 HG23 sing N N 282 
THR OXT HXT  sing N N 283 
TRP N   CA   sing N N 284 
TRP N   H    sing N N 285 
TRP N   H2   sing N N 286 
TRP CA  C    sing N N 287 
TRP CA  CB   sing N N 288 
TRP CA  HA   sing N N 289 
TRP C   O    doub N N 290 
TRP C   OXT  sing N N 291 
TRP CB  CG   sing N N 292 
TRP CB  HB2  sing N N 293 
TRP CB  HB3  sing N N 294 
TRP CG  CD1  doub Y N 295 
TRP CG  CD2  sing Y N 296 
TRP CD1 NE1  sing Y N 297 
TRP CD1 HD1  sing N N 298 
TRP CD2 CE2  doub Y N 299 
TRP CD2 CE3  sing Y N 300 
TRP NE1 CE2  sing Y N 301 
TRP NE1 HE1  sing N N 302 
TRP CE2 CZ2  sing Y N 303 
TRP CE3 CZ3  doub Y N 304 
TRP CE3 HE3  sing N N 305 
TRP CZ2 CH2  doub Y N 306 
TRP CZ2 HZ2  sing N N 307 
TRP CZ3 CH2  sing Y N 308 
TRP CZ3 HZ3  sing N N 309 
TRP CH2 HH2  sing N N 310 
TRP OXT HXT  sing N N 311 
TYR N   CA   sing N N 312 
TYR N   H    sing N N 313 
TYR N   H2   sing N N 314 
TYR CA  C    sing N N 315 
TYR CA  CB   sing N N 316 
TYR CA  HA   sing N N 317 
TYR C   O    doub N N 318 
TYR C   OXT  sing N N 319 
TYR CB  CG   sing N N 320 
TYR CB  HB2  sing N N 321 
TYR CB  HB3  sing N N 322 
TYR CG  CD1  doub Y N 323 
TYR CG  CD2  sing Y N 324 
TYR CD1 CE1  sing Y N 325 
TYR CD1 HD1  sing N N 326 
TYR CD2 CE2  doub Y N 327 
TYR CD2 HD2  sing N N 328 
TYR CE1 CZ   doub Y N 329 
TYR CE1 HE1  sing N N 330 
TYR CE2 CZ   sing Y N 331 
TYR CE2 HE2  sing N N 332 
TYR CZ  OH   sing N N 333 
TYR OH  HH   sing N N 334 
TYR OXT HXT  sing N N 335 
VAL N   CA   sing N N 336 
VAL N   H    sing N N 337 
VAL N   H2   sing N N 338 
VAL CA  C    sing N N 339 
VAL CA  CB   sing N N 340 
VAL CA  HA   sing N N 341 
VAL C   O    doub N N 342 
VAL C   OXT  sing N N 343 
VAL CB  CG1  sing N N 344 
VAL CB  CG2  sing N N 345 
VAL CB  HB   sing N N 346 
VAL CG1 HG11 sing N N 347 
VAL CG1 HG12 sing N N 348 
VAL CG1 HG13 sing N N 349 
VAL CG2 HG21 sing N N 350 
VAL CG2 HG22 sing N N 351 
VAL CG2 HG23 sing N N 352 
VAL OXT HXT  sing N N 353 
# 
loop_
_pdbx_entity_nonpoly.entity_id 
_pdbx_entity_nonpoly.name 
_pdbx_entity_nonpoly.comp_id 
2 'ACETATE ION' ACT 
3 'SULFATE ION' SO4 
4 water         HOH 
# 
_pdbx_initial_refinement_model.id               1 
_pdbx_initial_refinement_model.entity_id_list   ? 
_pdbx_initial_refinement_model.type             'experimental model' 
_pdbx_initial_refinement_model.source_name      PDB 
_pdbx_initial_refinement_model.accession_code   1IHN 
_pdbx_initial_refinement_model.details          'PDB ENTRY 1IHN' 
# 
